data_7XKJ
# 
_entry.id   7XKJ 
# 
_audit_conform.dict_name       mmcif_pdbx.dic 
_audit_conform.dict_version    5.404 
_audit_conform.dict_location   http://mmcif.pdb.org/dictionaries/ascii/mmcif_pdbx.dic 
# 
loop_
_database_2.database_id 
_database_2.database_code 
_database_2.pdbx_database_accession 
_database_2.pdbx_DOI 
PDB   7XKJ         pdb_00007xkj 10.2210/pdb7xkj/pdb 
WWPDB D_1300029004 ?            ?                   
# 
loop_
_pdbx_audit_revision_history.ordinal 
_pdbx_audit_revision_history.data_content_type 
_pdbx_audit_revision_history.major_revision 
_pdbx_audit_revision_history.minor_revision 
_pdbx_audit_revision_history.revision_date 
_pdbx_audit_revision_history.part_number 
1 'Structure model' 1 0 2023-08-02 ? 
2 'Structure model' 1 1 2023-08-16 ? 
3 'Structure model' 1 2 2025-09-17 ? 
# 
_pdbx_audit_revision_details.ordinal             1 
_pdbx_audit_revision_details.revision_ordinal    1 
_pdbx_audit_revision_details.data_content_type   'Structure model' 
_pdbx_audit_revision_details.provider            repository 
_pdbx_audit_revision_details.type                'Initial release' 
_pdbx_audit_revision_details.description         ? 
_pdbx_audit_revision_details.details             ? 
# 
loop_
_pdbx_audit_revision_group.ordinal 
_pdbx_audit_revision_group.revision_ordinal 
_pdbx_audit_revision_group.data_content_type 
_pdbx_audit_revision_group.group 
1 2 'Structure model' 'Data collection'        
2 2 'Structure model' 'Database references'    
3 2 'Structure model' 'Structure summary'      
4 3 'Structure model' Advisory                 
5 3 'Structure model' 'Derived calculations'   
6 3 'Structure model' 'Refinement description' 
7 3 'Structure model' 'Structure summary'      
# 
loop_
_pdbx_audit_revision_category.ordinal 
_pdbx_audit_revision_category.revision_ordinal 
_pdbx_audit_revision_category.data_content_type 
_pdbx_audit_revision_category.category 
1 2 'Structure model' chem_comp_atom             
2 2 'Structure model' chem_comp_bond             
3 2 'Structure model' citation                   
4 2 'Structure model' struct                     
5 3 'Structure model' em_3d_fitting_list         
6 3 'Structure model' pdbx_entry_details         
7 3 'Structure model' pdbx_validate_symm_contact 
8 3 'Structure model' struct_conn                
9 3 'Structure model' struct_conn_type           
# 
loop_
_pdbx_audit_revision_item.ordinal 
_pdbx_audit_revision_item.revision_ordinal 
_pdbx_audit_revision_item.data_content_type 
_pdbx_audit_revision_item.item 
1 2 'Structure model' '_citation.title'                                 
2 2 'Structure model' '_struct.title'                                   
3 3 'Structure model' '_em_3d_fitting_list.accession_code'              
4 3 'Structure model' '_em_3d_fitting_list.initial_refinement_model_id' 
5 3 'Structure model' '_em_3d_fitting_list.source_name'                 
6 3 'Structure model' '_em_3d_fitting_list.type'                        
7 3 'Structure model' '_pdbx_entry_details.has_protein_modification'    
# 
_pdbx_database_status.status_code                     REL 
_pdbx_database_status.status_code_sf                  REL 
_pdbx_database_status.status_code_mr                  ? 
_pdbx_database_status.entry_id                        7XKJ 
_pdbx_database_status.recvd_initial_deposition_date   2022-04-19 
_pdbx_database_status.SG_entry                        N 
_pdbx_database_status.deposit_site                    PDBJ 
_pdbx_database_status.process_site                    PDBJ 
_pdbx_database_status.status_code_cs                  ? 
_pdbx_database_status.status_code_nmr_data            ? 
_pdbx_database_status.methods_development_category    ? 
_pdbx_database_status.pdb_format_compatible           Y 
# 
_pdbx_contact_author.id                 2 
_pdbx_contact_author.email              xinmei.li@readcrystal.com 
_pdbx_contact_author.name_first         Xinmei 
_pdbx_contact_author.name_last          Li 
_pdbx_contact_author.name_mi            ? 
_pdbx_contact_author.role               'principal investigator/group leader' 
_pdbx_contact_author.identifier_ORCID   0000-0002-6202-218X 
# 
_audit_author.name               'Li, X.M.' 
_audit_author.pdbx_ordinal       1 
_audit_author.identifier_ORCID   0000-0002-6202-218X 
# 
_citation.abstract                  ? 
_citation.abstract_id_CAS           ? 
_citation.book_id_ISBN              ? 
_citation.book_publisher            ? 
_citation.book_publisher_city       ? 
_citation.book_title                ? 
_citation.coordinate_linkage        ? 
_citation.country                   ? 
_citation.database_id_Medline       ? 
_citation.details                   ? 
_citation.id                        primary 
_citation.journal_abbrev            'To Be Published' 
_citation.journal_id_ASTM           ? 
_citation.journal_id_CSD            0353 
_citation.journal_id_ISSN           ? 
_citation.journal_full              ? 
_citation.journal_issue             ? 
_citation.journal_volume            ? 
_citation.language                  ? 
_citation.page_first                ? 
_citation.page_last                 ? 
_citation.title                     'Kras-G12D-GDP-MRTX1133 by FIB-MicroED' 
_citation.year                      ? 
_citation.database_id_CSD           ? 
_citation.pdbx_database_id_DOI      ? 
_citation.pdbx_database_id_PubMed   ? 
_citation.pdbx_database_id_patent   ? 
_citation.unpublished_flag          ? 
# 
_citation_author.citation_id        primary 
_citation_author.name               'Li, X.M.' 
_citation_author.ordinal            1 
_citation_author.identifier_ORCID   ? 
# 
loop_
_entity.id 
_entity.type 
_entity.src_method 
_entity.pdbx_description 
_entity.formula_weight 
_entity.pdbx_number_of_molecules 
_entity.pdbx_ec 
_entity.pdbx_mutation 
_entity.pdbx_fragment 
_entity.details 
1 polymer     man 'KRAS proto-oncogene, GTPase' 19313.730 1 ? 'G12D, C118S' ? ? 
2 non-polymer syn "GUANOSINE-5'-DIPHOSPHATE" 443.201   1 ? ?             ? ? 
3 non-polymer syn 
;4-(4-[(1R,5S)-3,8-diazabicyclo[3.2.1]octan-3-yl]-8-fluoro-2-{[(2R,4R,7aS)-2-fluorotetrahydro-1H-pyrrolizin-7a(5H)-yl]methoxy}pyrido[4,3-d]pyrimidin-7-yl)-5-ethynyl-6-fluoronaphthalen-2-ol
;
600.633   1 ? ?             ? ? 
4 non-polymer syn 'MAGNESIUM ION' 24.305    1 ? ?             ? ? 
5 water       nat water 18.015    6 ? ?             ? ? 
# 
_entity_poly.entity_id                      1 
_entity_poly.type                           'polypeptide(L)' 
_entity_poly.nstd_linkage                   no 
_entity_poly.nstd_monomer                   no 
_entity_poly.pdbx_seq_one_letter_code       
;MTEYKLVVVGADGVGKSALTIQLIQNHFVDEYDPTIEDSYRKQVVIDGETCLLDILDTAGQEEYSAMRDQYMRTGEGFLC
VFAINNTKSFEDIHHYREQIKRVKDSEDVPMVLVGNKSDLPSRTVDTKQAQDLARSYGIPFIETSAKTRQGVDDAFYTLV
REIRKHKEK
;
_entity_poly.pdbx_seq_one_letter_code_can   
;MTEYKLVVVGADGVGKSALTIQLIQNHFVDEYDPTIEDSYRKQVVIDGETCLLDILDTAGQEEYSAMRDQYMRTGEGFLC
VFAINNTKSFEDIHHYREQIKRVKDSEDVPMVLVGNKSDLPSRTVDTKQAQDLARSYGIPFIETSAKTRQGVDDAFYTLV
REIRKHKEK
;
_entity_poly.pdbx_strand_id                 A 
_entity_poly.pdbx_target_identifier         ? 
# 
loop_
_pdbx_entity_nonpoly.entity_id 
_pdbx_entity_nonpoly.name 
_pdbx_entity_nonpoly.comp_id 
2 "GUANOSINE-5'-DIPHOSPHATE" GDP 
3 
;4-(4-[(1R,5S)-3,8-diazabicyclo[3.2.1]octan-3-yl]-8-fluoro-2-{[(2R,4R,7aS)-2-fluorotetrahydro-1H-pyrrolizin-7a(5H)-yl]methoxy}pyrido[4,3-d]pyrimidin-7-yl)-5-ethynyl-6-fluoronaphthalen-2-ol
;
6IC 
4 'MAGNESIUM ION' MG  
5 water HOH 
# 
loop_
_entity_poly_seq.entity_id 
_entity_poly_seq.num 
_entity_poly_seq.mon_id 
_entity_poly_seq.hetero 
1 1   MET n 
1 2   THR n 
1 3   GLU n 
1 4   TYR n 
1 5   LYS n 
1 6   LEU n 
1 7   VAL n 
1 8   VAL n 
1 9   VAL n 
1 10  GLY n 
1 11  ALA n 
1 12  ASP n 
1 13  GLY n 
1 14  VAL n 
1 15  GLY n 
1 16  LYS n 
1 17  SER n 
1 18  ALA n 
1 19  LEU n 
1 20  THR n 
1 21  ILE n 
1 22  GLN n 
1 23  LEU n 
1 24  ILE n 
1 25  GLN n 
1 26  ASN n 
1 27  HIS n 
1 28  PHE n 
1 29  VAL n 
1 30  ASP n 
1 31  GLU n 
1 32  TYR n 
1 33  ASP n 
1 34  PRO n 
1 35  THR n 
1 36  ILE n 
1 37  GLU n 
1 38  ASP n 
1 39  SER n 
1 40  TYR n 
1 41  ARG n 
1 42  LYS n 
1 43  GLN n 
1 44  VAL n 
1 45  VAL n 
1 46  ILE n 
1 47  ASP n 
1 48  GLY n 
1 49  GLU n 
1 50  THR n 
1 51  CYS n 
1 52  LEU n 
1 53  LEU n 
1 54  ASP n 
1 55  ILE n 
1 56  LEU n 
1 57  ASP n 
1 58  THR n 
1 59  ALA n 
1 60  GLY n 
1 61  GLN n 
1 62  GLU n 
1 63  GLU n 
1 64  TYR n 
1 65  SER n 
1 66  ALA n 
1 67  MET n 
1 68  ARG n 
1 69  ASP n 
1 70  GLN n 
1 71  TYR n 
1 72  MET n 
1 73  ARG n 
1 74  THR n 
1 75  GLY n 
1 76  GLU n 
1 77  GLY n 
1 78  PHE n 
1 79  LEU n 
1 80  CYS n 
1 81  VAL n 
1 82  PHE n 
1 83  ALA n 
1 84  ILE n 
1 85  ASN n 
1 86  ASN n 
1 87  THR n 
1 88  LYS n 
1 89  SER n 
1 90  PHE n 
1 91  GLU n 
1 92  ASP n 
1 93  ILE n 
1 94  HIS n 
1 95  HIS n 
1 96  TYR n 
1 97  ARG n 
1 98  GLU n 
1 99  GLN n 
1 100 ILE n 
1 101 LYS n 
1 102 ARG n 
1 103 VAL n 
1 104 LYS n 
1 105 ASP n 
1 106 SER n 
1 107 GLU n 
1 108 ASP n 
1 109 VAL n 
1 110 PRO n 
1 111 MET n 
1 112 VAL n 
1 113 LEU n 
1 114 VAL n 
1 115 GLY n 
1 116 ASN n 
1 117 LYS n 
1 118 SER n 
1 119 ASP n 
1 120 LEU n 
1 121 PRO n 
1 122 SER n 
1 123 ARG n 
1 124 THR n 
1 125 VAL n 
1 126 ASP n 
1 127 THR n 
1 128 LYS n 
1 129 GLN n 
1 130 ALA n 
1 131 GLN n 
1 132 ASP n 
1 133 LEU n 
1 134 ALA n 
1 135 ARG n 
1 136 SER n 
1 137 TYR n 
1 138 GLY n 
1 139 ILE n 
1 140 PRO n 
1 141 PHE n 
1 142 ILE n 
1 143 GLU n 
1 144 THR n 
1 145 SER n 
1 146 ALA n 
1 147 LYS n 
1 148 THR n 
1 149 ARG n 
1 150 GLN n 
1 151 GLY n 
1 152 VAL n 
1 153 ASP n 
1 154 ASP n 
1 155 ALA n 
1 156 PHE n 
1 157 TYR n 
1 158 THR n 
1 159 LEU n 
1 160 VAL n 
1 161 ARG n 
1 162 GLU n 
1 163 ILE n 
1 164 ARG n 
1 165 LYS n 
1 166 HIS n 
1 167 LYS n 
1 168 GLU n 
1 169 LYS n 
# 
_entity_src_gen.entity_id                          1 
_entity_src_gen.pdbx_src_id                        1 
_entity_src_gen.pdbx_alt_source_flag               sample 
_entity_src_gen.pdbx_seq_type                      'Biological sequence' 
_entity_src_gen.pdbx_beg_seq_num                   1 
_entity_src_gen.pdbx_end_seq_num                   169 
_entity_src_gen.gene_src_common_name               human 
_entity_src_gen.gene_src_genus                     ? 
_entity_src_gen.pdbx_gene_src_gene                 mMyoMyo1_007468 
_entity_src_gen.gene_src_species                   ? 
_entity_src_gen.gene_src_strain                    ? 
_entity_src_gen.gene_src_tissue                    ? 
_entity_src_gen.gene_src_tissue_fraction           ? 
_entity_src_gen.gene_src_details                   ? 
_entity_src_gen.pdbx_gene_src_fragment             ? 
_entity_src_gen.pdbx_gene_src_scientific_name      'Homo sapiens' 
_entity_src_gen.pdbx_gene_src_ncbi_taxonomy_id     9606 
_entity_src_gen.pdbx_gene_src_variant              ? 
_entity_src_gen.pdbx_gene_src_cell_line            ? 
_entity_src_gen.pdbx_gene_src_atcc                 ? 
_entity_src_gen.pdbx_gene_src_organ                ? 
_entity_src_gen.pdbx_gene_src_organelle            ? 
_entity_src_gen.pdbx_gene_src_cell                 ? 
_entity_src_gen.pdbx_gene_src_cellular_location    ? 
_entity_src_gen.host_org_common_name               ? 
_entity_src_gen.pdbx_host_org_scientific_name      'Escherichia coli' 
_entity_src_gen.pdbx_host_org_ncbi_taxonomy_id     562 
_entity_src_gen.host_org_genus                     ? 
_entity_src_gen.pdbx_host_org_gene                 ? 
_entity_src_gen.pdbx_host_org_organ                ? 
_entity_src_gen.host_org_species                   ? 
_entity_src_gen.pdbx_host_org_tissue               ? 
_entity_src_gen.pdbx_host_org_tissue_fraction      ? 
_entity_src_gen.pdbx_host_org_strain               ? 
_entity_src_gen.pdbx_host_org_variant              ? 
_entity_src_gen.pdbx_host_org_cell_line            ? 
_entity_src_gen.pdbx_host_org_atcc                 ? 
_entity_src_gen.pdbx_host_org_culture_collection   ? 
_entity_src_gen.pdbx_host_org_cell                 ? 
_entity_src_gen.pdbx_host_org_organelle            ? 
_entity_src_gen.pdbx_host_org_cellular_location    ? 
_entity_src_gen.pdbx_host_org_vector_type          ? 
_entity_src_gen.pdbx_host_org_vector               ? 
_entity_src_gen.host_org_details                   ? 
_entity_src_gen.expression_system_id               ? 
_entity_src_gen.plasmid_name                       ? 
_entity_src_gen.plasmid_details                    ? 
_entity_src_gen.pdbx_description                   ? 
# 
loop_
_chem_comp.id 
_chem_comp.type 
_chem_comp.mon_nstd_flag 
_chem_comp.name 
_chem_comp.pdbx_synonyms 
_chem_comp.formula 
_chem_comp.formula_weight 
6IC non-polymer         . 
;4-(4-[(1R,5S)-3,8-diazabicyclo[3.2.1]octan-3-yl]-8-fluoro-2-{[(2R,4R,7aS)-2-fluorotetrahydro-1H-pyrrolizin-7a(5H)-yl]methoxy}pyrido[4,3-d]pyrimidin-7-yl)-5-ethynyl-6-fluoronaphthalen-2-ol
;
MRTX-1133 'C33 H31 F3 N6 O2'  600.633 
ALA 'L-peptide linking' y ALANINE ?         'C3 H7 N O2'        89.093  
ARG 'L-peptide linking' y ARGININE ?         'C6 H15 N4 O2 1'    175.209 
ASN 'L-peptide linking' y ASPARAGINE ?         'C4 H8 N2 O3'       132.118 
ASP 'L-peptide linking' y 'ASPARTIC ACID' ?         'C4 H7 N O4'        133.103 
CYS 'L-peptide linking' y CYSTEINE ?         'C3 H7 N O2 S'      121.158 
GDP 'RNA linking'       n "GUANOSINE-5'-DIPHOSPHATE" ?         'C10 H15 N5 O11 P2' 443.201 
GLN 'L-peptide linking' y GLUTAMINE ?         'C5 H10 N2 O3'      146.144 
GLU 'L-peptide linking' y 'GLUTAMIC ACID' ?         'C5 H9 N O4'        147.129 
GLY 'peptide linking'   y GLYCINE ?         'C2 H5 N O2'        75.067  
HIS 'L-peptide linking' y HISTIDINE ?         'C6 H10 N3 O2 1'    156.162 
HOH non-polymer         . WATER ?         'H2 O'              18.015  
ILE 'L-peptide linking' y ISOLEUCINE ?         'C6 H13 N O2'       131.173 
LEU 'L-peptide linking' y LEUCINE ?         'C6 H13 N O2'       131.173 
LYS 'L-peptide linking' y LYSINE ?         'C6 H15 N2 O2 1'    147.195 
MET 'L-peptide linking' y METHIONINE ?         'C5 H11 N O2 S'     149.211 
MG  non-polymer         . 'MAGNESIUM ION' ?         'Mg 2'              24.305  
PHE 'L-peptide linking' y PHENYLALANINE ?         'C9 H11 N O2'       165.189 
PRO 'L-peptide linking' y PROLINE ?         'C5 H9 N O2'        115.130 
SER 'L-peptide linking' y SERINE ?         'C3 H7 N O3'        105.093 
THR 'L-peptide linking' y THREONINE ?         'C4 H9 N O3'        119.119 
TYR 'L-peptide linking' y TYROSINE ?         'C9 H11 N O3'       181.189 
VAL 'L-peptide linking' y VALINE ?         'C5 H11 N O2'       117.146 
# 
loop_
_pdbx_poly_seq_scheme.asym_id 
_pdbx_poly_seq_scheme.entity_id 
_pdbx_poly_seq_scheme.seq_id 
_pdbx_poly_seq_scheme.mon_id 
_pdbx_poly_seq_scheme.ndb_seq_num 
_pdbx_poly_seq_scheme.pdb_seq_num 
_pdbx_poly_seq_scheme.auth_seq_num 
_pdbx_poly_seq_scheme.pdb_mon_id 
_pdbx_poly_seq_scheme.auth_mon_id 
_pdbx_poly_seq_scheme.pdb_strand_id 
_pdbx_poly_seq_scheme.pdb_ins_code 
_pdbx_poly_seq_scheme.hetero 
A 1 1   MET 1   1   ?   ?   ?   A . n 
A 1 2   THR 2   2   2   THR THR A . n 
A 1 3   GLU 3   3   3   GLU GLU A . n 
A 1 4   TYR 4   4   4   TYR TYR A . n 
A 1 5   LYS 5   5   5   LYS LYS A . n 
A 1 6   LEU 6   6   6   LEU LEU A . n 
A 1 7   VAL 7   7   7   VAL VAL A . n 
A 1 8   VAL 8   8   8   VAL VAL A . n 
A 1 9   VAL 9   9   9   VAL VAL A . n 
A 1 10  GLY 10  10  10  GLY GLY A . n 
A 1 11  ALA 11  11  11  ALA ALA A . n 
A 1 12  ASP 12  12  12  ASP ASP A . n 
A 1 13  GLY 13  13  13  GLY GLY A . n 
A 1 14  VAL 14  14  14  VAL VAL A . n 
A 1 15  GLY 15  15  15  GLY GLY A . n 
A 1 16  LYS 16  16  16  LYS LYS A . n 
A 1 17  SER 17  17  17  SER SER A . n 
A 1 18  ALA 18  18  18  ALA ALA A . n 
A 1 19  LEU 19  19  19  LEU LEU A . n 
A 1 20  THR 20  20  20  THR THR A . n 
A 1 21  ILE 21  21  21  ILE ILE A . n 
A 1 22  GLN 22  22  22  GLN GLN A . n 
A 1 23  LEU 23  23  23  LEU LEU A . n 
A 1 24  ILE 24  24  24  ILE ILE A . n 
A 1 25  GLN 25  25  25  GLN GLN A . n 
A 1 26  ASN 26  26  26  ASN ASN A . n 
A 1 27  HIS 27  27  27  HIS HIS A . n 
A 1 28  PHE 28  28  28  PHE PHE A . n 
A 1 29  VAL 29  29  29  VAL VAL A . n 
A 1 30  ASP 30  30  30  ASP ASP A . n 
A 1 31  GLU 31  31  31  GLU GLU A . n 
A 1 32  TYR 32  32  32  TYR TYR A . n 
A 1 33  ASP 33  33  33  ASP ASP A . n 
A 1 34  PRO 34  34  34  PRO PRO A . n 
A 1 35  THR 35  35  35  THR THR A . n 
A 1 36  ILE 36  36  36  ILE ILE A . n 
A 1 37  GLU 37  37  37  GLU GLU A . n 
A 1 38  ASP 38  38  38  ASP ASP A . n 
A 1 39  SER 39  39  39  SER SER A . n 
A 1 40  TYR 40  40  40  TYR TYR A . n 
A 1 41  ARG 41  41  41  ARG ARG A . n 
A 1 42  LYS 42  42  42  LYS LYS A . n 
A 1 43  GLN 43  43  43  GLN GLN A . n 
A 1 44  VAL 44  44  44  VAL VAL A . n 
A 1 45  VAL 45  45  45  VAL VAL A . n 
A 1 46  ILE 46  46  46  ILE ILE A . n 
A 1 47  ASP 47  47  47  ASP ASP A . n 
A 1 48  GLY 48  48  48  GLY GLY A . n 
A 1 49  GLU 49  49  49  GLU GLU A . n 
A 1 50  THR 50  50  50  THR THR A . n 
A 1 51  CYS 51  51  51  CYS CYS A . n 
A 1 52  LEU 52  52  52  LEU LEU A . n 
A 1 53  LEU 53  53  53  LEU LEU A . n 
A 1 54  ASP 54  54  54  ASP ASP A . n 
A 1 55  ILE 55  55  55  ILE ILE A . n 
A 1 56  LEU 56  56  56  LEU LEU A . n 
A 1 57  ASP 57  57  57  ASP ASP A . n 
A 1 58  THR 58  58  58  THR THR A . n 
A 1 59  ALA 59  59  59  ALA ALA A . n 
A 1 60  GLY 60  60  60  GLY GLY A . n 
A 1 61  GLN 61  61  61  GLN GLN A . n 
A 1 62  GLU 62  62  62  GLU GLU A . n 
A 1 63  GLU 63  63  63  GLU GLU A . n 
A 1 64  TYR 64  64  64  TYR TYR A . n 
A 1 65  SER 65  65  65  SER SER A . n 
A 1 66  ALA 66  66  66  ALA ALA A . n 
A 1 67  MET 67  67  67  MET MET A . n 
A 1 68  ARG 68  68  68  ARG ARG A . n 
A 1 69  ASP 69  69  69  ASP ASP A . n 
A 1 70  GLN 70  70  70  GLN GLN A . n 
A 1 71  TYR 71  71  71  TYR TYR A . n 
A 1 72  MET 72  72  72  MET MET A . n 
A 1 73  ARG 73  73  73  ARG ARG A . n 
A 1 74  THR 74  74  74  THR THR A . n 
A 1 75  GLY 75  75  75  GLY GLY A . n 
A 1 76  GLU 76  76  76  GLU GLU A . n 
A 1 77  GLY 77  77  77  GLY GLY A . n 
A 1 78  PHE 78  78  78  PHE PHE A . n 
A 1 79  LEU 79  79  79  LEU LEU A . n 
A 1 80  CYS 80  80  80  CYS CYS A . n 
A 1 81  VAL 81  81  81  VAL VAL A . n 
A 1 82  PHE 82  82  82  PHE PHE A . n 
A 1 83  ALA 83  83  83  ALA ALA A . n 
A 1 84  ILE 84  84  84  ILE ILE A . n 
A 1 85  ASN 85  85  85  ASN ASN A . n 
A 1 86  ASN 86  86  86  ASN ASN A . n 
A 1 87  THR 87  87  87  THR THR A . n 
A 1 88  LYS 88  88  88  LYS LYS A . n 
A 1 89  SER 89  89  89  SER SER A . n 
A 1 90  PHE 90  90  90  PHE PHE A . n 
A 1 91  GLU 91  91  91  GLU GLU A . n 
A 1 92  ASP 92  92  92  ASP ASP A . n 
A 1 93  ILE 93  93  93  ILE ILE A . n 
A 1 94  HIS 94  94  94  HIS HIS A . n 
A 1 95  HIS 95  95  95  HIS HIS A . n 
A 1 96  TYR 96  96  96  TYR TYR A . n 
A 1 97  ARG 97  97  97  ARG ARG A . n 
A 1 98  GLU 98  98  98  GLU GLU A . n 
A 1 99  GLN 99  99  99  GLN GLN A . n 
A 1 100 ILE 100 100 100 ILE ILE A . n 
A 1 101 LYS 101 101 101 LYS LYS A . n 
A 1 102 ARG 102 102 102 ARG ARG A . n 
A 1 103 VAL 103 103 103 VAL VAL A . n 
A 1 104 LYS 104 104 104 LYS LYS A . n 
A 1 105 ASP 105 105 105 ASP ASP A . n 
A 1 106 SER 106 106 106 SER SER A . n 
A 1 107 GLU 107 107 107 GLU GLU A . n 
A 1 108 ASP 108 108 108 ASP ASP A . n 
A 1 109 VAL 109 109 109 VAL VAL A . n 
A 1 110 PRO 110 110 110 PRO PRO A . n 
A 1 111 MET 111 111 111 MET MET A . n 
A 1 112 VAL 112 112 112 VAL VAL A . n 
A 1 113 LEU 113 113 113 LEU LEU A . n 
A 1 114 VAL 114 114 114 VAL VAL A . n 
A 1 115 GLY 115 115 115 GLY GLY A . n 
A 1 116 ASN 116 116 116 ASN ASN A . n 
A 1 117 LYS 117 117 117 LYS LYS A . n 
A 1 118 SER 118 118 118 SER SER A . n 
A 1 119 ASP 119 119 119 ASP ASP A . n 
A 1 120 LEU 120 120 120 LEU LEU A . n 
A 1 121 PRO 121 121 121 PRO PRO A . n 
A 1 122 SER 122 122 122 SER SER A . n 
A 1 123 ARG 123 123 123 ARG ARG A . n 
A 1 124 THR 124 124 124 THR THR A . n 
A 1 125 VAL 125 125 125 VAL VAL A . n 
A 1 126 ASP 126 126 126 ASP ASP A . n 
A 1 127 THR 127 127 127 THR THR A . n 
A 1 128 LYS 128 128 128 LYS LYS A . n 
A 1 129 GLN 129 129 129 GLN GLN A . n 
A 1 130 ALA 130 130 130 ALA ALA A . n 
A 1 131 GLN 131 131 131 GLN GLN A . n 
A 1 132 ASP 132 132 132 ASP ASP A . n 
A 1 133 LEU 133 133 133 LEU LEU A . n 
A 1 134 ALA 134 134 134 ALA ALA A . n 
A 1 135 ARG 135 135 135 ARG ARG A . n 
A 1 136 SER 136 136 136 SER SER A . n 
A 1 137 TYR 137 137 137 TYR TYR A . n 
A 1 138 GLY 138 138 138 GLY GLY A . n 
A 1 139 ILE 139 139 139 ILE ILE A . n 
A 1 140 PRO 140 140 140 PRO PRO A . n 
A 1 141 PHE 141 141 141 PHE PHE A . n 
A 1 142 ILE 142 142 142 ILE ILE A . n 
A 1 143 GLU 143 143 143 GLU GLU A . n 
A 1 144 THR 144 144 144 THR THR A . n 
A 1 145 SER 145 145 145 SER SER A . n 
A 1 146 ALA 146 146 146 ALA ALA A . n 
A 1 147 LYS 147 147 147 LYS LYS A . n 
A 1 148 THR 148 148 148 THR THR A . n 
A 1 149 ARG 149 149 149 ARG ARG A . n 
A 1 150 GLN 150 150 150 GLN GLN A . n 
A 1 151 GLY 151 151 151 GLY GLY A . n 
A 1 152 VAL 152 152 152 VAL VAL A . n 
A 1 153 ASP 153 153 153 ASP ASP A . n 
A 1 154 ASP 154 154 154 ASP ASP A . n 
A 1 155 ALA 155 155 155 ALA ALA A . n 
A 1 156 PHE 156 156 156 PHE PHE A . n 
A 1 157 TYR 157 157 157 TYR TYR A . n 
A 1 158 THR 158 158 158 THR THR A . n 
A 1 159 LEU 159 159 159 LEU LEU A . n 
A 1 160 VAL 160 160 160 VAL VAL A . n 
A 1 161 ARG 161 161 161 ARG ARG A . n 
A 1 162 GLU 162 162 162 GLU GLU A . n 
A 1 163 ILE 163 163 163 ILE ILE A . n 
A 1 164 ARG 164 164 164 ARG ARG A . n 
A 1 165 LYS 165 165 165 LYS LYS A . n 
A 1 166 HIS 166 166 166 HIS HIS A . n 
A 1 167 LYS 167 167 167 LYS LYS A . n 
A 1 168 GLU 168 168 168 GLU GLU A . n 
A 1 169 LYS 169 169 169 LYS LYS A . n 
# 
loop_
_pdbx_entity_instance_feature.ordinal 
_pdbx_entity_instance_feature.comp_id 
_pdbx_entity_instance_feature.asym_id 
_pdbx_entity_instance_feature.seq_num 
_pdbx_entity_instance_feature.auth_comp_id 
_pdbx_entity_instance_feature.auth_asym_id 
_pdbx_entity_instance_feature.auth_seq_num 
_pdbx_entity_instance_feature.feature_type 
_pdbx_entity_instance_feature.details 
1 6IC ? ? 6IC ? ? 'SUBJECT OF INVESTIGATION' ? 
2 GDP ? ? GDP ? ? 'SUBJECT OF INVESTIGATION' ? 
3 MG  ? ? MG  ? ? 'SUBJECT OF INVESTIGATION' ? 
# 
loop_
_pdbx_nonpoly_scheme.asym_id 
_pdbx_nonpoly_scheme.entity_id 
_pdbx_nonpoly_scheme.mon_id 
_pdbx_nonpoly_scheme.ndb_seq_num 
_pdbx_nonpoly_scheme.pdb_seq_num 
_pdbx_nonpoly_scheme.auth_seq_num 
_pdbx_nonpoly_scheme.pdb_mon_id 
_pdbx_nonpoly_scheme.auth_mon_id 
_pdbx_nonpoly_scheme.pdb_strand_id 
_pdbx_nonpoly_scheme.pdb_ins_code 
B 2 GDP 1 201 201 GDP GDP A . 
C 3 6IC 1 202 202 6IC 6IC A . 
D 4 MG  1 203 203 MG  MG  A . 
E 5 HOH 1 301 15  HOH HOH A . 
E 5 HOH 2 302 13  HOH HOH A . 
E 5 HOH 3 303 10  HOH HOH A . 
E 5 HOH 4 304 11  HOH HOH A . 
E 5 HOH 5 305 16  HOH HOH A . 
E 5 HOH 6 306 12  HOH HOH A . 
# 
loop_
_pdbx_unobs_or_zero_occ_atoms.id 
_pdbx_unobs_or_zero_occ_atoms.PDB_model_num 
_pdbx_unobs_or_zero_occ_atoms.polymer_flag 
_pdbx_unobs_or_zero_occ_atoms.occupancy_flag 
_pdbx_unobs_or_zero_occ_atoms.auth_asym_id 
_pdbx_unobs_or_zero_occ_atoms.auth_comp_id 
_pdbx_unobs_or_zero_occ_atoms.auth_seq_id 
_pdbx_unobs_or_zero_occ_atoms.PDB_ins_code 
_pdbx_unobs_or_zero_occ_atoms.auth_atom_id 
_pdbx_unobs_or_zero_occ_atoms.label_alt_id 
_pdbx_unobs_or_zero_occ_atoms.label_asym_id 
_pdbx_unobs_or_zero_occ_atoms.label_comp_id 
_pdbx_unobs_or_zero_occ_atoms.label_seq_id 
_pdbx_unobs_or_zero_occ_atoms.label_atom_id 
1  1 Y 1 A VAL 44  ? CG1 ? A VAL 44  CG1 
2  1 Y 1 A VAL 44  ? CG2 ? A VAL 44  CG2 
3  1 Y 1 A ASP 57  ? CG  ? A ASP 57  CG  
4  1 Y 1 A ASP 57  ? OD1 ? A ASP 57  OD1 
5  1 Y 1 A ASP 57  ? OD2 ? A ASP 57  OD2 
6  1 Y 1 A THR 58  ? O   ? A THR 58  O   
7  1 Y 1 A LEU 79  ? CG  ? A LEU 79  CG  
8  1 Y 1 A LEU 79  ? CD1 ? A LEU 79  CD1 
9  1 Y 1 A LEU 79  ? CD2 ? A LEU 79  CD2 
10 1 Y 1 A ILE 93  ? CD1 ? A ILE 93  CD1 
11 1 Y 1 A ARG 97  ? CG  ? A ARG 97  CG  
12 1 Y 1 A ARG 97  ? CD  ? A ARG 97  CD  
13 1 Y 1 A ARG 97  ? NE  ? A ARG 97  NE  
14 1 Y 1 A ARG 97  ? CZ  ? A ARG 97  CZ  
15 1 Y 1 A ARG 97  ? NH1 ? A ARG 97  NH1 
16 1 Y 1 A ARG 97  ? NH2 ? A ARG 97  NH2 
17 1 Y 1 A ILE 142 ? CG1 ? A ILE 142 CG1 
18 1 Y 1 A ILE 142 ? CG2 ? A ILE 142 CG2 
19 1 Y 1 A ILE 142 ? CD1 ? A ILE 142 CD1 
20 1 Y 1 A ILE 163 ? CD1 ? A ILE 163 CD1 
# 
_software.citation_id            ? 
_software.classification         refinement 
_software.compiler_name          ? 
_software.compiler_version       ? 
_software.contact_author         'Paul D. Adams' 
_software.contact_author_email   pdadams@lbl.gov 
_software.date                   ? 
_software.description            ? 
_software.dependencies           ? 
_software.hardware               ? 
_software.language               Python/C++ 
_software.location               https://www.phenix-online.org/ 
_software.mods                   ? 
_software.name                   PHENIX 
_software.os                     ? 
_software.os_version             ? 
_software.type                   program 
_software.version                1.19.2_4158 
_software.pdbx_ordinal           1 
# 
_cell.angle_alpha                  90.000 
_cell.angle_alpha_esd              ? 
_cell.angle_beta                   90.000 
_cell.angle_beta_esd               ? 
_cell.angle_gamma                  90.000 
_cell.angle_gamma_esd              ? 
_cell.entry_id                     7XKJ 
_cell.details                      ? 
_cell.formula_units_Z              ? 
_cell.length_a                     38.880 
_cell.length_a_esd                 ? 
_cell.length_b                     49.280 
_cell.length_b_esd                 ? 
_cell.length_c                     87.200 
_cell.length_c_esd                 ? 
_cell.volume                       167075.758 
_cell.volume_esd                   ? 
_cell.Z_PDB                        4 
_cell.reciprocal_angle_alpha       ? 
_cell.reciprocal_angle_beta        ? 
_cell.reciprocal_angle_gamma       ? 
_cell.reciprocal_angle_alpha_esd   ? 
_cell.reciprocal_angle_beta_esd    ? 
_cell.reciprocal_angle_gamma_esd   ? 
_cell.reciprocal_length_a          ? 
_cell.reciprocal_length_b          ? 
_cell.reciprocal_length_c          ? 
_cell.reciprocal_length_a_esd      ? 
_cell.reciprocal_length_b_esd      ? 
_cell.reciprocal_length_c_esd      ? 
_cell.pdbx_unique_axis             ? 
# 
_symmetry.entry_id                         7XKJ 
_symmetry.cell_setting                     ? 
_symmetry.Int_Tables_number                19 
_symmetry.space_group_name_Hall            'P 2ac 2ab' 
_symmetry.space_group_name_H-M             'P 21 21 21' 
_symmetry.pdbx_full_space_group_name_H-M   ? 
# 
_exptl.absorpt_coefficient_mu     ? 
_exptl.absorpt_correction_T_max   ? 
_exptl.absorpt_correction_T_min   ? 
_exptl.absorpt_correction_type    ? 
_exptl.absorpt_process_details    ? 
_exptl.entry_id                   7XKJ 
_exptl.crystals_number            ? 
_exptl.details                    ? 
_exptl.method                     'ELECTRON CRYSTALLOGRAPHY' 
_exptl.method_details             ? 
# 
_exptl_crystal.colour                      ? 
_exptl_crystal.density_diffrn              ? 
_exptl_crystal.density_Matthews            ? 
_exptl_crystal.density_method              ? 
_exptl_crystal.density_percent_sol         ? 
_exptl_crystal.description                 ? 
_exptl_crystal.F_000                       ? 
_exptl_crystal.id                          1 
_exptl_crystal.preparation                 ? 
_exptl_crystal.size_max                    ? 
_exptl_crystal.size_mid                    ? 
_exptl_crystal.size_min                    ? 
_exptl_crystal.size_rad                    ? 
_exptl_crystal.colour_lustre               ? 
_exptl_crystal.colour_modifier             ? 
_exptl_crystal.colour_primary              ? 
_exptl_crystal.density_meas                ? 
_exptl_crystal.density_meas_esd            ? 
_exptl_crystal.density_meas_gt             ? 
_exptl_crystal.density_meas_lt             ? 
_exptl_crystal.density_meas_temp           ? 
_exptl_crystal.density_meas_temp_esd       ? 
_exptl_crystal.density_meas_temp_gt        ? 
_exptl_crystal.density_meas_temp_lt        ? 
_exptl_crystal.pdbx_crystal_image_url      ? 
_exptl_crystal.pdbx_crystal_image_format   ? 
_exptl_crystal.pdbx_mosaicity              ? 
_exptl_crystal.pdbx_mosaicity_esd          ? 
# 
_diffrn.ambient_environment              ? 
_diffrn.ambient_temp                     ? 
_diffrn.ambient_temp_details             ? 
_diffrn.ambient_temp_esd                 ? 
_diffrn.crystal_id                       1 
_diffrn.crystal_support                  ? 
_diffrn.crystal_treatment                ? 
_diffrn.details                          ? 
_diffrn.id                               1 
_diffrn.ambient_pressure                 ? 
_diffrn.ambient_pressure_esd             ? 
_diffrn.ambient_pressure_gt              ? 
_diffrn.ambient_pressure_lt              ? 
_diffrn.ambient_temp_gt                  ? 
_diffrn.ambient_temp_lt                  ? 
_diffrn.pdbx_serial_crystal_experiment   ? 
# 
_diffrn_radiation_wavelength.id           1 
_diffrn_radiation_wavelength.wavelength   0.025 
_diffrn_radiation_wavelength.wt           1.0 
# 
_diffrn_source.current                     ? 
_diffrn_source.details                     ? 
_diffrn_source.diffrn_id                   1 
_diffrn_source.power                       ? 
_diffrn_source.size                        ? 
_diffrn_source.source                      ? 
_diffrn_source.target                      ? 
_diffrn_source.type                        ? 
_diffrn_source.voltage                     ? 
_diffrn_source.take-off_angle              ? 
_diffrn_source.pdbx_wavelength_list        ? 
_diffrn_source.pdbx_wavelength             0.025 
_diffrn_source.pdbx_synchrotron_beamline   ? 
_diffrn_source.pdbx_synchrotron_site       ? 
# 
_reflns.B_iso_Wilson_estimate                          44.23 
_reflns.entry_id                                       7XKJ 
_reflns.data_reduction_details                         ? 
_reflns.data_reduction_method                          ? 
_reflns.d_resolution_high                              ? 
_reflns.d_resolution_low                               ? 
_reflns.details                                        ? 
_reflns.limit_h_max                                    ? 
_reflns.limit_h_min                                    ? 
_reflns.limit_k_max                                    ? 
_reflns.limit_k_min                                    ? 
_reflns.limit_l_max                                    ? 
_reflns.limit_l_min                                    ? 
_reflns.number_all                                     ? 
_reflns.number_obs                                     ? 
_reflns.observed_criterion                             ? 
_reflns.observed_criterion_F_max                       ? 
_reflns.observed_criterion_F_min                       ? 
_reflns.observed_criterion_I_max                       ? 
_reflns.observed_criterion_I_min                       ? 
_reflns.observed_criterion_sigma_F                     ? 
_reflns.observed_criterion_sigma_I                     ? 
_reflns.percent_possible_obs                           ? 
_reflns.R_free_details                                 ? 
_reflns.Rmerge_F_all                                   ? 
_reflns.Rmerge_F_obs                                   ? 
_reflns.Friedel_coverage                               ? 
_reflns.number_gt                                      ? 
_reflns.threshold_expression                           ? 
_reflns.pdbx_redundancy                                ? 
_reflns.pdbx_Rmerge_I_obs                              ? 
_reflns.pdbx_Rmerge_I_all                              ? 
_reflns.pdbx_Rsym_value                                ? 
_reflns.pdbx_netI_over_av_sigmaI                       ? 
_reflns.pdbx_netI_over_sigmaI                          ? 
_reflns.pdbx_res_netI_over_av_sigmaI_2                 ? 
_reflns.pdbx_res_netI_over_sigmaI_2                    ? 
_reflns.pdbx_chi_squared                               ? 
_reflns.pdbx_scaling_rejects                           ? 
_reflns.pdbx_d_res_high_opt                            ? 
_reflns.pdbx_d_res_low_opt                             ? 
_reflns.pdbx_d_res_opt_method                          ? 
_reflns.phase_calculation_details                      ? 
_reflns.pdbx_Rrim_I_all                                ? 
_reflns.pdbx_Rpim_I_all                                ? 
_reflns.pdbx_d_opt                                     ? 
_reflns.pdbx_number_measured_all                       ? 
_reflns.pdbx_diffrn_id                                 1 
_reflns.pdbx_ordinal                                   1 
_reflns.pdbx_CC_half                                   ? 
_reflns.pdbx_CC_star                                   ? 
_reflns.pdbx_R_split                                   ? 
_reflns.pdbx_aniso_diffraction_limit_axis_1_ortho[1]   ? 
_reflns.pdbx_aniso_diffraction_limit_axis_1_ortho[2]   ? 
_reflns.pdbx_aniso_diffraction_limit_axis_1_ortho[3]   ? 
_reflns.pdbx_aniso_diffraction_limit_axis_2_ortho[1]   ? 
_reflns.pdbx_aniso_diffraction_limit_axis_2_ortho[2]   ? 
_reflns.pdbx_aniso_diffraction_limit_axis_2_ortho[3]   ? 
_reflns.pdbx_aniso_diffraction_limit_axis_3_ortho[1]   ? 
_reflns.pdbx_aniso_diffraction_limit_axis_3_ortho[2]   ? 
_reflns.pdbx_aniso_diffraction_limit_axis_3_ortho[3]   ? 
_reflns.pdbx_aniso_diffraction_limit_1                 ? 
_reflns.pdbx_aniso_diffraction_limit_2                 ? 
_reflns.pdbx_aniso_diffraction_limit_3                 ? 
_reflns.pdbx_aniso_B_tensor_eigenvector_1_ortho[1]     ? 
_reflns.pdbx_aniso_B_tensor_eigenvector_1_ortho[2]     ? 
_reflns.pdbx_aniso_B_tensor_eigenvector_1_ortho[3]     ? 
_reflns.pdbx_aniso_B_tensor_eigenvector_2_ortho[1]     ? 
_reflns.pdbx_aniso_B_tensor_eigenvector_2_ortho[2]     ? 
_reflns.pdbx_aniso_B_tensor_eigenvector_2_ortho[3]     ? 
_reflns.pdbx_aniso_B_tensor_eigenvector_3_ortho[1]     ? 
_reflns.pdbx_aniso_B_tensor_eigenvector_3_ortho[2]     ? 
_reflns.pdbx_aniso_B_tensor_eigenvector_3_ortho[3]     ? 
_reflns.pdbx_aniso_B_tensor_eigenvalue_1               ? 
_reflns.pdbx_aniso_B_tensor_eigenvalue_2               ? 
_reflns.pdbx_aniso_B_tensor_eigenvalue_3               ? 
_reflns.pdbx_orthogonalization_convention              ? 
_reflns.pdbx_percent_possible_ellipsoidal              ? 
_reflns.pdbx_percent_possible_spherical                ? 
_reflns.pdbx_percent_possible_ellipsoidal_anomalous    ? 
_reflns.pdbx_percent_possible_spherical_anomalous      ? 
_reflns.pdbx_redundancy_anomalous                      ? 
_reflns.pdbx_CC_half_anomalous                         ? 
_reflns.pdbx_absDiff_over_sigma_anomalous              ? 
_reflns.pdbx_percent_possible_anomalous                ? 
_reflns.pdbx_observed_signal_threshold                 ? 
_reflns.pdbx_signal_type                               ? 
_reflns.pdbx_signal_details                            ? 
_reflns.pdbx_signal_software_id                        ? 
# 
_refine.aniso_B[1][1]                            ? 
_refine.aniso_B[1][2]                            ? 
_refine.aniso_B[1][3]                            ? 
_refine.aniso_B[2][2]                            ? 
_refine.aniso_B[2][3]                            ? 
_refine.aniso_B[3][3]                            ? 
_refine.B_iso_max                                ? 
_refine.B_iso_mean                               30.68 
_refine.B_iso_min                                ? 
_refine.correlation_coeff_Fo_to_Fc               ? 
_refine.correlation_coeff_Fo_to_Fc_free          ? 
_refine.details                                  ? 
_refine.diff_density_max                         ? 
_refine.diff_density_max_esd                     ? 
_refine.diff_density_min                         ? 
_refine.diff_density_min_esd                     ? 
_refine.diff_density_rms                         ? 
_refine.diff_density_rms_esd                     ? 
_refine.entry_id                                 7XKJ 
_refine.pdbx_refine_id                           'ELECTRON CRYSTALLOGRAPHY' 
_refine.ls_abs_structure_details                 ? 
_refine.ls_abs_structure_Flack                   ? 
_refine.ls_abs_structure_Flack_esd               ? 
_refine.ls_abs_structure_Rogers                  ? 
_refine.ls_abs_structure_Rogers_esd              ? 
_refine.ls_d_res_high                            3.00 
_refine.ls_d_res_low                             35.51 
_refine.ls_extinction_coef                       ? 
_refine.ls_extinction_coef_esd                   ? 
_refine.ls_extinction_expression                 ? 
_refine.ls_extinction_method                     ? 
_refine.ls_goodness_of_fit_all                   ? 
_refine.ls_goodness_of_fit_all_esd               ? 
_refine.ls_goodness_of_fit_obs                   ? 
_refine.ls_goodness_of_fit_obs_esd               ? 
_refine.ls_hydrogen_treatment                    ? 
_refine.ls_matrix_type                           ? 
_refine.ls_number_constraints                    ? 
_refine.ls_number_parameters                     ? 
_refine.ls_number_reflns_all                     ? 
_refine.ls_number_reflns_obs                     6411 
_refine.ls_number_reflns_R_free                  651 
_refine.ls_number_reflns_R_work                  5760 
_refine.ls_number_restraints                     ? 
_refine.ls_percent_reflns_obs                    99.18 
_refine.ls_percent_reflns_R_free                 10.15 
_refine.ls_R_factor_all                          ? 
_refine.ls_R_factor_obs                          0.3134 
_refine.ls_R_factor_R_free                       0.3366 
_refine.ls_R_factor_R_free_error                 ? 
_refine.ls_R_factor_R_free_error_details         ? 
_refine.ls_R_factor_R_work                       0.3100 
_refine.ls_R_Fsqd_factor_obs                     ? 
_refine.ls_R_I_factor_obs                        ? 
_refine.ls_redundancy_reflns_all                 ? 
_refine.ls_redundancy_reflns_obs                 ? 
_refine.ls_restrained_S_all                      ? 
_refine.ls_restrained_S_obs                      ? 
_refine.ls_shift_over_esd_max                    ? 
_refine.ls_shift_over_esd_mean                   ? 
_refine.ls_structure_factor_coef                 ? 
_refine.ls_weighting_details                     ? 
_refine.ls_weighting_scheme                      ? 
_refine.ls_wR_factor_all                         ? 
_refine.ls_wR_factor_obs                         ? 
_refine.ls_wR_factor_R_free                      ? 
_refine.ls_wR_factor_R_work                      ? 
_refine.occupancy_max                            ? 
_refine.occupancy_min                            ? 
_refine.solvent_model_details                    'FLAT BULK SOLVENT MODEL' 
_refine.solvent_model_param_bsol                 ? 
_refine.solvent_model_param_ksol                 ? 
_refine.pdbx_R_complete                          ? 
_refine.ls_R_factor_gt                           ? 
_refine.ls_goodness_of_fit_gt                    ? 
_refine.ls_goodness_of_fit_ref                   ? 
_refine.ls_shift_over_su_max                     ? 
_refine.ls_shift_over_su_max_lt                  ? 
_refine.ls_shift_over_su_mean                    ? 
_refine.ls_shift_over_su_mean_lt                 ? 
_refine.pdbx_ls_sigma_I                          ? 
_refine.pdbx_ls_sigma_F                          1.35 
_refine.pdbx_ls_sigma_Fsqd                       ? 
_refine.pdbx_data_cutoff_high_absF               ? 
_refine.pdbx_data_cutoff_high_rms_absF           ? 
_refine.pdbx_data_cutoff_low_absF                ? 
_refine.pdbx_isotropic_thermal_model             ? 
_refine.pdbx_ls_cross_valid_method               'FREE R-VALUE' 
_refine.pdbx_method_to_determine_struct          ? 
_refine.pdbx_starting_model                      ? 
_refine.pdbx_stereochemistry_target_values       'GeoStd + Monomer Library + CDL v1.2' 
_refine.pdbx_R_Free_selection_details            ? 
_refine.pdbx_stereochem_target_val_spec_case     ? 
_refine.pdbx_overall_ESU_R                       ? 
_refine.pdbx_overall_ESU_R_Free                  ? 
_refine.pdbx_solvent_vdw_probe_radii             1.1100 
_refine.pdbx_solvent_ion_probe_radii             ? 
_refine.pdbx_solvent_shrinkage_radii             0.9000 
_refine.pdbx_real_space_R                        ? 
_refine.pdbx_density_correlation                 ? 
_refine.pdbx_pd_number_of_powder_patterns        ? 
_refine.pdbx_pd_number_of_points                 ? 
_refine.pdbx_pd_meas_number_of_points            ? 
_refine.pdbx_pd_proc_ls_prof_R_factor            ? 
_refine.pdbx_pd_proc_ls_prof_wR_factor           ? 
_refine.pdbx_pd_Marquardt_correlation_coeff      ? 
_refine.pdbx_pd_Fsqrd_R_factor                   ? 
_refine.pdbx_pd_ls_matrix_band_width             ? 
_refine.pdbx_overall_phase_error                 31.2454 
_refine.pdbx_overall_SU_R_free_Cruickshank_DPI   ? 
_refine.pdbx_overall_SU_R_free_Blow_DPI          ? 
_refine.pdbx_overall_SU_R_Blow_DPI               ? 
_refine.pdbx_TLS_residual_ADP_flag               ? 
_refine.pdbx_diffrn_id                           1 
_refine.overall_SU_B                             ? 
_refine.overall_SU_ML                            0.3835 
_refine.overall_SU_R_Cruickshank_DPI             ? 
_refine.overall_SU_R_free                        ? 
_refine.overall_FOM_free_R_set                   ? 
_refine.overall_FOM_work_R_set                   ? 
_refine.pdbx_average_fsc_overall                 ? 
_refine.pdbx_average_fsc_work                    ? 
_refine.pdbx_average_fsc_free                    ? 
# 
_refine_hist.pdbx_refine_id                   'ELECTRON CRYSTALLOGRAPHY' 
_refine_hist.cycle_id                         LAST 
_refine_hist.details                          ? 
_refine_hist.d_res_high                       3.00 
_refine_hist.d_res_low                        35.51 
_refine_hist.number_atoms_solvent             6 
_refine_hist.number_atoms_total               1406 
_refine_hist.number_reflns_all                ? 
_refine_hist.number_reflns_obs                ? 
_refine_hist.number_reflns_R_free             ? 
_refine_hist.number_reflns_R_work             ? 
_refine_hist.R_factor_all                     ? 
_refine_hist.R_factor_obs                     ? 
_refine_hist.R_factor_R_free                  ? 
_refine_hist.R_factor_R_work                  ? 
_refine_hist.pdbx_number_residues_total       ? 
_refine_hist.pdbx_B_iso_mean_ligand           ? 
_refine_hist.pdbx_B_iso_mean_solvent          ? 
_refine_hist.pdbx_number_atoms_protein        1327 
_refine_hist.pdbx_number_atoms_nucleic_acid   0 
_refine_hist.pdbx_number_atoms_ligand         73 
_refine_hist.pdbx_number_atoms_lipid          ? 
_refine_hist.pdbx_number_atoms_carb           ? 
_refine_hist.pdbx_pseudo_atom_details         ? 
# 
loop_
_refine_ls_restr.pdbx_refine_id 
_refine_ls_restr.criterion 
_refine_ls_restr.dev_ideal 
_refine_ls_restr.dev_ideal_target 
_refine_ls_restr.number 
_refine_ls_restr.rejects 
_refine_ls_restr.type 
_refine_ls_restr.weight 
_refine_ls_restr.pdbx_restraint_function 
'ELECTRON CRYSTALLOGRAPHY' ? 0.0108  ? 1433 ? f_bond_d           ? ? 
'ELECTRON CRYSTALLOGRAPHY' ? 1.6433  ? 1952 ? f_angle_d          ? ? 
'ELECTRON CRYSTALLOGRAPHY' ? 0.0915  ? 213  ? f_chiral_restr     ? ? 
'ELECTRON CRYSTALLOGRAPHY' ? 0.0079  ? 243  ? f_plane_restr      ? ? 
'ELECTRON CRYSTALLOGRAPHY' ? 17.3004 ? 529  ? f_dihedral_angle_d ? ? 
# 
loop_
_refine_ls_shell.pdbx_refine_id 
_refine_ls_shell.d_res_high 
_refine_ls_shell.d_res_low 
_refine_ls_shell.number_reflns_all 
_refine_ls_shell.number_reflns_obs 
_refine_ls_shell.number_reflns_R_free 
_refine_ls_shell.number_reflns_R_work 
_refine_ls_shell.percent_reflns_obs 
_refine_ls_shell.percent_reflns_R_free 
_refine_ls_shell.R_factor_all 
_refine_ls_shell.R_factor_obs 
_refine_ls_shell.R_factor_R_free 
_refine_ls_shell.R_factor_R_free_error 
_refine_ls_shell.R_factor_R_work 
_refine_ls_shell.redundancy_reflns_all 
_refine_ls_shell.redundancy_reflns_obs 
_refine_ls_shell.wR_factor_all 
_refine_ls_shell.wR_factor_obs 
_refine_ls_shell.wR_factor_R_free 
_refine_ls_shell.wR_factor_R_work 
_refine_ls_shell.pdbx_R_complete 
_refine_ls_shell.pdbx_total_number_of_bins_used 
_refine_ls_shell.pdbx_phase_error 
_refine_ls_shell.pdbx_fsc_work 
_refine_ls_shell.pdbx_fsc_free 
'ELECTRON CRYSTALLOGRAPHY' 3.00 3.23  . . 125 1139 98.37 . . . 0.3757 . 0.3240 . . . . . . . . . . . 
'ELECTRON CRYSTALLOGRAPHY' 3.23 3.56  . . 131 1164 99.62 . . . 0.3269 . 0.3256 . . . . . . . . . . . 
'ELECTRON CRYSTALLOGRAPHY' 3.56 4.07  . . 133 1144 99.61 . . . 0.3657 . 0.2965 . . . . . . . . . . . 
'ELECTRON CRYSTALLOGRAPHY' 4.07 5.12  . . 132 1159 99.54 . . . 0.3093 . 0.2784 . . . . . . . . . . . 
'ELECTRON CRYSTALLOGRAPHY' 5.13 35.51 . . 130 1154 98.92 . . . 0.3314 . 0.3439 . . . . . . . . . . . 
# 
_struct.entry_id                     7XKJ 
_struct.title                        'Kras-G12D-GDP-MRTX1133 by FIB-MicroED' 
_struct.pdbx_model_details           ? 
_struct.pdbx_formula_weight          ? 
_struct.pdbx_formula_weight_method   ? 
_struct.pdbx_model_type_details      ? 
_struct.pdbx_CASP_flag               N 
# 
_struct_keywords.entry_id        7XKJ 
_struct_keywords.text            
'oncoprotein, g12d, gdp, gtpase, hydrolase-hydrolase inhibitor complex, hydrolase/hydrolase inhibitor, MicroED' 
_struct_keywords.pdbx_keywords   ONCOPROTEIN 
# 
loop_
_struct_asym.id 
_struct_asym.pdbx_blank_PDB_chainid_flag 
_struct_asym.pdbx_modified 
_struct_asym.entity_id 
_struct_asym.details 
A N N 1 ? 
B N N 2 ? 
C N N 3 ? 
D N N 4 ? 
E N N 5 ? 
# 
_struct_ref.id                         1 
_struct_ref.db_name                    UNP 
_struct_ref.db_code                    A0A7J7Z4L6_MYOMY 
_struct_ref.pdbx_db_accession          A0A7J7Z4L6 
_struct_ref.pdbx_db_isoform            ? 
_struct_ref.entity_id                  1 
_struct_ref.pdbx_seq_one_letter_code   
;MTEYKLVVVGAGGVGKSALTIQLIQNHFVDEYDPTIEDSYRKQVVIDGETCLLDILDTAGQEEYSAMRDQYMRTGEGFLC
VFAINNTKSFEDIHHYREQIKRVKDSEDVPMVLVGNKCDLPSRTVDTKQAQDLARSYGIPFIETSAKTRQGVDDAFYTLV
REIRKHKEK
;
_struct_ref.pdbx_align_begin           1 
# 
_struct_ref_seq.align_id                      1 
_struct_ref_seq.ref_id                        1 
_struct_ref_seq.pdbx_PDB_id_code              7XKJ 
_struct_ref_seq.pdbx_strand_id                A 
_struct_ref_seq.seq_align_beg                 1 
_struct_ref_seq.pdbx_seq_align_beg_ins_code   ? 
_struct_ref_seq.seq_align_end                 169 
_struct_ref_seq.pdbx_seq_align_end_ins_code   ? 
_struct_ref_seq.pdbx_db_accession             A0A7J7Z4L6 
_struct_ref_seq.db_align_beg                  1 
_struct_ref_seq.pdbx_db_align_beg_ins_code    ? 
_struct_ref_seq.db_align_end                  169 
_struct_ref_seq.pdbx_db_align_end_ins_code    ? 
_struct_ref_seq.pdbx_auth_seq_align_beg       1 
_struct_ref_seq.pdbx_auth_seq_align_end       169 
# 
loop_
_struct_ref_seq_dif.align_id 
_struct_ref_seq_dif.pdbx_pdb_id_code 
_struct_ref_seq_dif.mon_id 
_struct_ref_seq_dif.pdbx_pdb_strand_id 
_struct_ref_seq_dif.seq_num 
_struct_ref_seq_dif.pdbx_pdb_ins_code 
_struct_ref_seq_dif.pdbx_seq_db_name 
_struct_ref_seq_dif.pdbx_seq_db_accession_code 
_struct_ref_seq_dif.db_mon_id 
_struct_ref_seq_dif.pdbx_seq_db_seq_num 
_struct_ref_seq_dif.details 
_struct_ref_seq_dif.pdbx_auth_seq_num 
_struct_ref_seq_dif.pdbx_ordinal 
1 7XKJ ASP A 12  ? UNP A0A7J7Z4L6 GLY 12  'engineered mutation' 12  1 
1 7XKJ SER A 118 ? UNP A0A7J7Z4L6 CYS 118 'engineered mutation' 118 2 
# 
_pdbx_struct_assembly.id                   1 
_pdbx_struct_assembly.details              author_and_software_defined_assembly 
_pdbx_struct_assembly.method_details       PISA 
_pdbx_struct_assembly.oligomeric_details   monomeric 
_pdbx_struct_assembly.oligomeric_count     1 
# 
loop_
_pdbx_struct_assembly_prop.biol_id 
_pdbx_struct_assembly_prop.type 
_pdbx_struct_assembly_prop.value 
_pdbx_struct_assembly_prop.details 
1 'ABSA (A^2)' 250  ? 
1 MORE         -5   ? 
1 'SSA (A^2)'  8740 ? 
# 
_pdbx_struct_assembly_gen.assembly_id       1 
_pdbx_struct_assembly_gen.oper_expression   1 
_pdbx_struct_assembly_gen.asym_id_list      A,B,C,D,E 
# 
_pdbx_struct_assembly_auth_evidence.id                     1 
_pdbx_struct_assembly_auth_evidence.assembly_id            1 
_pdbx_struct_assembly_auth_evidence.experimental_support   'gel filtration' 
_pdbx_struct_assembly_auth_evidence.details                ? 
# 
_pdbx_struct_oper_list.id                   1 
_pdbx_struct_oper_list.type                 'identity operation' 
_pdbx_struct_oper_list.name                 1_555 
_pdbx_struct_oper_list.symmetry_operation   x,y,z 
_pdbx_struct_oper_list.matrix[1][1]         1.0000000000 
_pdbx_struct_oper_list.matrix[1][2]         0.0000000000 
_pdbx_struct_oper_list.matrix[1][3]         0.0000000000 
_pdbx_struct_oper_list.vector[1]            0.0000000000 
_pdbx_struct_oper_list.matrix[2][1]         0.0000000000 
_pdbx_struct_oper_list.matrix[2][2]         1.0000000000 
_pdbx_struct_oper_list.matrix[2][3]         0.0000000000 
_pdbx_struct_oper_list.vector[2]            0.0000000000 
_pdbx_struct_oper_list.matrix[3][1]         0.0000000000 
_pdbx_struct_oper_list.matrix[3][2]         0.0000000000 
_pdbx_struct_oper_list.matrix[3][3]         1.0000000000 
_pdbx_struct_oper_list.vector[3]            0.0000000000 
# 
loop_
_struct_conf.conf_type_id 
_struct_conf.id 
_struct_conf.pdbx_PDB_helix_id 
_struct_conf.beg_label_comp_id 
_struct_conf.beg_label_asym_id 
_struct_conf.beg_label_seq_id 
_struct_conf.pdbx_beg_PDB_ins_code 
_struct_conf.end_label_comp_id 
_struct_conf.end_label_asym_id 
_struct_conf.end_label_seq_id 
_struct_conf.pdbx_end_PDB_ins_code 
_struct_conf.beg_auth_comp_id 
_struct_conf.beg_auth_asym_id 
_struct_conf.beg_auth_seq_id 
_struct_conf.end_auth_comp_id 
_struct_conf.end_auth_asym_id 
_struct_conf.end_auth_seq_id 
_struct_conf.pdbx_PDB_helix_class 
_struct_conf.details 
_struct_conf.pdbx_PDB_helix_length 
HELX_P HELX_P1 AA1 GLY A 15  ? ASN A 26  ? GLY A 15  ASN A 26  1 ? 12 
HELX_P HELX_P2 AA2 SER A 65  ? THR A 74  ? SER A 65  THR A 74  1 ? 10 
HELX_P HELX_P3 AA3 THR A 87  ? ASP A 105 ? THR A 87  ASP A 105 1 ? 19 
HELX_P HELX_P4 AA4 ASP A 126 ? TYR A 137 ? ASP A 126 TYR A 137 1 ? 12 
HELX_P HELX_P5 AA5 GLY A 151 ? GLU A 168 ? GLY A 151 GLU A 168 1 ? 18 
# 
_struct_conf_type.id          HELX_P 
_struct_conf_type.criteria    ? 
_struct_conf_type.reference   ? 
# 
loop_
_struct_conn.id 
_struct_conn.conn_type_id 
_struct_conn.pdbx_leaving_atom_flag 
_struct_conn.pdbx_PDB_id 
_struct_conn.ptnr1_label_asym_id 
_struct_conn.ptnr1_label_comp_id 
_struct_conn.ptnr1_label_seq_id 
_struct_conn.ptnr1_label_atom_id 
_struct_conn.pdbx_ptnr1_label_alt_id 
_struct_conn.pdbx_ptnr1_PDB_ins_code 
_struct_conn.pdbx_ptnr1_standard_comp_id 
_struct_conn.ptnr1_symmetry 
_struct_conn.ptnr2_label_asym_id 
_struct_conn.ptnr2_label_comp_id 
_struct_conn.ptnr2_label_seq_id 
_struct_conn.ptnr2_label_atom_id 
_struct_conn.pdbx_ptnr2_label_alt_id 
_struct_conn.pdbx_ptnr2_PDB_ins_code 
_struct_conn.ptnr1_auth_asym_id 
_struct_conn.ptnr1_auth_comp_id 
_struct_conn.ptnr1_auth_seq_id 
_struct_conn.ptnr2_auth_asym_id 
_struct_conn.ptnr2_auth_comp_id 
_struct_conn.ptnr2_auth_seq_id 
_struct_conn.ptnr2_symmetry 
_struct_conn.pdbx_ptnr3_label_atom_id 
_struct_conn.pdbx_ptnr3_label_seq_id 
_struct_conn.pdbx_ptnr3_label_comp_id 
_struct_conn.pdbx_ptnr3_label_asym_id 
_struct_conn.pdbx_ptnr3_label_alt_id 
_struct_conn.pdbx_ptnr3_PDB_ins_code 
_struct_conn.details 
_struct_conn.pdbx_dist_value 
_struct_conn.pdbx_value_order 
_struct_conn.pdbx_role 
metalc1 metalc ? ? A SER 17 OG  ? ? ? 1_555 D MG . MG ? ? A SER 17  A MG 203 1_555 ? ? ? ? ? ? ? 2.122 ? ? 
metalc2 metalc ? ? B GDP .  O3B ? ? ? 1_555 D MG . MG ? ? A GDP 201 A MG 203 1_555 ? ? ? ? ? ? ? 1.863 ? ? 
# 
_struct_conn_type.id          metalc 
_struct_conn_type.criteria    ? 
_struct_conn_type.reference   ? 
# 
_pdbx_struct_conn_angle.id                    1 
_pdbx_struct_conn_angle.ptnr1_label_atom_id   OG 
_pdbx_struct_conn_angle.ptnr1_label_alt_id    ? 
_pdbx_struct_conn_angle.ptnr1_label_asym_id   A 
_pdbx_struct_conn_angle.ptnr1_label_comp_id   SER 
_pdbx_struct_conn_angle.ptnr1_label_seq_id    17 
_pdbx_struct_conn_angle.ptnr1_auth_atom_id    ? 
_pdbx_struct_conn_angle.ptnr1_auth_asym_id    A 
_pdbx_struct_conn_angle.ptnr1_auth_comp_id    SER 
_pdbx_struct_conn_angle.ptnr1_auth_seq_id     17 
_pdbx_struct_conn_angle.ptnr1_PDB_ins_code    ? 
_pdbx_struct_conn_angle.ptnr1_symmetry        1_555 
_pdbx_struct_conn_angle.ptnr2_label_atom_id   MG 
_pdbx_struct_conn_angle.ptnr2_label_alt_id    ? 
_pdbx_struct_conn_angle.ptnr2_label_asym_id   D 
_pdbx_struct_conn_angle.ptnr2_label_comp_id   MG 
_pdbx_struct_conn_angle.ptnr2_label_seq_id    . 
_pdbx_struct_conn_angle.ptnr2_auth_atom_id    ? 
_pdbx_struct_conn_angle.ptnr2_auth_asym_id    A 
_pdbx_struct_conn_angle.ptnr2_auth_comp_id    MG 
_pdbx_struct_conn_angle.ptnr2_auth_seq_id     203 
_pdbx_struct_conn_angle.ptnr2_PDB_ins_code    ? 
_pdbx_struct_conn_angle.ptnr2_symmetry        1_555 
_pdbx_struct_conn_angle.ptnr3_label_atom_id   O3B 
_pdbx_struct_conn_angle.ptnr3_label_alt_id    ? 
_pdbx_struct_conn_angle.ptnr3_label_asym_id   B 
_pdbx_struct_conn_angle.ptnr3_label_comp_id   GDP 
_pdbx_struct_conn_angle.ptnr3_label_seq_id    . 
_pdbx_struct_conn_angle.ptnr3_auth_atom_id    ? 
_pdbx_struct_conn_angle.ptnr3_auth_asym_id    A 
_pdbx_struct_conn_angle.ptnr3_auth_comp_id    GDP 
_pdbx_struct_conn_angle.ptnr3_auth_seq_id     201 
_pdbx_struct_conn_angle.ptnr3_PDB_ins_code    ? 
_pdbx_struct_conn_angle.ptnr3_symmetry        1_555 
_pdbx_struct_conn_angle.value                 82.2 
_pdbx_struct_conn_angle.value_esd             ? 
# 
_struct_sheet.id               AA1 
_struct_sheet.type             ? 
_struct_sheet.number_strands   6 
_struct_sheet.details          ? 
# 
loop_
_struct_sheet_order.sheet_id 
_struct_sheet_order.range_id_1 
_struct_sheet_order.range_id_2 
_struct_sheet_order.offset 
_struct_sheet_order.sense 
AA1 1 2 ? anti-parallel 
AA1 2 3 ? parallel      
AA1 3 4 ? parallel      
AA1 4 5 ? parallel      
AA1 5 6 ? parallel      
# 
loop_
_struct_sheet_range.sheet_id 
_struct_sheet_range.id 
_struct_sheet_range.beg_label_comp_id 
_struct_sheet_range.beg_label_asym_id 
_struct_sheet_range.beg_label_seq_id 
_struct_sheet_range.pdbx_beg_PDB_ins_code 
_struct_sheet_range.end_label_comp_id 
_struct_sheet_range.end_label_asym_id 
_struct_sheet_range.end_label_seq_id 
_struct_sheet_range.pdbx_end_PDB_ins_code 
_struct_sheet_range.beg_auth_comp_id 
_struct_sheet_range.beg_auth_asym_id 
_struct_sheet_range.beg_auth_seq_id 
_struct_sheet_range.end_auth_comp_id 
_struct_sheet_range.end_auth_asym_id 
_struct_sheet_range.end_auth_seq_id 
AA1 1 ASP A 38  ? ILE A 46  ? ASP A 38  ILE A 46  
AA1 2 GLU A 49  ? ASP A 57  ? GLU A 49  ASP A 57  
AA1 3 GLU A 3   ? VAL A 9   ? GLU A 3   VAL A 9   
AA1 4 GLY A 77  ? ALA A 83  ? GLY A 77  ALA A 83  
AA1 5 MET A 111 ? ASN A 116 ? MET A 111 ASN A 116 
AA1 6 PHE A 141 ? GLU A 143 ? PHE A 141 GLU A 143 
# 
loop_
_pdbx_struct_sheet_hbond.sheet_id 
_pdbx_struct_sheet_hbond.range_id_1 
_pdbx_struct_sheet_hbond.range_id_2 
_pdbx_struct_sheet_hbond.range_1_label_atom_id 
_pdbx_struct_sheet_hbond.range_1_label_comp_id 
_pdbx_struct_sheet_hbond.range_1_label_asym_id 
_pdbx_struct_sheet_hbond.range_1_label_seq_id 
_pdbx_struct_sheet_hbond.range_1_PDB_ins_code 
_pdbx_struct_sheet_hbond.range_1_auth_atom_id 
_pdbx_struct_sheet_hbond.range_1_auth_comp_id 
_pdbx_struct_sheet_hbond.range_1_auth_asym_id 
_pdbx_struct_sheet_hbond.range_1_auth_seq_id 
_pdbx_struct_sheet_hbond.range_2_label_atom_id 
_pdbx_struct_sheet_hbond.range_2_label_comp_id 
_pdbx_struct_sheet_hbond.range_2_label_asym_id 
_pdbx_struct_sheet_hbond.range_2_label_seq_id 
_pdbx_struct_sheet_hbond.range_2_PDB_ins_code 
_pdbx_struct_sheet_hbond.range_2_auth_atom_id 
_pdbx_struct_sheet_hbond.range_2_auth_comp_id 
_pdbx_struct_sheet_hbond.range_2_auth_asym_id 
_pdbx_struct_sheet_hbond.range_2_auth_seq_id 
AA1 1 2 N VAL A 44  ? N VAL A 44  O CYS A 51  ? O CYS A 51  
AA1 2 3 O LEU A 56  ? O LEU A 56  N VAL A 8   ? N VAL A 8   
AA1 3 4 N VAL A 7   ? N VAL A 7   O LEU A 79  ? O LEU A 79  
AA1 4 5 N PHE A 82  ? N PHE A 82  O VAL A 114 ? O VAL A 114 
AA1 5 6 N GLY A 115 ? N GLY A 115 O ILE A 142 ? O ILE A 142 
# 
_pdbx_entry_details.entry_id                   7XKJ 
_pdbx_entry_details.has_ligand_of_interest     Y 
_pdbx_entry_details.compound_details           ? 
_pdbx_entry_details.source_details             ? 
_pdbx_entry_details.nonpolymer_details         ? 
_pdbx_entry_details.sequence_details           ? 
_pdbx_entry_details.has_protein_modification   N 
# 
_pdbx_validate_close_contact.id               1 
_pdbx_validate_close_contact.PDB_model_num    1 
_pdbx_validate_close_contact.auth_atom_id_1   OG1 
_pdbx_validate_close_contact.auth_asym_id_1   A 
_pdbx_validate_close_contact.auth_comp_id_1   THR 
_pdbx_validate_close_contact.auth_seq_id_1    127 
_pdbx_validate_close_contact.PDB_ins_code_1   ? 
_pdbx_validate_close_contact.label_alt_id_1   ? 
_pdbx_validate_close_contact.auth_atom_id_2   OE2 
_pdbx_validate_close_contact.auth_asym_id_2   A 
_pdbx_validate_close_contact.auth_comp_id_2   GLU 
_pdbx_validate_close_contact.auth_seq_id_2    143 
_pdbx_validate_close_contact.PDB_ins_code_2   ? 
_pdbx_validate_close_contact.label_alt_id_2   ? 
_pdbx_validate_close_contact.dist             2.19 
# 
loop_
_pdbx_validate_symm_contact.id 
_pdbx_validate_symm_contact.PDB_model_num 
_pdbx_validate_symm_contact.auth_atom_id_1 
_pdbx_validate_symm_contact.auth_asym_id_1 
_pdbx_validate_symm_contact.auth_comp_id_1 
_pdbx_validate_symm_contact.auth_seq_id_1 
_pdbx_validate_symm_contact.PDB_ins_code_1 
_pdbx_validate_symm_contact.label_alt_id_1 
_pdbx_validate_symm_contact.site_symmetry_1 
_pdbx_validate_symm_contact.auth_atom_id_2 
_pdbx_validate_symm_contact.auth_asym_id_2 
_pdbx_validate_symm_contact.auth_comp_id_2 
_pdbx_validate_symm_contact.auth_seq_id_2 
_pdbx_validate_symm_contact.PDB_ins_code_2 
_pdbx_validate_symm_contact.label_alt_id_2 
_pdbx_validate_symm_contact.site_symmetry_2 
_pdbx_validate_symm_contact.dist 
1 1 OE1 A GLU 168 ? ? 1_555 N3  A GDP 201 ? ? 1_455 1.18 
2 1 OE1 A GLN 25  ? ? 1_555 O   A TYR 64  ? ? 3_544 1.59 
3 1 OE2 A GLU 168 ? ? 1_555 N2  A GDP 201 ? ? 1_455 1.60 
4 1 OD2 A ASP 38  ? ? 1_555 NE2 A GLN 99  ? ? 3_544 1.66 
5 1 OE1 A GLU 168 ? ? 1_555 C2  A GDP 201 ? ? 1_455 2.02 
6 1 CD  A GLN 25  ? ? 1_555 O   A TYR 64  ? ? 3_544 2.03 
7 1 OE1 A GLU 168 ? ? 1_555 C4  A GDP 201 ? ? 1_455 2.10 
8 1 CD  A GLU 168 ? ? 1_555 N3  A GDP 201 ? ? 1_455 2.16 
# 
loop_
_pdbx_validate_torsion.id 
_pdbx_validate_torsion.PDB_model_num 
_pdbx_validate_torsion.auth_comp_id 
_pdbx_validate_torsion.auth_asym_id 
_pdbx_validate_torsion.auth_seq_id 
_pdbx_validate_torsion.PDB_ins_code 
_pdbx_validate_torsion.label_alt_id 
_pdbx_validate_torsion.phi 
_pdbx_validate_torsion.psi 
1 1 GLU A 31  ? ? -159.18 76.46 
2 1 LYS A 117 ? ? 70.86   38.57 
3 1 ARG A 149 ? ? 56.20   5.50  
# 
loop_
_space_group_symop.id 
_space_group_symop.operation_xyz 
1 x,y,z           
2 x+1/2,-y+1/2,-z 
3 -x,y+1/2,-z+1/2 
4 -x+1/2,-y,z+1/2 
# 
_em_3d_fitting.entry_id          7XKJ 
_em_3d_fitting.id                1 
_em_3d_fitting.details           no 
_em_3d_fitting.overall_b_value   200 
_em_3d_fitting.ref_protocol      OTHER 
_em_3d_fitting.ref_space         REAL 
_em_3d_fitting.target_criteria   'Correlation coefficient' 
_em_3d_fitting.method            ? 
# 
_em_3d_fitting_list.3d_fitting_id                 1 
_em_3d_fitting_list.id                            1 
_em_3d_fitting_list.details                       ? 
_em_3d_fitting_list.pdb_chain_id                  A 
_em_3d_fitting_list.pdb_chain_residue_range       1-169 
_em_3d_fitting_list.pdb_entry_id                  7RPZ 
_em_3d_fitting_list.initial_refinement_model_id   1 
_em_3d_fitting_list.chain_id                      ? 
_em_3d_fitting_list.chain_residue_range           ? 
_em_3d_fitting_list.source_name                   PDB 
_em_3d_fitting_list.type                          'experimental model' 
_em_3d_fitting_list.accession_code                7RPZ 
# 
_em_3d_reconstruction.entry_id                    7XKJ 
_em_3d_reconstruction.id                          1 
_em_3d_reconstruction.algorithm                   ? 
_em_3d_reconstruction.details                     ? 
_em_3d_reconstruction.refinement_type             ? 
_em_3d_reconstruction.image_processing_id         1 
_em_3d_reconstruction.num_class_averages          ? 
_em_3d_reconstruction.num_particles               ? 
_em_3d_reconstruction.resolution                  ? 
_em_3d_reconstruction.resolution_method           'DIFFRACTION PATTERN/LAYERLINES' 
_em_3d_reconstruction.symmetry_type               '3D CRYSTAL' 
_em_3d_reconstruction.method                      CRYSTALLOGRAPHY 
_em_3d_reconstruction.nominal_pixel_size          ? 
_em_3d_reconstruction.actual_pixel_size           ? 
_em_3d_reconstruction.magnification_calibration   ? 
# 
_em_buffer.id            1 
_em_buffer.details       ? 
_em_buffer.pH            8.0 
_em_buffer.specimen_id   1 
_em_buffer.name          ? 
# 
_em_entity_assembly.id                   1 
_em_entity_assembly.parent_id            0 
_em_entity_assembly.details              ? 
_em_entity_assembly.name                 
;Isoform 2B of GTPase KRas
GUANOSINE-5'-DIPHOSPHATE
4-(4-[(1R,5S)-3,8-diazabicyclo[3.2.1]octan-3-yl]-8-fluoro-2-{[(2R,4R,7aS)-2-fluorotetrahydro-1H-pyrrolizin-7a(5H)-yl]methoxy}pyrido[4,3-d]pyrimidin-7-yl)-5-ethynyl-6-fluoronaphthalen-2-ol
MAGNESIUM ION
;
_em_entity_assembly.source               RECOMBINANT 
_em_entity_assembly.type                 COMPLEX 
_em_entity_assembly.entity_id_list       1 
_em_entity_assembly.synonym              ? 
_em_entity_assembly.oligomeric_details   ? 
# 
_em_imaging.id                              1 
_em_imaging.entry_id                        7XKJ 
_em_imaging.accelerating_voltage            200 
_em_imaging.alignment_procedure             BASIC 
_em_imaging.c2_aperture_diameter            100 
_em_imaging.calibrated_defocus_max          2300 
_em_imaging.calibrated_defocus_min          1200 
_em_imaging.calibrated_magnification        6000 
_em_imaging.cryogen                         NITROGEN 
_em_imaging.details                         ? 
_em_imaging.electron_source                 LAB6 
_em_imaging.illumination_mode               'FLOOD BEAM' 
_em_imaging.microscope_model                'JEOL 2100F' 
_em_imaging.mode                            DIFFRACTION 
_em_imaging.nominal_cs                      ? 
_em_imaging.nominal_defocus_max             2500 
_em_imaging.nominal_defocus_min             1500 
_em_imaging.nominal_magnification           6000 
_em_imaging.recording_temperature_maximum   100 
_em_imaging.recording_temperature_minimum   90 
_em_imaging.residual_tilt                   ? 
_em_imaging.specimen_holder_model           'FISCHIONE 2550' 
_em_imaging.specimen_id                     1 
_em_imaging.citation_id                     ? 
_em_imaging.date                            ? 
_em_imaging.temperature                     ? 
_em_imaging.tilt_angle_min                  ? 
_em_imaging.tilt_angle_max                  ? 
_em_imaging.astigmatism                     ? 
_em_imaging.detector_distance               ? 
_em_imaging.electron_beam_tilt_params       ? 
_em_imaging.specimen_holder_type            ? 
# 
_em_vitrification.id                    1 
_em_vitrification.specimen_id           1 
_em_vitrification.chamber_temperature   ? 
_em_vitrification.cryogen_name          ETHANE 
_em_vitrification.details               ? 
_em_vitrification.humidity              ? 
_em_vitrification.instrument            ? 
_em_vitrification.entry_id              7XKJ 
_em_vitrification.citation_id           ? 
_em_vitrification.method                ? 
_em_vitrification.temp                  ? 
_em_vitrification.time_resolved_state   ? 
# 
_em_experiment.entry_id                7XKJ 
_em_experiment.id                      1 
_em_experiment.aggregation_state       '3D ARRAY' 
_em_experiment.reconstruction_method   CRYSTALLOGRAPHY 
_em_experiment.entity_assembly_id      1 
# 
_pdbx_unobs_or_zero_occ_residues.id               1 
_pdbx_unobs_or_zero_occ_residues.PDB_model_num    1 
_pdbx_unobs_or_zero_occ_residues.polymer_flag     Y 
_pdbx_unobs_or_zero_occ_residues.occupancy_flag   1 
_pdbx_unobs_or_zero_occ_residues.auth_asym_id     A 
_pdbx_unobs_or_zero_occ_residues.auth_comp_id     MET 
_pdbx_unobs_or_zero_occ_residues.auth_seq_id      1 
_pdbx_unobs_or_zero_occ_residues.PDB_ins_code     ? 
_pdbx_unobs_or_zero_occ_residues.label_asym_id    A 
_pdbx_unobs_or_zero_occ_residues.label_comp_id    MET 
_pdbx_unobs_or_zero_occ_residues.label_seq_id     1 
# 
loop_
_chem_comp_atom.comp_id 
_chem_comp_atom.atom_id 
_chem_comp_atom.type_symbol 
_chem_comp_atom.pdbx_aromatic_flag 
_chem_comp_atom.pdbx_stereo_config 
_chem_comp_atom.pdbx_ordinal 
6IC C22    C  Y N 1   
6IC C21    C  Y N 2   
6IC C23    C  Y N 3   
6IC C20    C  Y N 4   
6IC C24    C  Y N 5   
6IC C19    C  Y N 6   
6IC C17    C  Y N 7   
6IC C14    C  N N 8   
6IC C13    C  N N 9   
6IC C18    C  Y N 10  
6IC C01    C  Y N 11  
6IC C02    C  Y N 12  
6IC C03    C  Y N 13  
6IC C04    C  Y N 14  
6IC C05    C  Y N 15  
6IC C06    C  Y N 16  
6IC C07    C  Y N 17  
6IC C08    C  Y N 18  
6IC C09    C  N N 19  
6IC C10    C  N N 20  
6IC C11    C  N S 21  
6IC C12    C  N R 22  
6IC C15    C  N N 23  
6IC C16    C  Y N 24  
6IC C25    C  N S 25  
6IC C26    C  N N 26  
6IC C27    C  N R 27  
6IC C28    C  N N 28  
6IC C29    C  N N 29  
6IC C30    C  N N 30  
6IC C31    C  N N 31  
6IC C32    C  N N 32  
6IC C33    C  N N 33  
6IC F01    F  N N 34  
6IC F02    F  N N 35  
6IC F23    F  N N 36  
6IC N01    N  Y N 37  
6IC N02    N  Y N 38  
6IC N03    N  Y N 39  
6IC N04    N  N N 40  
6IC N05    N  N N 41  
6IC N06    N  N N 42  
6IC O01    O  N N 43  
6IC O02    O  N N 44  
6IC H1     H  N N 45  
6IC H2     H  N N 46  
6IC H3     H  N N 47  
6IC H4     H  N N 48  
6IC H5     H  N N 49  
6IC H6     H  N N 50  
6IC H7     H  N N 51  
6IC H8     H  N N 52  
6IC H9     H  N N 53  
6IC H10    H  N N 54  
6IC H11    H  N N 55  
6IC H12    H  N N 56  
6IC H13    H  N N 57  
6IC H14    H  N N 58  
6IC H15    H  N N 59  
6IC H16    H  N N 60  
6IC H17    H  N N 61  
6IC H18    H  N N 62  
6IC H19    H  N N 63  
6IC H20    H  N N 64  
6IC H21    H  N N 65  
6IC H22    H  N N 66  
6IC H23    H  N N 67  
6IC H24    H  N N 68  
6IC H25    H  N N 69  
6IC H26    H  N N 70  
6IC H27    H  N N 71  
6IC H28    H  N N 72  
6IC H29    H  N N 73  
6IC H30    H  N N 74  
6IC H33    H  N N 75  
ALA N      N  N N 76  
ALA CA     C  N S 77  
ALA C      C  N N 78  
ALA O      O  N N 79  
ALA CB     C  N N 80  
ALA OXT    O  N N 81  
ALA H      H  N N 82  
ALA H2     H  N N 83  
ALA HA     H  N N 84  
ALA HB1    H  N N 85  
ALA HB2    H  N N 86  
ALA HB3    H  N N 87  
ALA HXT    H  N N 88  
ARG N      N  N N 89  
ARG CA     C  N S 90  
ARG C      C  N N 91  
ARG O      O  N N 92  
ARG CB     C  N N 93  
ARG CG     C  N N 94  
ARG CD     C  N N 95  
ARG NE     N  N N 96  
ARG CZ     C  N N 97  
ARG NH1    N  N N 98  
ARG NH2    N  N N 99  
ARG OXT    O  N N 100 
ARG H      H  N N 101 
ARG H2     H  N N 102 
ARG HA     H  N N 103 
ARG HB2    H  N N 104 
ARG HB3    H  N N 105 
ARG HG2    H  N N 106 
ARG HG3    H  N N 107 
ARG HD2    H  N N 108 
ARG HD3    H  N N 109 
ARG HE     H  N N 110 
ARG HH11   H  N N 111 
ARG HH12   H  N N 112 
ARG HH21   H  N N 113 
ARG HH22   H  N N 114 
ARG HXT    H  N N 115 
ASN N      N  N N 116 
ASN CA     C  N S 117 
ASN C      C  N N 118 
ASN O      O  N N 119 
ASN CB     C  N N 120 
ASN CG     C  N N 121 
ASN OD1    O  N N 122 
ASN ND2    N  N N 123 
ASN OXT    O  N N 124 
ASN H      H  N N 125 
ASN H2     H  N N 126 
ASN HA     H  N N 127 
ASN HB2    H  N N 128 
ASN HB3    H  N N 129 
ASN HD21   H  N N 130 
ASN HD22   H  N N 131 
ASN HXT    H  N N 132 
ASP N      N  N N 133 
ASP CA     C  N S 134 
ASP C      C  N N 135 
ASP O      O  N N 136 
ASP CB     C  N N 137 
ASP CG     C  N N 138 
ASP OD1    O  N N 139 
ASP OD2    O  N N 140 
ASP OXT    O  N N 141 
ASP H      H  N N 142 
ASP H2     H  N N 143 
ASP HA     H  N N 144 
ASP HB2    H  N N 145 
ASP HB3    H  N N 146 
ASP HD2    H  N N 147 
ASP HXT    H  N N 148 
CYS N      N  N N 149 
CYS CA     C  N R 150 
CYS C      C  N N 151 
CYS O      O  N N 152 
CYS CB     C  N N 153 
CYS SG     S  N N 154 
CYS OXT    O  N N 155 
CYS H      H  N N 156 
CYS H2     H  N N 157 
CYS HA     H  N N 158 
CYS HB2    H  N N 159 
CYS HB3    H  N N 160 
CYS HG     H  N N 161 
CYS HXT    H  N N 162 
GDP PB     P  N N 163 
GDP O1B    O  N N 164 
GDP O2B    O  N N 165 
GDP O3B    O  N N 166 
GDP O3A    O  N N 167 
GDP PA     P  N N 168 
GDP O1A    O  N N 169 
GDP O2A    O  N N 170 
GDP "O5'"  O  N N 171 
GDP "C5'"  C  N N 172 
GDP "C4'"  C  N R 173 
GDP "O4'"  O  N N 174 
GDP "C3'"  C  N S 175 
GDP "O3'"  O  N N 176 
GDP "C2'"  C  N R 177 
GDP "O2'"  O  N N 178 
GDP "C1'"  C  N R 179 
GDP N9     N  Y N 180 
GDP C8     C  Y N 181 
GDP N7     N  Y N 182 
GDP C5     C  Y N 183 
GDP C6     C  N N 184 
GDP O6     O  N N 185 
GDP N1     N  N N 186 
GDP C2     C  N N 187 
GDP N2     N  N N 188 
GDP N3     N  N N 189 
GDP C4     C  Y N 190 
GDP HOB2   H  N N 191 
GDP HOB3   H  N N 192 
GDP HOA2   H  N N 193 
GDP "H5'"  H  N N 194 
GDP "H5''" H  N N 195 
GDP "H4'"  H  N N 196 
GDP "H3'"  H  N N 197 
GDP "HO3'" H  N N 198 
GDP "H2'"  H  N N 199 
GDP "HO2'" H  N N 200 
GDP "H1'"  H  N N 201 
GDP H8     H  N N 202 
GDP HN1    H  N N 203 
GDP HN21   H  N N 204 
GDP HN22   H  N N 205 
GLN N      N  N N 206 
GLN CA     C  N S 207 
GLN C      C  N N 208 
GLN O      O  N N 209 
GLN CB     C  N N 210 
GLN CG     C  N N 211 
GLN CD     C  N N 212 
GLN OE1    O  N N 213 
GLN NE2    N  N N 214 
GLN OXT    O  N N 215 
GLN H      H  N N 216 
GLN H2     H  N N 217 
GLN HA     H  N N 218 
GLN HB2    H  N N 219 
GLN HB3    H  N N 220 
GLN HG2    H  N N 221 
GLN HG3    H  N N 222 
GLN HE21   H  N N 223 
GLN HE22   H  N N 224 
GLN HXT    H  N N 225 
GLU N      N  N N 226 
GLU CA     C  N S 227 
GLU C      C  N N 228 
GLU O      O  N N 229 
GLU CB     C  N N 230 
GLU CG     C  N N 231 
GLU CD     C  N N 232 
GLU OE1    O  N N 233 
GLU OE2    O  N N 234 
GLU OXT    O  N N 235 
GLU H      H  N N 236 
GLU H2     H  N N 237 
GLU HA     H  N N 238 
GLU HB2    H  N N 239 
GLU HB3    H  N N 240 
GLU HG2    H  N N 241 
GLU HG3    H  N N 242 
GLU HE2    H  N N 243 
GLU HXT    H  N N 244 
GLY N      N  N N 245 
GLY CA     C  N N 246 
GLY C      C  N N 247 
GLY O      O  N N 248 
GLY OXT    O  N N 249 
GLY H      H  N N 250 
GLY H2     H  N N 251 
GLY HA2    H  N N 252 
GLY HA3    H  N N 253 
GLY HXT    H  N N 254 
HIS N      N  N N 255 
HIS CA     C  N S 256 
HIS C      C  N N 257 
HIS O      O  N N 258 
HIS CB     C  N N 259 
HIS CG     C  Y N 260 
HIS ND1    N  Y N 261 
HIS CD2    C  Y N 262 
HIS CE1    C  Y N 263 
HIS NE2    N  Y N 264 
HIS OXT    O  N N 265 
HIS H      H  N N 266 
HIS H2     H  N N 267 
HIS HA     H  N N 268 
HIS HB2    H  N N 269 
HIS HB3    H  N N 270 
HIS HD1    H  N N 271 
HIS HD2    H  N N 272 
HIS HE1    H  N N 273 
HIS HE2    H  N N 274 
HIS HXT    H  N N 275 
HOH O      O  N N 276 
HOH H1     H  N N 277 
HOH H2     H  N N 278 
ILE N      N  N N 279 
ILE CA     C  N S 280 
ILE C      C  N N 281 
ILE O      O  N N 282 
ILE CB     C  N S 283 
ILE CG1    C  N N 284 
ILE CG2    C  N N 285 
ILE CD1    C  N N 286 
ILE OXT    O  N N 287 
ILE H      H  N N 288 
ILE H2     H  N N 289 
ILE HA     H  N N 290 
ILE HB     H  N N 291 
ILE HG12   H  N N 292 
ILE HG13   H  N N 293 
ILE HG21   H  N N 294 
ILE HG22   H  N N 295 
ILE HG23   H  N N 296 
ILE HD11   H  N N 297 
ILE HD12   H  N N 298 
ILE HD13   H  N N 299 
ILE HXT    H  N N 300 
LEU N      N  N N 301 
LEU CA     C  N S 302 
LEU C      C  N N 303 
LEU O      O  N N 304 
LEU CB     C  N N 305 
LEU CG     C  N N 306 
LEU CD1    C  N N 307 
LEU CD2    C  N N 308 
LEU OXT    O  N N 309 
LEU H      H  N N 310 
LEU H2     H  N N 311 
LEU HA     H  N N 312 
LEU HB2    H  N N 313 
LEU HB3    H  N N 314 
LEU HG     H  N N 315 
LEU HD11   H  N N 316 
LEU HD12   H  N N 317 
LEU HD13   H  N N 318 
LEU HD21   H  N N 319 
LEU HD22   H  N N 320 
LEU HD23   H  N N 321 
LEU HXT    H  N N 322 
LYS N      N  N N 323 
LYS CA     C  N S 324 
LYS C      C  N N 325 
LYS O      O  N N 326 
LYS CB     C  N N 327 
LYS CG     C  N N 328 
LYS CD     C  N N 329 
LYS CE     C  N N 330 
LYS NZ     N  N N 331 
LYS OXT    O  N N 332 
LYS H      H  N N 333 
LYS H2     H  N N 334 
LYS HA     H  N N 335 
LYS HB2    H  N N 336 
LYS HB3    H  N N 337 
LYS HG2    H  N N 338 
LYS HG3    H  N N 339 
LYS HD2    H  N N 340 
LYS HD3    H  N N 341 
LYS HE2    H  N N 342 
LYS HE3    H  N N 343 
LYS HZ1    H  N N 344 
LYS HZ2    H  N N 345 
LYS HZ3    H  N N 346 
LYS HXT    H  N N 347 
MET N      N  N N 348 
MET CA     C  N S 349 
MET C      C  N N 350 
MET O      O  N N 351 
MET CB     C  N N 352 
MET CG     C  N N 353 
MET SD     S  N N 354 
MET CE     C  N N 355 
MET OXT    O  N N 356 
MET H      H  N N 357 
MET H2     H  N N 358 
MET HA     H  N N 359 
MET HB2    H  N N 360 
MET HB3    H  N N 361 
MET HG2    H  N N 362 
MET HG3    H  N N 363 
MET HE1    H  N N 364 
MET HE2    H  N N 365 
MET HE3    H  N N 366 
MET HXT    H  N N 367 
MG  MG     MG N N 368 
PHE N      N  N N 369 
PHE CA     C  N S 370 
PHE C      C  N N 371 
PHE O      O  N N 372 
PHE CB     C  N N 373 
PHE CG     C  Y N 374 
PHE CD1    C  Y N 375 
PHE CD2    C  Y N 376 
PHE CE1    C  Y N 377 
PHE CE2    C  Y N 378 
PHE CZ     C  Y N 379 
PHE OXT    O  N N 380 
PHE H      H  N N 381 
PHE H2     H  N N 382 
PHE HA     H  N N 383 
PHE HB2    H  N N 384 
PHE HB3    H  N N 385 
PHE HD1    H  N N 386 
PHE HD2    H  N N 387 
PHE HE1    H  N N 388 
PHE HE2    H  N N 389 
PHE HZ     H  N N 390 
PHE HXT    H  N N 391 
PRO N      N  N N 392 
PRO CA     C  N S 393 
PRO C      C  N N 394 
PRO O      O  N N 395 
PRO CB     C  N N 396 
PRO CG     C  N N 397 
PRO CD     C  N N 398 
PRO OXT    O  N N 399 
PRO H      H  N N 400 
PRO HA     H  N N 401 
PRO HB2    H  N N 402 
PRO HB3    H  N N 403 
PRO HG2    H  N N 404 
PRO HG3    H  N N 405 
PRO HD2    H  N N 406 
PRO HD3    H  N N 407 
PRO HXT    H  N N 408 
SER N      N  N N 409 
SER CA     C  N S 410 
SER C      C  N N 411 
SER O      O  N N 412 
SER CB     C  N N 413 
SER OG     O  N N 414 
SER OXT    O  N N 415 
SER H      H  N N 416 
SER H2     H  N N 417 
SER HA     H  N N 418 
SER HB2    H  N N 419 
SER HB3    H  N N 420 
SER HG     H  N N 421 
SER HXT    H  N N 422 
THR N      N  N N 423 
THR CA     C  N S 424 
THR C      C  N N 425 
THR O      O  N N 426 
THR CB     C  N R 427 
THR OG1    O  N N 428 
THR CG2    C  N N 429 
THR OXT    O  N N 430 
THR H      H  N N 431 
THR H2     H  N N 432 
THR HA     H  N N 433 
THR HB     H  N N 434 
THR HG1    H  N N 435 
THR HG21   H  N N 436 
THR HG22   H  N N 437 
THR HG23   H  N N 438 
THR HXT    H  N N 439 
TYR N      N  N N 440 
TYR CA     C  N S 441 
TYR C      C  N N 442 
TYR O      O  N N 443 
TYR CB     C  N N 444 
TYR CG     C  Y N 445 
TYR CD1    C  Y N 446 
TYR CD2    C  Y N 447 
TYR CE1    C  Y N 448 
TYR CE2    C  Y N 449 
TYR CZ     C  Y N 450 
TYR OH     O  N N 451 
TYR OXT    O  N N 452 
TYR H      H  N N 453 
TYR H2     H  N N 454 
TYR HA     H  N N 455 
TYR HB2    H  N N 456 
TYR HB3    H  N N 457 
TYR HD1    H  N N 458 
TYR HD2    H  N N 459 
TYR HE1    H  N N 460 
TYR HE2    H  N N 461 
TYR HH     H  N N 462 
TYR HXT    H  N N 463 
VAL N      N  N N 464 
VAL CA     C  N S 465 
VAL C      C  N N 466 
VAL O      O  N N 467 
VAL CB     C  N N 468 
VAL CG1    C  N N 469 
VAL CG2    C  N N 470 
VAL OXT    O  N N 471 
VAL H      H  N N 472 
VAL H2     H  N N 473 
VAL HA     H  N N 474 
VAL HB     H  N N 475 
VAL HG11   H  N N 476 
VAL HG12   H  N N 477 
VAL HG13   H  N N 478 
VAL HG21   H  N N 479 
VAL HG22   H  N N 480 
VAL HG23   H  N N 481 
VAL HXT    H  N N 482 
# 
loop_
_chem_comp_bond.comp_id 
_chem_comp_bond.atom_id_1 
_chem_comp_bond.atom_id_2 
_chem_comp_bond.value_order 
_chem_comp_bond.pdbx_aromatic_flag 
_chem_comp_bond.pdbx_stereo_config 
_chem_comp_bond.pdbx_ordinal 
6IC O02   C17    sing N N 1   
6IC C17   C16    doub Y N 2   
6IC C17   C18    sing Y N 3   
6IC C16   C08    sing Y N 4   
6IC C18   C19    doub Y N 5   
6IC N03   C05    doub Y N 6   
6IC N03   C06    sing Y N 7   
6IC C08   C06    sing N N 8   
6IC C08   C20    doub Y N 9   
6IC C05   C01    sing Y N 10  
6IC C06   C07    doub Y N 11  
6IC C19   C20    sing Y N 12  
6IC C19   C21    sing Y N 13  
6IC C20   C24    sing Y N 14  
6IC C01   C02    doub Y N 15  
6IC C01   C04    sing Y N 16  
6IC C07   C02    sing Y N 17  
6IC C07   F01    sing N N 18  
6IC C13   N04    sing N N 19  
6IC C13   C12    sing N N 20  
6IC C29   N06    sing N N 21  
6IC C29   C30    sing N N 22  
6IC N04   C04    sing N N 23  
6IC N04   C10    sing N N 24  
6IC C02   N01    sing Y N 25  
6IC C04   N02    doub Y N 26  
6IC C21   C22    doub Y N 27  
6IC N06   C28    sing N N 28  
6IC N06   C25    sing N N 29  
6IC C10   C11    sing N N 30  
6IC C30   C31    sing N N 31  
6IC N02   C03    sing Y N 32  
6IC C28   C27    sing N N 33  
6IC N01   C03    doub Y N 34  
6IC C03   O01    sing N N 35  
6IC C12   N05    sing N N 36  
6IC C12   C14    sing N N 37  
6IC N05   C11    sing N N 38  
6IC C24   C32    sing N N 39  
6IC C24   C23    doub Y N 40  
6IC O01   C09    sing N N 41  
6IC C09   C25    sing N N 42  
6IC C11   C15    sing N N 43  
6IC C22   C23    sing Y N 44  
6IC C25   C31    sing N N 45  
6IC C25   C26    sing N N 46  
6IC C32   C33    trip N N 47  
6IC C23   F23    sing N N 48  
6IC C27   F02    sing N N 49  
6IC C27   C26    sing N N 50  
6IC C14   C15    sing N N 51  
6IC C22   H1     sing N N 52  
6IC C21   H2     sing N N 53  
6IC C14   H3     sing N N 54  
6IC C14   H4     sing N N 55  
6IC C13   H5     sing N N 56  
6IC C13   H6     sing N N 57  
6IC C18   H7     sing N N 58  
6IC C05   H8     sing N N 59  
6IC C09   H9     sing N N 60  
6IC C09   H10    sing N N 61  
6IC C10   H11    sing N N 62  
6IC C10   H12    sing N N 63  
6IC C11   H13    sing N N 64  
6IC C12   H14    sing N N 65  
6IC C15   H15    sing N N 66  
6IC C15   H16    sing N N 67  
6IC C16   H17    sing N N 68  
6IC C26   H18    sing N N 69  
6IC C26   H19    sing N N 70  
6IC C27   H20    sing N N 71  
6IC C28   H21    sing N N 72  
6IC C28   H22    sing N N 73  
6IC C29   H23    sing N N 74  
6IC C29   H24    sing N N 75  
6IC C30   H25    sing N N 76  
6IC C30   H26    sing N N 77  
6IC C31   H27    sing N N 78  
6IC C31   H28    sing N N 79  
6IC C33   H29    sing N N 80  
6IC N05   H30    sing N N 81  
6IC O02   H33    sing N N 82  
ALA N     CA     sing N N 83  
ALA N     H      sing N N 84  
ALA N     H2     sing N N 85  
ALA CA    C      sing N N 86  
ALA CA    CB     sing N N 87  
ALA CA    HA     sing N N 88  
ALA C     O      doub N N 89  
ALA C     OXT    sing N N 90  
ALA CB    HB1    sing N N 91  
ALA CB    HB2    sing N N 92  
ALA CB    HB3    sing N N 93  
ALA OXT   HXT    sing N N 94  
ARG N     CA     sing N N 95  
ARG N     H      sing N N 96  
ARG N     H2     sing N N 97  
ARG CA    C      sing N N 98  
ARG CA    CB     sing N N 99  
ARG CA    HA     sing N N 100 
ARG C     O      doub N N 101 
ARG C     OXT    sing N N 102 
ARG CB    CG     sing N N 103 
ARG CB    HB2    sing N N 104 
ARG CB    HB3    sing N N 105 
ARG CG    CD     sing N N 106 
ARG CG    HG2    sing N N 107 
ARG CG    HG3    sing N N 108 
ARG CD    NE     sing N N 109 
ARG CD    HD2    sing N N 110 
ARG CD    HD3    sing N N 111 
ARG NE    CZ     sing N N 112 
ARG NE    HE     sing N N 113 
ARG CZ    NH1    sing N N 114 
ARG CZ    NH2    doub N N 115 
ARG NH1   HH11   sing N N 116 
ARG NH1   HH12   sing N N 117 
ARG NH2   HH21   sing N N 118 
ARG NH2   HH22   sing N N 119 
ARG OXT   HXT    sing N N 120 
ASN N     CA     sing N N 121 
ASN N     H      sing N N 122 
ASN N     H2     sing N N 123 
ASN CA    C      sing N N 124 
ASN CA    CB     sing N N 125 
ASN CA    HA     sing N N 126 
ASN C     O      doub N N 127 
ASN C     OXT    sing N N 128 
ASN CB    CG     sing N N 129 
ASN CB    HB2    sing N N 130 
ASN CB    HB3    sing N N 131 
ASN CG    OD1    doub N N 132 
ASN CG    ND2    sing N N 133 
ASN ND2   HD21   sing N N 134 
ASN ND2   HD22   sing N N 135 
ASN OXT   HXT    sing N N 136 
ASP N     CA     sing N N 137 
ASP N     H      sing N N 138 
ASP N     H2     sing N N 139 
ASP CA    C      sing N N 140 
ASP CA    CB     sing N N 141 
ASP CA    HA     sing N N 142 
ASP C     O      doub N N 143 
ASP C     OXT    sing N N 144 
ASP CB    CG     sing N N 145 
ASP CB    HB2    sing N N 146 
ASP CB    HB3    sing N N 147 
ASP CG    OD1    doub N N 148 
ASP CG    OD2    sing N N 149 
ASP OD2   HD2    sing N N 150 
ASP OXT   HXT    sing N N 151 
CYS N     CA     sing N N 152 
CYS N     H      sing N N 153 
CYS N     H2     sing N N 154 
CYS CA    C      sing N N 155 
CYS CA    CB     sing N N 156 
CYS CA    HA     sing N N 157 
CYS C     O      doub N N 158 
CYS C     OXT    sing N N 159 
CYS CB    SG     sing N N 160 
CYS CB    HB2    sing N N 161 
CYS CB    HB3    sing N N 162 
CYS SG    HG     sing N N 163 
CYS OXT   HXT    sing N N 164 
GDP PB    O1B    doub N N 165 
GDP PB    O2B    sing N N 166 
GDP PB    O3B    sing N N 167 
GDP PB    O3A    sing N N 168 
GDP O2B   HOB2   sing N N 169 
GDP O3B   HOB3   sing N N 170 
GDP O3A   PA     sing N N 171 
GDP PA    O1A    doub N N 172 
GDP PA    O2A    sing N N 173 
GDP PA    "O5'"  sing N N 174 
GDP O2A   HOA2   sing N N 175 
GDP "O5'" "C5'"  sing N N 176 
GDP "C5'" "C4'"  sing N N 177 
GDP "C5'" "H5'"  sing N N 178 
GDP "C5'" "H5''" sing N N 179 
GDP "C4'" "O4'"  sing N N 180 
GDP "C4'" "C3'"  sing N N 181 
GDP "C4'" "H4'"  sing N N 182 
GDP "O4'" "C1'"  sing N N 183 
GDP "C3'" "O3'"  sing N N 184 
GDP "C3'" "C2'"  sing N N 185 
GDP "C3'" "H3'"  sing N N 186 
GDP "O3'" "HO3'" sing N N 187 
GDP "C2'" "O2'"  sing N N 188 
GDP "C2'" "C1'"  sing N N 189 
GDP "C2'" "H2'"  sing N N 190 
GDP "O2'" "HO2'" sing N N 191 
GDP "C1'" N9     sing N N 192 
GDP "C1'" "H1'"  sing N N 193 
GDP N9    C8     sing Y N 194 
GDP N9    C4     sing Y N 195 
GDP C8    N7     doub Y N 196 
GDP C8    H8     sing N N 197 
GDP N7    C5     sing Y N 198 
GDP C5    C6     sing N N 199 
GDP C5    C4     doub Y N 200 
GDP C6    O6     doub N N 201 
GDP C6    N1     sing N N 202 
GDP N1    C2     sing N N 203 
GDP N1    HN1    sing N N 204 
GDP C2    N2     sing N N 205 
GDP C2    N3     doub N N 206 
GDP N2    HN21   sing N N 207 
GDP N2    HN22   sing N N 208 
GDP N3    C4     sing N N 209 
GLN N     CA     sing N N 210 
GLN N     H      sing N N 211 
GLN N     H2     sing N N 212 
GLN CA    C      sing N N 213 
GLN CA    CB     sing N N 214 
GLN CA    HA     sing N N 215 
GLN C     O      doub N N 216 
GLN C     OXT    sing N N 217 
GLN CB    CG     sing N N 218 
GLN CB    HB2    sing N N 219 
GLN CB    HB3    sing N N 220 
GLN CG    CD     sing N N 221 
GLN CG    HG2    sing N N 222 
GLN CG    HG3    sing N N 223 
GLN CD    OE1    doub N N 224 
GLN CD    NE2    sing N N 225 
GLN NE2   HE21   sing N N 226 
GLN NE2   HE22   sing N N 227 
GLN OXT   HXT    sing N N 228 
GLU N     CA     sing N N 229 
GLU N     H      sing N N 230 
GLU N     H2     sing N N 231 
GLU CA    C      sing N N 232 
GLU CA    CB     sing N N 233 
GLU CA    HA     sing N N 234 
GLU C     O      doub N N 235 
GLU C     OXT    sing N N 236 
GLU CB    CG     sing N N 237 
GLU CB    HB2    sing N N 238 
GLU CB    HB3    sing N N 239 
GLU CG    CD     sing N N 240 
GLU CG    HG2    sing N N 241 
GLU CG    HG3    sing N N 242 
GLU CD    OE1    doub N N 243 
GLU CD    OE2    sing N N 244 
GLU OE2   HE2    sing N N 245 
GLU OXT   HXT    sing N N 246 
GLY N     CA     sing N N 247 
GLY N     H      sing N N 248 
GLY N     H2     sing N N 249 
GLY CA    C      sing N N 250 
GLY CA    HA2    sing N N 251 
GLY CA    HA3    sing N N 252 
GLY C     O      doub N N 253 
GLY C     OXT    sing N N 254 
GLY OXT   HXT    sing N N 255 
HIS N     CA     sing N N 256 
HIS N     H      sing N N 257 
HIS N     H2     sing N N 258 
HIS CA    C      sing N N 259 
HIS CA    CB     sing N N 260 
HIS CA    HA     sing N N 261 
HIS C     O      doub N N 262 
HIS C     OXT    sing N N 263 
HIS CB    CG     sing N N 264 
HIS CB    HB2    sing N N 265 
HIS CB    HB3    sing N N 266 
HIS CG    ND1    sing Y N 267 
HIS CG    CD2    doub Y N 268 
HIS ND1   CE1    doub Y N 269 
HIS ND1   HD1    sing N N 270 
HIS CD2   NE2    sing Y N 271 
HIS CD2   HD2    sing N N 272 
HIS CE1   NE2    sing Y N 273 
HIS CE1   HE1    sing N N 274 
HIS NE2   HE2    sing N N 275 
HIS OXT   HXT    sing N N 276 
HOH O     H1     sing N N 277 
HOH O     H2     sing N N 278 
ILE N     CA     sing N N 279 
ILE N     H      sing N N 280 
ILE N     H2     sing N N 281 
ILE CA    C      sing N N 282 
ILE CA    CB     sing N N 283 
ILE CA    HA     sing N N 284 
ILE C     O      doub N N 285 
ILE C     OXT    sing N N 286 
ILE CB    CG1    sing N N 287 
ILE CB    CG2    sing N N 288 
ILE CB    HB     sing N N 289 
ILE CG1   CD1    sing N N 290 
ILE CG1   HG12   sing N N 291 
ILE CG1   HG13   sing N N 292 
ILE CG2   HG21   sing N N 293 
ILE CG2   HG22   sing N N 294 
ILE CG2   HG23   sing N N 295 
ILE CD1   HD11   sing N N 296 
ILE CD1   HD12   sing N N 297 
ILE CD1   HD13   sing N N 298 
ILE OXT   HXT    sing N N 299 
LEU N     CA     sing N N 300 
LEU N     H      sing N N 301 
LEU N     H2     sing N N 302 
LEU CA    C      sing N N 303 
LEU CA    CB     sing N N 304 
LEU CA    HA     sing N N 305 
LEU C     O      doub N N 306 
LEU C     OXT    sing N N 307 
LEU CB    CG     sing N N 308 
LEU CB    HB2    sing N N 309 
LEU CB    HB3    sing N N 310 
LEU CG    CD1    sing N N 311 
LEU CG    CD2    sing N N 312 
LEU CG    HG     sing N N 313 
LEU CD1   HD11   sing N N 314 
LEU CD1   HD12   sing N N 315 
LEU CD1   HD13   sing N N 316 
LEU CD2   HD21   sing N N 317 
LEU CD2   HD22   sing N N 318 
LEU CD2   HD23   sing N N 319 
LEU OXT   HXT    sing N N 320 
LYS N     CA     sing N N 321 
LYS N     H      sing N N 322 
LYS N     H2     sing N N 323 
LYS CA    C      sing N N 324 
LYS CA    CB     sing N N 325 
LYS CA    HA     sing N N 326 
LYS C     O      doub N N 327 
LYS C     OXT    sing N N 328 
LYS CB    CG     sing N N 329 
LYS CB    HB2    sing N N 330 
LYS CB    HB3    sing N N 331 
LYS CG    CD     sing N N 332 
LYS CG    HG2    sing N N 333 
LYS CG    HG3    sing N N 334 
LYS CD    CE     sing N N 335 
LYS CD    HD2    sing N N 336 
LYS CD    HD3    sing N N 337 
LYS CE    NZ     sing N N 338 
LYS CE    HE2    sing N N 339 
LYS CE    HE3    sing N N 340 
LYS NZ    HZ1    sing N N 341 
LYS NZ    HZ2    sing N N 342 
LYS NZ    HZ3    sing N N 343 
LYS OXT   HXT    sing N N 344 
MET N     CA     sing N N 345 
MET N     H      sing N N 346 
MET N     H2     sing N N 347 
MET CA    C      sing N N 348 
MET CA    CB     sing N N 349 
MET CA    HA     sing N N 350 
MET C     O      doub N N 351 
MET C     OXT    sing N N 352 
MET CB    CG     sing N N 353 
MET CB    HB2    sing N N 354 
MET CB    HB3    sing N N 355 
MET CG    SD     sing N N 356 
MET CG    HG2    sing N N 357 
MET CG    HG3    sing N N 358 
MET SD    CE     sing N N 359 
MET CE    HE1    sing N N 360 
MET CE    HE2    sing N N 361 
MET CE    HE3    sing N N 362 
MET OXT   HXT    sing N N 363 
PHE N     CA     sing N N 364 
PHE N     H      sing N N 365 
PHE N     H2     sing N N 366 
PHE CA    C      sing N N 367 
PHE CA    CB     sing N N 368 
PHE CA    HA     sing N N 369 
PHE C     O      doub N N 370 
PHE C     OXT    sing N N 371 
PHE CB    CG     sing N N 372 
PHE CB    HB2    sing N N 373 
PHE CB    HB3    sing N N 374 
PHE CG    CD1    doub Y N 375 
PHE CG    CD2    sing Y N 376 
PHE CD1   CE1    sing Y N 377 
PHE CD1   HD1    sing N N 378 
PHE CD2   CE2    doub Y N 379 
PHE CD2   HD2    sing N N 380 
PHE CE1   CZ     doub Y N 381 
PHE CE1   HE1    sing N N 382 
PHE CE2   CZ     sing Y N 383 
PHE CE2   HE2    sing N N 384 
PHE CZ    HZ     sing N N 385 
PHE OXT   HXT    sing N N 386 
PRO N     CA     sing N N 387 
PRO N     CD     sing N N 388 
PRO N     H      sing N N 389 
PRO CA    C      sing N N 390 
PRO CA    CB     sing N N 391 
PRO CA    HA     sing N N 392 
PRO C     O      doub N N 393 
PRO C     OXT    sing N N 394 
PRO CB    CG     sing N N 395 
PRO CB    HB2    sing N N 396 
PRO CB    HB3    sing N N 397 
PRO CG    CD     sing N N 398 
PRO CG    HG2    sing N N 399 
PRO CG    HG3    sing N N 400 
PRO CD    HD2    sing N N 401 
PRO CD    HD3    sing N N 402 
PRO OXT   HXT    sing N N 403 
SER N     CA     sing N N 404 
SER N     H      sing N N 405 
SER N     H2     sing N N 406 
SER CA    C      sing N N 407 
SER CA    CB     sing N N 408 
SER CA    HA     sing N N 409 
SER C     O      doub N N 410 
SER C     OXT    sing N N 411 
SER CB    OG     sing N N 412 
SER CB    HB2    sing N N 413 
SER CB    HB3    sing N N 414 
SER OG    HG     sing N N 415 
SER OXT   HXT    sing N N 416 
THR N     CA     sing N N 417 
THR N     H      sing N N 418 
THR N     H2     sing N N 419 
THR CA    C      sing N N 420 
THR CA    CB     sing N N 421 
THR CA    HA     sing N N 422 
THR C     O      doub N N 423 
THR C     OXT    sing N N 424 
THR CB    OG1    sing N N 425 
THR CB    CG2    sing N N 426 
THR CB    HB     sing N N 427 
THR OG1   HG1    sing N N 428 
THR CG2   HG21   sing N N 429 
THR CG2   HG22   sing N N 430 
THR CG2   HG23   sing N N 431 
THR OXT   HXT    sing N N 432 
TYR N     CA     sing N N 433 
TYR N     H      sing N N 434 
TYR N     H2     sing N N 435 
TYR CA    C      sing N N 436 
TYR CA    CB     sing N N 437 
TYR CA    HA     sing N N 438 
TYR C     O      doub N N 439 
TYR C     OXT    sing N N 440 
TYR CB    CG     sing N N 441 
TYR CB    HB2    sing N N 442 
TYR CB    HB3    sing N N 443 
TYR CG    CD1    doub Y N 444 
TYR CG    CD2    sing Y N 445 
TYR CD1   CE1    sing Y N 446 
TYR CD1   HD1    sing N N 447 
TYR CD2   CE2    doub Y N 448 
TYR CD2   HD2    sing N N 449 
TYR CE1   CZ     doub Y N 450 
TYR CE1   HE1    sing N N 451 
TYR CE2   CZ     sing Y N 452 
TYR CE2   HE2    sing N N 453 
TYR CZ    OH     sing N N 454 
TYR OH    HH     sing N N 455 
TYR OXT   HXT    sing N N 456 
VAL N     CA     sing N N 457 
VAL N     H      sing N N 458 
VAL N     H2     sing N N 459 
VAL CA    C      sing N N 460 
VAL CA    CB     sing N N 461 
VAL CA    HA     sing N N 462 
VAL C     O      doub N N 463 
VAL C     OXT    sing N N 464 
VAL CB    CG1    sing N N 465 
VAL CB    CG2    sing N N 466 
VAL CB    HB     sing N N 467 
VAL CG1   HG11   sing N N 468 
VAL CG1   HG12   sing N N 469 
VAL CG1   HG13   sing N N 470 
VAL CG2   HG21   sing N N 471 
VAL CG2   HG22   sing N N 472 
VAL CG2   HG23   sing N N 473 
VAL OXT   HXT    sing N N 474 
# 
_em_3d_crystal_entity.id                    1 
_em_3d_crystal_entity.image_processing_id   1 
_em_3d_crystal_entity.angle_alpha           90 
_em_3d_crystal_entity.angle_beta            90 
_em_3d_crystal_entity.angle_gamma           90 
_em_3d_crystal_entity.length_a              39.868 
_em_3d_crystal_entity.length_b              51.757 
_em_3d_crystal_entity.length_c              89.611 
_em_3d_crystal_entity.space_group_name      P212121 
_em_3d_crystal_entity.space_group_num       19 
# 
_em_ctf_correction.id                       1 
_em_ctf_correction.em_image_processing_id   1 
_em_ctf_correction.type                     NONE 
_em_ctf_correction.details                  ? 
# 
_em_diffraction.id                1 
_em_diffraction.camera_length     100 
_em_diffraction.imaging_id        1 
_em_diffraction.tilt_angle_list   ? 
# 
_em_diffraction_shell.id                        1 
_em_diffraction_shell.em_diffraction_stats_id   1 
_em_diffraction_shell.fourier_space_coverage    100 
_em_diffraction_shell.high_resolution           3.0 
_em_diffraction_shell.low_resolution            33.17 
_em_diffraction_shell.multiplicity              8.3 
_em_diffraction_shell.num_structure_factors     3591 
_em_diffraction_shell.phase_residual            13.5 
# 
_em_diffraction_stats.id                               1 
_em_diffraction_stats.details                          ? 
_em_diffraction_stats.image_processing_id              1 
_em_diffraction_stats.fourier_space_coverage           100 
_em_diffraction_stats.high_resolution                  3.0 
_em_diffraction_stats.num_intensities_measured         29866 
_em_diffraction_stats.num_structure_factors            3591 
_em_diffraction_stats.overall_phase_error              ? 
_em_diffraction_stats.overall_phase_residual           ? 
_em_diffraction_stats.phase_error_rejection_criteria   no 
_em_diffraction_stats.r_merge                          0.4827 
_em_diffraction_stats.r_sym                            ? 
# 
_em_entity_assembly_molwt.entity_assembly_id   1 
_em_entity_assembly_molwt.id                   1 
_em_entity_assembly_molwt.experimental_flag    YES 
_em_entity_assembly_molwt.units                MEGADALTONS 
_em_entity_assembly_molwt.value                0.02 
# 
_em_entity_assembly_naturalsource.id                   2 
_em_entity_assembly_naturalsource.entity_assembly_id   1 
_em_entity_assembly_naturalsource.cell                 ? 
_em_entity_assembly_naturalsource.cellular_location    ? 
_em_entity_assembly_naturalsource.ncbi_tax_id          9606 
_em_entity_assembly_naturalsource.organ                ? 
_em_entity_assembly_naturalsource.organelle            ? 
_em_entity_assembly_naturalsource.organism             'Homo sapiens' 
_em_entity_assembly_naturalsource.strain               ? 
_em_entity_assembly_naturalsource.tissue               ? 
# 
_em_entity_assembly_recombinant.id                   2 
_em_entity_assembly_recombinant.entity_assembly_id   1 
_em_entity_assembly_recombinant.cell                 ? 
_em_entity_assembly_recombinant.ncbi_tax_id          562 
_em_entity_assembly_recombinant.organism             'Escherichia coli' 
_em_entity_assembly_recombinant.plasmid              ? 
_em_entity_assembly_recombinant.strain               ? 
# 
_em_image_processing.id                   1 
_em_image_processing.image_recording_id   1 
_em_image_processing.details              ? 
# 
_em_image_recording.id                                  1 
_em_image_recording.imaging_id                          1 
_em_image_recording.avg_electron_dose_per_image         0.02 
_em_image_recording.average_exposure_time               2 
_em_image_recording.details                             ? 
_em_image_recording.detector_mode                       OTHER 
_em_image_recording.film_or_detector_model              'DIRECT ELECTRON DE-20 (5k x 3k)' 
_em_image_recording.num_diffraction_images              ? 
_em_image_recording.num_grids_imaged                    ? 
_em_image_recording.num_real_images                     ? 
_em_image_recording.avg_electron_dose_per_subtomogram   ? 
# 
_em_imaging_optics.id                         1 
_em_imaging_optics.imaging_id                 1 
_em_imaging_optics.chr_aberration_corrector   ? 
_em_imaging_optics.energyfilter_lower         ? 
_em_imaging_optics.energyfilter_name          ? 
_em_imaging_optics.energyfilter_upper         ? 
_em_imaging_optics.energyfilter_slit_width    ? 
_em_imaging_optics.phase_plate                OTHER 
_em_imaging_optics.sph_aberration_corrector   ? 
_em_imaging_optics.details                    ? 
# 
loop_
_em_software.id 
_em_software.category 
_em_software.details 
_em_software.name 
_em_software.version 
_em_software.image_processing_id 
_em_software.fitting_id 
_em_software.imaging_id 
1  'IMAGE ACQUISITION'             ?  ?      ?      ? ? 1 
2  MASKING                         ?  ?      ?      ? ? ? 
3  'CTF CORRECTION'                ?  ?      ?      1 ? ? 
4  'LAYERLINE INDEXING'            ?  ?      ?      ? ? ? 
5  'DIFFRACTION INDEXING'          ?  ?      ?      ? ? ? 
6  'MODEL FITTING'                 no Coot   0.9.4  ? 1 ? 
7  OTHER                           ?  ?      ?      ? ? ? 
8  'MODEL REFINEMENT'              no PHENIX 1.19.2 ? 1 ? 
9  'MOLECULAR REPLACEMENT'         ?  PHENIX 1.19.2 1 ? ? 
10 'LATTICE DISTORTION CORRECTION' ?  ?      ?      1 ? ? 
11 'SYMMETRY DETERMINATION'        ?  ?      ?      1 ? ? 
12 'CRYSTALLOGRAPHY MERGING'       ?  ?      ?      1 ? ? 
13 RECONSTRUCTION                  ?  ?      ?      1 ? ? 
# 
_em_specimen.id                      1 
_em_specimen.experiment_id           1 
_em_specimen.concentration           ? 
_em_specimen.details                 ? 
_em_specimen.embedding_applied       NO 
_em_specimen.shadowing_applied       NO 
_em_specimen.staining_applied        NO 
_em_specimen.vitrification_applied   YES 
# 
_pdbx_audit_support.funding_organization   'Not funded' 
_pdbx_audit_support.country                China 
_pdbx_audit_support.grant_number           ? 
_pdbx_audit_support.ordinal                1 
# 
_pdbx_initial_refinement_model.id               1 
_pdbx_initial_refinement_model.type             'experimental model' 
_pdbx_initial_refinement_model.source_name      PDB 
_pdbx_initial_refinement_model.accession_code   7RPZ 
# 
_space_group.name_H-M_alt     'P 21 21 21' 
_space_group.name_Hall        'P 2ac 2ab' 
_space_group.IT_number        19 
_space_group.crystal_system   orthorhombic 
_space_group.id               1 
# 
_atom_sites.entry_id                    7XKJ 
_atom_sites.Cartn_transf_matrix[1][1]   ? 
_atom_sites.Cartn_transf_matrix[1][2]   ? 
_atom_sites.Cartn_transf_matrix[1][3]   ? 
_atom_sites.Cartn_transf_matrix[2][1]   ? 
_atom_sites.Cartn_transf_matrix[2][2]   ? 
_atom_sites.Cartn_transf_matrix[2][3]   ? 
_atom_sites.Cartn_transf_matrix[3][1]   ? 
_atom_sites.Cartn_transf_matrix[3][2]   ? 
_atom_sites.Cartn_transf_matrix[3][3]   ? 
_atom_sites.Cartn_transf_vector[1]      ? 
_atom_sites.Cartn_transf_vector[2]      ? 
_atom_sites.Cartn_transf_vector[3]      ? 
_atom_sites.fract_transf_matrix[1][1]   0.02051921 
_atom_sites.fract_transf_matrix[1][2]   -0.00254392 
_atom_sites.fract_transf_matrix[1][3]   0.01529735 
_atom_sites.fract_transf_matrix[2][1]   0.00934648 
_atom_sites.fract_transf_matrix[2][2]   0.01494575 
_atom_sites.fract_transf_matrix[2][3]   -0.01005152 
_atom_sites.fract_transf_matrix[3][1]   -0.00446187 
_atom_sites.fract_transf_matrix[3][2]   0.00767358 
_atom_sites.fract_transf_matrix[3][3]   0.00726106 
_atom_sites.fract_transf_vector[1]      -0.052683 
_atom_sites.fract_transf_vector[2]      -0.026139 
_atom_sites.fract_transf_vector[3]      -0.135315 
_atom_sites.solution_primary            ? 
_atom_sites.solution_secondary          ? 
_atom_sites.solution_hydrogens          ? 
_atom_sites.special_details             ? 
# 
loop_
_atom_type.symbol 
_atom_type.scat_dispersion_real 
_atom_type.scat_dispersion_imag 
_atom_type.scat_Cromer_Mann_a1 
_atom_type.scat_Cromer_Mann_a2 
_atom_type.scat_Cromer_Mann_a3 
_atom_type.scat_Cromer_Mann_a4 
_atom_type.pdbx_scat_Cromer_Mann_a5 
_atom_type.scat_Cromer_Mann_b1 
_atom_type.scat_Cromer_Mann_b2 
_atom_type.scat_Cromer_Mann_b3 
_atom_type.scat_Cromer_Mann_b4 
_atom_type.pdbx_scat_Cromer_Mann_b5 
_atom_type.scat_Cromer_Mann_c 
_atom_type.scat_source 
_atom_type.scat_dispersion_source 
C  ? ? 0.08930 0.25630 0.75700 1.04870 0.35750 0.24650 1.71000 6.40940  18.61130 50.25230  0.0 
;5-Gaussian fit: Grosse-Kunstleve RW, Sauter NK, Adams PD: Newsletter of the IUCr Commission on Crystallographic Computing 2004, 3, 22-31.
;
? 
F  ? ? 0.10830 0.31750 0.64870 0.58460 0.14210 0.20570 1.34390 4.27880  11.39320 28.78810  0.0 
;5-Gaussian fit: Grosse-Kunstleve RW, Sauter NK, Adams PD: Newsletter of the IUCr Commission on Crystallographic Computing 2004, 3, 22-31.
;
? 
MG ? ? 0.23140 0.68660 0.96770 2.18820 1.13390 0.32780 2.27200 10.92410 39.28980 101.97480 0.0 
;5-Gaussian fit: Grosse-Kunstleve RW, Sauter NK, Adams PD: Newsletter of the IUCr Commission on Crystallographic Computing 2004, 3, 22-31.
;
? 
N  ? ? 0.10220 0.32190 0.79820 0.81970 0.17150 0.24510 1.74810 6.19250  17.38940 48.14310  0.0 
;5-Gaussian fit: Grosse-Kunstleve RW, Sauter NK, Adams PD: Newsletter of the IUCr Commission on Crystallographic Computing 2004, 3, 22-31.
;
? 
O  ? ? 0.09740 0.29210 0.69100 0.69900 0.20390 0.20670 1.38150 4.69430  12.71050 32.47260  0.0 
;5-Gaussian fit: Grosse-Kunstleve RW, Sauter NK, Adams PD: Newsletter of the IUCr Commission on Crystallographic Computing 2004, 3, 22-31.
;
? 
P  ? ? 0.25480 0.61060 1.45410 2.32040 0.84770 0.29080 1.87400 8.51760  24.34340 63.29960  0.0 
;5-Gaussian fit: Grosse-Kunstleve RW, Sauter NK, Adams PD: Newsletter of the IUCr Commission on Crystallographic Computing 2004, 3, 22-31.
;
? 
S  ? ? 0.24970 0.56280 1.38990 2.18650 0.77150 0.26810 1.67110 7.02670  19.53770 50.38880  0.0 
;5-Gaussian fit: Grosse-Kunstleve RW, Sauter NK, Adams PD: Newsletter of the IUCr Commission on Crystallographic Computing 2004, 3, 22-31.
;
? 
# 
loop_
_atom_site.group_PDB 
_atom_site.id 
_atom_site.type_symbol 
_atom_site.label_atom_id 
_atom_site.label_alt_id 
_atom_site.label_comp_id 
_atom_site.label_asym_id 
_atom_site.label_entity_id 
_atom_site.label_seq_id 
_atom_site.pdbx_PDB_ins_code 
_atom_site.Cartn_x 
_atom_site.Cartn_y 
_atom_site.Cartn_z 
_atom_site.occupancy 
_atom_site.B_iso_or_equiv 
_atom_site.pdbx_formal_charge 
_atom_site.auth_seq_id 
_atom_site.auth_comp_id 
_atom_site.auth_asym_id 
_atom_site.auth_atom_id 
_atom_site.pdbx_PDB_model_num 
ATOM   1    N  N     . THR A 1 2   ? -17.16984 -6.71269  -4.22863  1.000 30.00000 ? 2   THR A N     1 
ATOM   2    C  CA    . THR A 1 2   ? -16.83230 -7.94463  -3.46702  1.000 30.00000 ? 2   THR A CA    1 
ATOM   3    C  C     . THR A 1 2   ? -15.31848 -8.16952  -3.48342  1.000 30.00000 ? 2   THR A C     1 
ATOM   4    O  O     . THR A 1 2   ? -14.66628 -7.79153  -2.51513  1.000 30.00000 ? 2   THR A O     1 
ATOM   5    C  CB    . THR A 1 2   ? -17.59389 -9.16278  -3.99947  1.000 30.00000 ? 2   THR A CB    1 
ATOM   6    O  OG1   . THR A 1 2   ? -17.25124 -9.32962  -5.37576  1.000 30.00000 ? 2   THR A OG1   1 
ATOM   7    C  CG2   . THR A 1 2   ? -19.09439 -9.02764  -3.85785  1.000 30.00000 ? 2   THR A CG2   1 
ATOM   8    N  N     . GLU A 1 3   ? -14.77988 -8.76793  -4.54187  1.000 32.43000 ? 3   GLU A N     1 
ATOM   9    C  CA    . GLU A 1 3   ? -13.32866 -9.07851  -4.54403  1.000 37.14000 ? 3   GLU A CA    1 
ATOM   10   C  C     . GLU A 1 3   ? -12.54385 -7.85178  -5.01450  1.000 33.97000 ? 3   GLU A C     1 
ATOM   11   O  O     . GLU A 1 3   ? -12.92629 -7.27354  -6.04458  1.000 39.84000 ? 3   GLU A O     1 
ATOM   12   C  CB    . GLU A 1 3   ? -13.04531 -10.33407 -5.36933  1.000 44.72000 ? 3   GLU A CB    1 
ATOM   13   C  CG    . GLU A 1 3   ? -11.58957 -10.76427 -5.36545  1.000 46.25000 ? 3   GLU A CG    1 
ATOM   14   C  CD    . GLU A 1 3   ? -11.32870 -12.03722 -6.14668  1.000 51.24000 ? 3   GLU A CD    1 
ATOM   15   O  OE1   . GLU A 1 3   ? -12.28948 -12.56729 -6.72985  1.000 49.83000 ? 3   GLU A OE1   1 
ATOM   16   O  OE2   . GLU A 1 3   ? -10.16718 -12.48558 -6.17493  1.000 51.34000 ? 3   GLU A OE2   1 
ATOM   17   N  N     . TYR A 1 4   ? -11.51719 -7.44710  -4.25978  1.000 37.21000 ? 4   TYR A N     1 
ATOM   18   C  CA    . TYR A 1 4   ? -10.64454 -6.31319  -4.66340  1.000 34.56000 ? 4   TYR A CA    1 
ATOM   19   C  C     . TYR A 1 4   ? -9.19390  -6.73243  -4.43405  1.000 30.55000 ? 4   TYR A C     1 
ATOM   20   O  O     . TYR A 1 4   ? -8.80284  -6.89514  -3.27091  1.000 31.70000 ? 4   TYR A O     1 
ATOM   21   C  CB    . TYR A 1 4   ? -10.92290 -5.06062  -3.83185  1.000 24.34000 ? 4   TYR A CB    1 
ATOM   22   C  CG    . TYR A 1 4   ? -12.31020 -4.47904  -3.94271  1.000 38.02000 ? 4   TYR A CG    1 
ATOM   23   C  CD1   . TYR A 1 4   ? -13.34393 -4.92718  -3.14205  1.000 49.40000 ? 4   TYR A CD1   1 
ATOM   24   C  CD2   . TYR A 1 4   ? -12.58292 -3.45464  -4.82733  1.000 32.70000 ? 4   TYR A CD2   1 
ATOM   25   C  CE1   . TYR A 1 4   ? -14.61767 -4.39831  -3.24582  1.000 45.43000 ? 4   TYR A CE1   1 
ATOM   26   C  CE2   . TYR A 1 4   ? -13.84790 -2.89929  -4.93004  1.000 40.84000 ? 4   TYR A CE2   1 
ATOM   27   C  CZ    . TYR A 1 4   ? -14.87312 -3.37433  -4.13519  1.000 38.12000 ? 4   TYR A CZ    1 
ATOM   28   O  OH    . TYR A 1 4   ? -16.12304 -2.83907  -4.22951  1.000 33.91000 ? 4   TYR A OH    1 
ATOM   29   N  N     . LYS A 1 5   ? -8.42921  -6.91160  -5.51091  1.000 30.28000 ? 5   LYS A N     1 
ATOM   30   C  CA    . LYS A 1 5   ? -7.00059  -7.29036  -5.39323  1.000 24.73000 ? 5   LYS A CA    1 
ATOM   31   C  C     . LYS A 1 5   ? -6.18475  -6.04699  -5.04530  1.000 18.28000 ? 5   LYS A C     1 
ATOM   32   O  O     . LYS A 1 5   ? -6.03666  -5.18179  -5.91044  1.000 21.82000 ? 5   LYS A O     1 
ATOM   33   C  CB    . LYS A 1 5   ? -6.52830  -7.97896  -6.67359  1.000 27.09000 ? 5   LYS A CB    1 
ATOM   34   C  CG    . LYS A 1 5   ? -7.35272  -9.19275  -7.07232  1.000 34.85000 ? 5   LYS A CG    1 
ATOM   35   C  CD    . LYS A 1 5   ? -6.99583  -9.75539  -8.42413  1.000 36.11000 ? 5   LYS A CD    1 
ATOM   36   C  CE    . LYS A 1 5   ? -5.64743  -10.44250 -8.42151  1.000 56.43000 ? 5   LYS A CE    1 
ATOM   37   N  NZ    . LYS A 1 5   ? -5.36848  -11.08356 -7.11686  1.000 52.17000 ? 5   LYS A NZ    1 
ATOM   38   N  N     . LEU A 1 6   ? -5.71915  -5.95527  -3.80206  1.000 22.31000 ? 6   LEU A N     1 
ATOM   39   C  CA    . LEU A 1 6   ? -4.88779  -4.80388  -3.37256  1.000 22.66000 ? 6   LEU A CA    1 
ATOM   40   C  C     . LEU A 1 6   ? -3.42933  -5.25406  -3.40591  1.000 23.34000 ? 6   LEU A C     1 
ATOM   41   O  O     . LEU A 1 6   ? -3.18719  -6.45947  -3.26670  1.000 20.19000 ? 6   LEU A O     1 
ATOM   42   C  CB    . LEU A 1 6   ? -5.27935  -4.33654  -1.96654  1.000 19.96000 ? 6   LEU A CB    1 
ATOM   43   C  CG    . LEU A 1 6   ? -6.77083  -4.19763  -1.67166  1.000 22.91000 ? 6   LEU A CG    1 
ATOM   44   C  CD1   . LEU A 1 6   ? -6.98655  -3.64299  -0.27514  1.000 20.39000 ? 6   LEU A CD1   1 
ATOM   45   C  CD2   . LEU A 1 6   ? -7.44277  -3.29912  -2.69074  1.000 25.77000 ? 6   LEU A CD2   1 
ATOM   46   N  N     . VAL A 1 7   ? -2.51264  -4.31830  -3.63924  1.000 17.11000 ? 7   VAL A N     1 
ATOM   47   C  CA    . VAL A 1 7   ? -1.06177  -4.64457  -3.67715  1.000 17.76000 ? 7   VAL A CA    1 
ATOM   48   C  C     . VAL A 1 7   ? -0.34681  -3.63759  -2.77937  1.000 15.65000 ? 7   VAL A C     1 
ATOM   49   O  O     . VAL A 1 7   ? -0.42064  -2.44579  -3.07088  1.000 17.12000 ? 7   VAL A O     1 
ATOM   50   C  CB    . VAL A 1 7   ? -0.51449  -4.61587  -5.11548  1.000 16.49000 ? 7   VAL A CB    1 
ATOM   51   C  CG1   . VAL A 1 7   ? 0.98374   -4.85086  -5.15130  1.000 18.49000 ? 7   VAL A CG1   1 
ATOM   52   C  CG2   . VAL A 1 7   ? -1.22672  -5.59136  -6.03858  1.000 19.60000 ? 7   VAL A CG2   1 
ATOM   53   N  N     . VAL A 1 8   ? 0.27826   -4.10868  -1.70554  1.000 10.89000 ? 8   VAL A N     1 
ATOM   54   C  CA    . VAL A 1 8   ? 1.05601   -3.20746  -0.81369  1.000 11.49000 ? 8   VAL A CA    1 
ATOM   55   C  C     . VAL A 1 8   ? 2.47165   -3.11459  -1.37350  1.000 21.83000 ? 8   VAL A C     1 
ATOM   56   O  O     . VAL A 1 8   ? 3.27800   -3.99696  -1.06313  1.000 26.08000 ? 8   VAL A O     1 
ATOM   57   C  CB    . VAL A 1 8   ? 1.07165   -3.74637  0.62395   1.000 13.41000 ? 8   VAL A CB    1 
ATOM   58   C  CG1   . VAL A 1 8   ? 1.48886   -2.69035  1.62653   1.000 17.24000 ? 8   VAL A CG1   1 
ATOM   59   C  CG2   . VAL A 1 8   ? -0.27728  -4.31323  1.00558   1.000 16.46000 ? 8   VAL A CG2   1 
ATOM   60   N  N     . VAL A 1 9   ? 2.75074   -2.08546  -2.17191  1.000 17.26000 ? 9   VAL A N     1 
ATOM   61   C  CA    . VAL A 1 9   ? 4.10545   -1.90025  -2.76415  1.000 12.10000 ? 9   VAL A CA    1 
ATOM   62   C  C     . VAL A 1 9   ? 4.92549   -0.96069  -1.87895  1.000 16.97000 ? 9   VAL A C     1 
ATOM   63   O  O     . VAL A 1 9   ? 4.33003   -0.22862  -1.08848  1.000 17.60000 ? 9   VAL A O     1 
ATOM   64   C  CB    . VAL A 1 9   ? 4.02330   -1.41251  -4.21859  1.000 12.13000 ? 9   VAL A CB    1 
ATOM   65   C  CG1   . VAL A 1 9   ? 3.36080   -2.46798  -5.07709  1.000 20.03000 ? 9   VAL A CG1   1 
ATOM   66   C  CG2   . VAL A 1 9   ? 3.26840   -0.10225  -4.33365  1.000 10.10000 ? 9   VAL A CG2   1 
ATOM   67   N  N     . GLY A 1 10  ? 6.24834   -1.00546  -2.00102  1.000 15.56000 ? 10  GLY A N     1 
ATOM   68   C  CA    . GLY A 1 10  ? 7.11249   -0.18538  -1.13932  1.000 11.08000 ? 10  GLY A CA    1 
ATOM   69   C  C     . GLY A 1 10  ? 8.49516   -0.79161  -1.04317  1.000 16.52000 ? 10  GLY A C     1 
ATOM   70   O  O     . GLY A 1 10  ? 8.63388   -1.97381  -1.39345  1.000 14.16000 ? 10  GLY A O     1 
ATOM   71   N  N     . ALA A 1 11  ? 9.48571   -0.01584  -0.60201  1.000 19.74000 ? 11  ALA A N     1 
ATOM   72   C  CA    . ALA A 1 11  ? 10.84872  -0.49981  -0.53822  1.000 20.11000 ? 11  ALA A CA    1 
ATOM   73   C  C     . ALA A 1 11  ? 10.97907  -1.47502  0.61608   1.000 25.34000 ? 11  ALA A C     1 
ATOM   74   O  O     . ALA A 1 11  ? 10.14312  -1.49144  1.52575   1.000 25.08000 ? 11  ALA A O     1 
ATOM   75   C  CB    . ALA A 1 11  ? 11.79610  0.66711   -0.37934  1.000 42.93000 ? 11  ALA A CB    1 
ATOM   76   N  N     . ASP A 1 12  ? 12.00132  -2.33121  0.56065   1.000 21.04000 ? 12  ASP A N     1 
ATOM   77   C  CA    . ASP A 1 12  ? 12.23799  -3.20881  1.69448   1.000 13.98000 ? 12  ASP A CA    1 
ATOM   78   C  C     . ASP A 1 12  ? 12.30000  -2.36731  2.96624   1.000 19.19000 ? 12  ASP A C     1 
ATOM   79   O  O     . ASP A 1 12  ? 12.95085  -1.32281  2.99644   1.000 25.13000 ? 12  ASP A O     1 
ATOM   80   C  CB    . ASP A 1 12  ? 13.53559  -4.00083  1.49398   1.000 18.56000 ? 12  ASP A CB    1 
ATOM   81   C  CG    . ASP A 1 12  ? 13.38481  -5.16850  0.49048   1.000 31.31000 ? 12  ASP A CG    1 
ATOM   82   O  OD1   . ASP A 1 12  ? 12.27295  -5.73310  0.36132   1.000 25.39000 ? 12  ASP A OD1   1 
ATOM   83   O  OD2   . ASP A 1 12  ? 14.38985  -5.53283  -0.17795  1.000 34.65000 ? 12  ASP A OD2   1 
ATOM   84   N  N     . GLY A 1 13  ? 11.53998  -2.77052  3.98725   1.000 22.87000 ? 13  GLY A N     1 
ATOM   85   C  CA    . GLY A 1 13  ? 11.70389  -2.27591  5.34888   1.000 24.25000 ? 13  GLY A CA    1 
ATOM   86   C  C     . GLY A 1 13  ? 10.62112  -1.34964  5.86183   1.000 17.67000 ? 13  GLY A C     1 
ATOM   87   O  O     . GLY A 1 13  ? 10.43287  -1.26063  7.08037   1.000 16.64000 ? 13  GLY A O     1 
ATOM   88   N  N     . VAL A 1 14  ? 9.91783   -0.69560  4.93668   1.000 21.48000 ? 14  VAL A N     1 
ATOM   89   C  CA    . VAL A 1 14  ? 8.90122   0.34623   5.25906   1.000 18.12000 ? 14  VAL A CA    1 
ATOM   90   C  C     . VAL A 1 14  ? 7.72426   -0.20458  6.05654   1.000 23.35000 ? 14  VAL A C     1 
ATOM   91   O  O     . VAL A 1 14  ? 6.91110   0.60664   6.49986   1.000 18.29000 ? 14  VAL A O     1 
ATOM   92   C  CB    . VAL A 1 14  ? 8.41424   0.94036   3.93141   1.000 19.57000 ? 14  VAL A CB    1 
ATOM   93   C  CG1   . VAL A 1 14  ? 9.57349   1.53818   3.15706   1.000 22.79000 ? 14  VAL A CG1   1 
ATOM   94   C  CG2   . VAL A 1 14  ? 7.74710   -0.13109  3.09328   1.000 25.27000 ? 14  VAL A CG2   1 
ATOM   95   N  N     . GLY A 1 15  ? 7.62866   -1.51913  6.22203   1.000 26.92000 ? 15  GLY A N     1 
ATOM   96   C  CA    . GLY A 1 15  ? 6.55795   -2.07211  7.06662   1.000 19.71000 ? 15  GLY A CA    1 
ATOM   97   C  C     . GLY A 1 15  ? 5.36138   -2.51947  6.26202   1.000 22.68000 ? 15  GLY A C     1 
ATOM   98   O  O     . GLY A 1 15  ? 4.26580   -2.45897  6.79636   1.000 21.82000 ? 15  GLY A O     1 
ATOM   99   N  N     . LYS A 1 16  ? 5.57561   -2.99771  5.03818   1.000 21.70000 ? 16  LYS A N     1 
ATOM   100  C  CA    . LYS A 1 16  ? 4.46790   -3.50215  4.18900   1.000 21.80000 ? 16  LYS A CA    1 
ATOM   101  C  C     . LYS A 1 16  ? 3.90490   -4.78471  4.79488   1.000 19.52000 ? 16  LYS A C     1 
ATOM   102  O  O     . LYS A 1 16  ? 2.68810   -4.97051  4.73146   1.000 19.96000 ? 16  LYS A O     1 
ATOM   103  C  CB    . LYS A 1 16  ? 4.99330   -3.85324  2.79764   1.000 24.84000 ? 16  LYS A CB    1 
ATOM   104  C  CG    . LYS A 1 16  ? 5.45475   -2.69295  1.93787   1.000 19.53000 ? 16  LYS A CG    1 
ATOM   105  C  CD    . LYS A 1 16  ? 5.73143   -3.16137  0.54452   1.000 18.08000 ? 16  LYS A CD    1 
ATOM   106  C  CE    . LYS A 1 16  ? 6.93312   -4.07354  0.48799   1.000 13.77000 ? 16  LYS A CE    1 
ATOM   107  N  NZ    . LYS A 1 16  ? 7.28554   -4.44603  -0.90022  1.000 9.43000  ? 16  LYS A NZ    1 
ATOM   108  N  N     . SER A 1 17  ? 4.76997   -5.63849  5.33551   1.000 20.10000 ? 17  SER A N     1 
ATOM   109  C  CA    . SER A 1 17  ? 4.33254   -6.92919  5.92292   1.000 19.66000 ? 17  SER A CA    1 
ATOM   110  C  C     . SER A 1 17  ? 3.71908   -6.69208  7.28905   1.000 13.14000 ? 17  SER A C     1 
ATOM   111  O  O     . SER A 1 17  ? 2.84007   -7.45371  7.67895   1.000 18.95000 ? 17  SER A O     1 
ATOM   112  C  CB    . SER A 1 17  ? 5.48870   -7.84260  6.04826   1.000 26.07000 ? 17  SER A CB    1 
ATOM   113  O  OG    . SER A 1 17  ? 6.14381   -7.94832  4.80106   1.000 26.65000 ? 17  SER A OG    1 
ATOM   114  N  N     . ALA A 1 18  ? 4.21095   -5.68160  7.99066   1.000 14.40000 ? 18  ALA A N     1 
ATOM   115  C  CA    . ALA A 1 18  ? 3.60608   -5.34586  9.28936   1.000 16.98000 ? 18  ALA A CA    1 
ATOM   116  C  C     . ALA A 1 18  ? 2.20745   -4.77912  9.04502   1.000 20.65000 ? 18  ALA A C     1 
ATOM   117  O  O     . ALA A 1 18  ? 1.31642   -5.09239  9.83975   1.000 21.27000 ? 18  ALA A O     1 
ATOM   118  C  CB    . ALA A 1 18  ? 4.49270   -4.38168  10.01879  1.000 14.52000 ? 18  ALA A CB    1 
ATOM   119  N  N     . LEU A 1 19  ? 2.03076   -3.99685  7.97463   1.000 17.98000 ? 19  LEU A N     1 
ATOM   120  C  CA    . LEU A 1 19  ? 0.72234   -3.43474  7.69428   1.000 13.57000 ? 19  LEU A CA    1 
ATOM   121  C  C     . LEU A 1 19  ? -0.22748  -4.46044  7.10325   1.000 18.34000 ? 19  LEU A C     1 
ATOM   122  O  O     . LEU A 1 19  ? -1.45132  -4.35059  7.26476   1.000 14.25000 ? 19  LEU A O     1 
ATOM   123  C  CB    . LEU A 1 19  ? 0.87690   -2.29064  6.70876   1.000 19.83000 ? 19  LEU A CB    1 
ATOM   124  C  CG    . LEU A 1 19  ? 1.51095   -1.04264  7.28606   1.000 17.39000 ? 19  LEU A CG    1 
ATOM   125  C  CD1   . LEU A 1 19  ? 1.87760   -0.17778  6.12113   1.000 27.41000 ? 19  LEU A CD1   1 
ATOM   126  C  CD2   . LEU A 1 19  ? 0.50520   -0.32753  8.15822   1.000 23.19000 ? 19  LEU A CD2   1 
ATOM   127  N  N     . THR A 1 20  ? 0.32023   -5.45082  6.41126   1.000 21.42000 ? 20  THR A N     1 
ATOM   128  C  CA    . THR A 1 20  ? -0.43784  -6.62336  6.01443   1.000 13.85000 ? 20  THR A CA    1 
ATOM   129  C  C     . THR A 1 20  ? -0.94993  -7.36256  7.22883   1.000 18.06000 ? 20  THR A C     1 
ATOM   130  O  O     . THR A 1 20  ? -2.15563  -7.49187  7.39691   1.000 22.95000 ? 20  THR A O     1 
ATOM   131  C  CB    . THR A 1 20  ? 0.43857   -7.54961  5.18653   1.000 16.48000 ? 20  THR A CB    1 
ATOM   132  O  OG1   . THR A 1 20  ? 0.60823   -6.99503  3.87787   1.000 18.72000 ? 20  THR A OG1   1 
ATOM   133  C  CG2   . THR A 1 20  ? -0.18062  -8.88837  5.09360   1.000 27.21000 ? 20  THR A CG2   1 
ATOM   134  N  N     . ILE A 1 21  ? -0.04249  -7.84215  8.08235   1.000 18.60000 ? 21  ILE A N     1 
ATOM   135  C  CA    . ILE A 1 21  ? -0.41192  -8.73787  9.17868   1.000 17.46000 ? 21  ILE A CA    1 
ATOM   136  C  C     . ILE A 1 21  ? -1.24327  -8.02530  10.23343  1.000 17.54000 ? 21  ILE A C     1 
ATOM   137  O  O     . ILE A 1 21  ? -2.01830  -8.66377  10.96154  1.000 20.99000 ? 21  ILE A O     1 
ATOM   138  C  CB    . ILE A 1 21  ? 0.86224   -9.36881  9.78097   1.000 25.76000 ? 21  ILE A CB    1 
ATOM   139  C  CG1   . ILE A 1 21  ? 1.51624   -10.33531 8.76722   1.000 28.01000 ? 21  ILE A CG1   1 
ATOM   140  C  CG2   . ILE A 1 21  ? 0.60185   -9.99973  11.16834  1.000 20.91000 ? 21  ILE A CG2   1 
ATOM   141  C  CD1   . ILE A 1 21  ? 0.61890   -11.48040 8.30789   1.000 27.98000 ? 21  ILE A CD1   1 
ATOM   142  N  N     . GLN A 1 22  ? -1.18548  -6.69391  10.25758  1.000 14.04000 ? 22  GLN A N     1 
ATOM   143  C  CA    . GLN A 1 22  ? -2.07780  -5.94952  11.18590  1.000 18.55000 ? 22  GLN A CA    1 
ATOM   144  C  C     . GLN A 1 22  ? -3.51763  -6.01255  10.67375  1.000 19.48000 ? 22  GLN A C     1 
ATOM   145  O  O     . GLN A 1 22  ? -4.39094  -6.35247  11.45544  1.000 21.89000 ? 22  GLN A O     1 
ATOM   146  C  CB    . GLN A 1 22  ? -1.62933  -4.50843  11.40535  1.000 17.23000 ? 22  GLN A CB    1 
ATOM   147  C  CG    . GLN A 1 22  ? -0.90552  -4.31700  12.72403  1.000 23.77000 ? 22  GLN A CG    1 
ATOM   148  C  CD    . GLN A 1 22  ? -1.78426  -4.17659  13.94401  1.000 22.46000 ? 22  GLN A CD    1 
ATOM   149  O  OE1   . GLN A 1 22  ? -2.96746  -4.49792  13.93240  1.000 25.82000 ? 22  GLN A OE1   1 
ATOM   150  N  NE2   . GLN A 1 22  ? -1.20008  -3.69993  15.02997  1.000 17.41000 ? 22  GLN A NE2   1 
ATOM   151  N  N     . LEU A 1 23  ? -3.77718  -5.70507  9.40202   1.000 13.46000 ? 23  LEU A N     1 
ATOM   152  C  CA    . LEU A 1 23  ? -5.16317  -5.68669  8.87322   1.000 18.45000 ? 23  LEU A CA    1 
ATOM   153  C  C     . LEU A 1 23  ? -5.74887  -7.09105  8.96824   1.000 23.67000 ? 23  LEU A C     1 
ATOM   154  O  O     . LEU A 1 23  ? -6.91650  -7.20057  9.37263   1.000 31.32000 ? 23  LEU A O     1 
ATOM   155  C  CB    . LEU A 1 23  ? -5.19323  -5.22108  7.41416   1.000 24.93000 ? 23  LEU A CB    1 
ATOM   156  C  CG    . LEU A 1 23  ? -6.58534  -4.86344  6.88936   1.000 16.51000 ? 23  LEU A CG    1 
ATOM   157  C  CD1   . LEU A 1 23  ? -6.91003  -3.41243  7.15541   1.000 15.19000 ? 23  LEU A CD1   1 
ATOM   158  C  CD2   . LEU A 1 23  ? -6.72748  -5.17174  5.41517   1.000 20.32000 ? 23  LEU A CD2   1 
ATOM   159  N  N     . ILE A 1 24  ? -4.96645  -8.12079  8.66603   1.000 19.21000 ? 24  ILE A N     1 
ATOM   160  C  CA    . ILE A 1 24  ? -5.46376  -9.52427  8.58217   1.000 14.12000 ? 24  ILE A CA    1 
ATOM   161  C  C     . ILE A 1 24  ? -5.64564  -10.12030 9.97933   1.000 22.53000 ? 24  ILE A C     1 
ATOM   162  O  O     . ILE A 1 24  ? -6.68232  -10.76903 10.16235  1.000 28.06000 ? 24  ILE A O     1 
ATOM   163  C  CB    . ILE A 1 24  ? -4.49618  -10.38955 7.73795   1.000 25.16000 ? 24  ILE A CB    1 
ATOM   164  C  CG1   . ILE A 1 24  ? -4.21341  -9.82875  6.33581   1.000 22.93000 ? 24  ILE A CG1   1 
ATOM   165  C  CG2   . ILE A 1 24  ? -4.95058  -11.84495 7.67534   1.000 21.61000 ? 24  ILE A CG2   1 
ATOM   166  C  CD1   . ILE A 1 24  ? -5.36931  -9.81524  5.38004   1.000 20.63000 ? 24  ILE A CD1   1 
ATOM   167  N  N     . GLN A 1 25  ? -4.72102  -9.90605  10.92329  1.000 20.06000 ? 25  GLN A N     1 
ATOM   168  C  CA    . GLN A 1 25  ? -4.72775  -10.60519 12.24332  1.000 16.13000 ? 25  GLN A CA    1 
ATOM   169  C  C     . GLN A 1 25  ? -4.77173  -9.66945  13.45769  1.000 12.64000 ? 25  GLN A C     1 
ATOM   170  O  O     . GLN A 1 25  ? -4.83664  -10.21103 14.56420  1.000 20.51000 ? 25  GLN A O     1 
ATOM   171  C  CB    . GLN A 1 25  ? -3.48710  -11.48534 12.28272  1.000 28.39000 ? 25  GLN A CB    1 
ATOM   172  C  CG    . GLN A 1 25  ? -3.30078  -12.35920 11.05249  1.000 30.30000 ? 25  GLN A CG    1 
ATOM   173  C  CD    . GLN A 1 25  ? -2.38226  -13.52754 11.30453  1.000 36.35000 ? 25  GLN A CD    1 
ATOM   174  O  OE1   . GLN A 1 25  ? -2.65409  -14.39080 12.13419  1.000 41.54000 ? 25  GLN A OE1   1 
ATOM   175  N  NE2   . GLN A 1 25  ? -1.28565  -13.57138 10.56988  1.000 41.16000 ? 25  GLN A NE2   1 
ATOM   176  N  N     . ASN A 1 26  ? -4.80957  -8.35129  13.28850  1.000 21.28000 ? 26  ASN A N     1 
ATOM   177  C  CA    . ASN A 1 26  ? -4.94630  -7.34305  14.37706  1.000 24.11000 ? 26  ASN A CA    1 
ATOM   178  C  C     . ASN A 1 26  ? -3.80029  -7.45169  15.39418  1.000 33.06000 ? 26  ASN A C     1 
ATOM   179  O  O     . ASN A 1 26  ? -4.10405  -7.33590  16.59554  1.000 28.96000 ? 26  ASN A O     1 
ATOM   180  C  CB    . ASN A 1 26  ? -6.31215  -7.39930  15.06782  1.000 17.28000 ? 26  ASN A CB    1 
ATOM   181  C  CG    . ASN A 1 26  ? -7.43437  -6.78510  14.25904  1.000 30.79000 ? 26  ASN A CG    1 
ATOM   182  O  OD1   . ASN A 1 26  ? -7.97408  -5.74847  14.63366  1.000 29.40000 ? 26  ASN A OD1   1 
ATOM   183  N  ND2   . ASN A 1 26  ? -7.79627  -7.41334  13.15246  1.000 35.37000 ? 26  ASN A ND2   1 
ATOM   184  N  N     . HIS A 1 27  ? -2.54517  -7.61626  14.94634  1.000 31.22000 ? 27  HIS A N     1 
ATOM   185  C  CA    . HIS A 1 27  ? -1.43649  -7.65401  15.89080  1.000 36.16000 ? 27  HIS A CA    1 
ATOM   186  C  C     . HIS A 1 27  ? -0.17134  -7.19513  15.18000  1.000 30.38000 ? 27  HIS A C     1 
ATOM   187  O  O     . HIS A 1 27  ? -0.04704  -7.30890  13.96411  1.000 27.96000 ? 27  HIS A O     1 
ATOM   188  C  CB    . HIS A 1 27  ? -1.27491  -9.05991  16.51488  1.000 50.75000 ? 27  HIS A CB    1 
ATOM   189  C  CG    . HIS A 1 27  ? -0.98184  -10.15578 15.52824  1.000 40.36000 ? 27  HIS A CG    1 
ATOM   190  N  ND1   . HIS A 1 27  ? 0.27019   -10.35426 14.98479  1.000 38.77000 ? 27  HIS A ND1   1 
ATOM   191  C  CD2   . HIS A 1 27  ? -1.77165  -11.12812 15.01392  1.000 37.24000 ? 27  HIS A CD2   1 
ATOM   192  C  CE1   . HIS A 1 27  ? 0.23742   -11.39175 14.16740  1.000 35.30000 ? 27  HIS A CE1   1 
ATOM   193  N  NE2   . HIS A 1 27  ? -0.99016  -11.87985 14.16742  1.000 39.61000 ? 27  HIS A NE2   1 
ATOM   194  N  N     . PHE A 1 28  ? 0.76120   -6.66190  15.94946  1.000 26.71000 ? 28  PHE A N     1 
ATOM   195  C  CA    . PHE A 1 28  ? 2.02138   -6.21031  15.38868  1.000 29.02000 ? 28  PHE A CA    1 
ATOM   196  C  C     . PHE A 1 28  ? 2.97972   -7.39077  15.36513  1.000 29.74000 ? 28  PHE A C     1 
ATOM   197  O  O     . PHE A 1 28  ? 3.26646   -7.96690  16.41630  1.000 31.29000 ? 28  PHE A O     1 
ATOM   198  C  CB    . PHE A 1 28  ? 2.58575   -5.06037  16.21963  1.000 25.18000 ? 28  PHE A CB    1 
ATOM   199  C  CG    . PHE A 1 28  ? 3.89808   -4.54388  15.73920  1.000 26.21000 ? 28  PHE A CG    1 
ATOM   200  C  CD1   . PHE A 1 28  ? 4.10008   -4.30587  14.39179  1.000 22.74000 ? 28  PHE A CD1   1 
ATOM   201  C  CD2   . PHE A 1 28  ? 4.92009   -4.28340  16.63254  1.000 25.57000 ? 28  PHE A CD2   1 
ATOM   202  C  CE1   . PHE A 1 28  ? 5.27917   -3.83762  13.93576  1.000 17.86000 ? 28  PHE A CE1   1 
ATOM   203  C  CE2   . PHE A 1 28  ? 6.11727   -3.80194  16.18472  1.000 26.32000 ? 28  PHE A CE2   1 
ATOM   204  C  CZ    . PHE A 1 28  ? 6.29500   -3.58000  14.82516  1.000 28.90000 ? 28  PHE A CZ    1 
ATOM   205  N  N     . VAL A 1 29  ? 3.44514   -7.76765  14.17431  1.000 24.95000 ? 29  VAL A N     1 
ATOM   206  C  CA    . VAL A 1 29  ? 4.49217   -8.82496  14.08927  1.000 29.95000 ? 29  VAL A CA    1 
ATOM   207  C  C     . VAL A 1 29  ? 5.82745   -8.07830  14.09531  1.000 34.43000 ? 29  VAL A C     1 
ATOM   208  O  O     . VAL A 1 29  ? 5.92438   -7.03519  13.43083  1.000 31.86000 ? 29  VAL A O     1 
ATOM   209  C  CB    . VAL A 1 29  ? 4.31427   -9.73542  12.85552  1.000 37.59000 ? 29  VAL A CB    1 
ATOM   210  C  CG1   . VAL A 1 29  ? 4.33377   -8.97237  11.53739  1.000 32.71000 ? 29  VAL A CG1   1 
ATOM   211  C  CG2   . VAL A 1 29  ? 5.30527   -10.88744 12.82989  1.000 33.71000 ? 29  VAL A CG2   1 
ATOM   212  N  N     . ASP A 1 30  ? 6.80411   -8.55977  14.85907  1.000 30.86000 ? 30  ASP A N     1 
ATOM   213  C  CA    . ASP A 1 30  ? 8.07251   -7.80228  14.97843  1.000 31.36000 ? 30  ASP A CA    1 
ATOM   214  C  C     . ASP A 1 30  ? 9.13727   -8.41785  14.06889  1.000 31.36000 ? 30  ASP A C     1 
ATOM   215  O  O     . ASP A 1 30  ? 10.25038  -7.86068  14.01865  1.000 26.68000 ? 30  ASP A O     1 
ATOM   216  C  CB    . ASP A 1 30  ? 8.52761   -7.75295  16.43546  1.000 30.00000 ? 30  ASP A CB    1 
ATOM   217  C  CG    . ASP A 1 30  ? 7.52485   -7.10417  17.37329  1.000 30.00000 ? 30  ASP A CG    1 
ATOM   218  O  OD1   . ASP A 1 30  ? 6.43063   -7.67504  17.55393  1.000 30.00000 ? 30  ASP A OD1   1 
ATOM   219  O  OD2   . ASP A 1 30  ? 7.85282   -6.03891  17.92724  1.000 30.00000 ? 30  ASP A OD2   1 
ATOM   220  N  N     . GLU A 1 31  ? 8.80278   -9.50549  13.36869  1.000 31.50000 ? 31  GLU A N     1 
ATOM   221  C  CA    . GLU A 1 31  ? 9.81232   -10.20877 12.53376  1.000 32.85000 ? 31  GLU A CA    1 
ATOM   222  C  C     . GLU A 1 31  ? 9.14499   -11.06574 11.45919  1.000 33.42000 ? 31  GLU A C     1 
ATOM   223  O  O     . GLU A 1 31  ? 9.10408   -12.28891 11.64383  1.000 44.37000 ? 31  GLU A O     1 
ATOM   224  C  CB    . GLU A 1 31  ? 10.69044  -11.10681 13.40419  1.000 30.00000 ? 31  GLU A CB    1 
ATOM   225  C  CG    . GLU A 1 31  ? 12.17635  -10.82388 13.25067  1.000 30.00000 ? 31  GLU A CG    1 
ATOM   226  C  CD    . GLU A 1 31  ? 13.09339  -11.72771 14.05789  1.000 30.00000 ? 31  GLU A CD    1 
ATOM   227  O  OE1   . GLU A 1 31  ? 12.58609  -12.45081 14.93742  1.000 30.00000 ? 31  GLU A OE1   1 
ATOM   228  O  OE2   . GLU A 1 31  ? 14.31313  -11.70406 13.80638  1.000 30.00000 ? 31  GLU A OE2   1 
ATOM   229  N  N     . TYR A 1 32  ? 8.64474   -10.45397 10.38757  1.000 32.42000 ? 32  TYR A N     1 
ATOM   230  C  CA    . TYR A 1 32  ? 8.10477   -11.23193 9.24612   1.000 19.74000 ? 32  TYR A CA    1 
ATOM   231  C  C     . TYR A 1 32  ? 9.23825   -11.31006 8.22437   1.000 30.01000 ? 32  TYR A C     1 
ATOM   232  O  O     . TYR A 1 32  ? 9.80925   -10.24524 7.92799   1.000 34.06000 ? 32  TYR A O     1 
ATOM   233  C  CB    . TYR A 1 32  ? 6.86796   -10.52105 8.69442   1.000 24.85000 ? 32  TYR A CB    1 
ATOM   234  C  CG    . TYR A 1 32  ? 6.09851   -11.20508 7.59218   1.000 31.59000 ? 32  TYR A CG    1 
ATOM   235  C  CD1   . TYR A 1 32  ? 6.66385   -11.41981 6.34977   1.000 34.49000 ? 32  TYR A CD1   1 
ATOM   236  C  CD2   . TYR A 1 32  ? 4.78118   -11.58518 7.76409   1.000 29.93000 ? 32  TYR A CD2   1 
ATOM   237  C  CE1   . TYR A 1 32  ? 5.96924   -12.02424 5.31838   1.000 31.58000 ? 32  TYR A CE1   1 
ATOM   238  C  CE2   . TYR A 1 32  ? 4.06551   -12.18878 6.74260   1.000 34.54000 ? 32  TYR A CE2   1 
ATOM   239  C  CZ    . TYR A 1 32  ? 4.66056   -12.40775 5.51344   1.000 34.59000 ? 32  TYR A CZ    1 
ATOM   240  O  OH    . TYR A 1 32  ? 3.98962   -12.99657 4.48485   1.000 28.41000 ? 32  TYR A OH    1 
ATOM   241  N  N     . ASP A 1 33  ? 9.54996   -12.50852 7.71006   1.000 35.63000 ? 33  ASP A N     1 
ATOM   242  C  CA    . ASP A 1 33  ? 10.65284  -12.67162 6.76568   1.000 39.94000 ? 33  ASP A CA    1 
ATOM   243  C  C     . ASP A 1 33  ? 10.64168  -11.57869 5.69131   1.000 33.88000 ? 33  ASP A C     1 
ATOM   244  O  O     . ASP A 1 33  ? 9.63489   -11.42355 4.97766   1.000 30.07000 ? 33  ASP A O     1 
ATOM   245  C  CB    . ASP A 1 33  ? 10.58736  -14.04075 6.10516   1.000 37.27000 ? 33  ASP A CB    1 
ATOM   246  C  CG    . ASP A 1 33  ? 11.96387  -14.56739 5.68828   1.000 46.95000 ? 33  ASP A CG    1 
ATOM   247  O  OD1   . ASP A 1 33  ? 12.76579  -13.77726 5.15603   1.000 40.91000 ? 33  ASP A OD1   1 
ATOM   248  O  OD2   . ASP A 1 33  ? 12.23223  -15.77434 5.88791   1.000 59.81000 ? 33  ASP A OD2   1 
ATOM   249  N  N     . PRO A 1 34  ? 11.72463  -10.80623 5.55757   1.000 34.21000 ? 34  PRO A N     1 
ATOM   250  C  CA    . PRO A 1 34  ? 11.79862  -9.82108  4.47888   1.000 29.19000 ? 34  PRO A CA    1 
ATOM   251  C  C     . PRO A 1 34  ? 11.94119  -10.44045 3.10584   1.000 29.66000 ? 34  PRO A C     1 
ATOM   252  O  O     . PRO A 1 34  ? 11.64726  -9.76381  2.11460   1.000 31.65000 ? 34  PRO A O     1 
ATOM   253  C  CB    . PRO A 1 34  ? 13.04212  -9.00988  4.84058   1.000 42.61000 ? 34  PRO A CB    1 
ATOM   254  C  CG    . PRO A 1 34  ? 13.92603  -10.01716 5.49352   1.000 44.16000 ? 34  PRO A CG    1 
ATOM   255  C  CD    . PRO A 1 34  ? 12.98961  -10.87943 6.31012   1.000 44.62000 ? 34  PRO A CD    1 
ATOM   256  N  N     . THR A 1 35  ? 12.27167  -11.72823 3.03729   1.000 32.06000 ? 35  THR A N     1 
ATOM   257  C  CA    . THR A 1 35  ? 12.41449  -12.41279 1.72704   1.000 37.48000 ? 35  THR A CA    1 
ATOM   258  C  C     . THR A 1 35  ? 11.08479  -13.05168 1.32128   1.000 34.96000 ? 35  THR A C     1 
ATOM   259  O  O     . THR A 1 35  ? 11.06070  -13.70981 0.26442   1.000 40.48000 ? 35  THR A O     1 
ATOM   260  C  CB    . THR A 1 35  ? 13.55985  -13.43269 1.74665   1.000 29.68000 ? 35  THR A CB    1 
ATOM   261  O  OG1   . THR A 1 35  ? 13.10351  -14.61315 2.40966   1.000 34.71000 ? 35  THR A OG1   1 
ATOM   262  C  CG2   . THR A 1 35  ? 14.80909  -12.91054 2.42076   1.000 31.11000 ? 35  THR A CG2   1 
ATOM   263  N  N     . ILE A 1 36  ? 10.01910  -12.85824 2.10316   1.000 35.89000 ? 36  ILE A N     1 
ATOM   264  C  CA    . ILE A 1 36  ? 8.74037   -13.56905 1.79532   1.000 34.02000 ? 36  ILE A CA    1 
ATOM   265  C  C     . ILE A 1 36  ? 7.70962   -12.62712 1.16704   1.000 21.81000 ? 36  ILE A C     1 
ATOM   266  O  O     . ILE A 1 36  ? 7.26672   -11.68945 1.85597   1.000 23.65000 ? 36  ILE A O     1 
ATOM   267  C  CB    . ILE A 1 36  ? 8.19799   -14.34483 3.01398   1.000 36.11000 ? 36  ILE A CB    1 
ATOM   268  C  CG1   . ILE A 1 36  ? 9.03754   -15.59238 3.29489   1.000 36.95000 ? 36  ILE A CG1   1 
ATOM   269  C  CG2   . ILE A 1 36  ? 6.73174   -14.70731 2.83550   1.000 34.87000 ? 36  ILE A CG2   1 
ATOM   270  C  CD1   . ILE A 1 36  ? 9.29018   -16.45040 2.07922   1.000 48.82000 ? 36  ILE A CD1   1 
ATOM   271  N  N     . GLU A 1 37  ? 7.38608   -12.84659 -0.10971  1.000 21.19000 ? 37  GLU A N     1 
ATOM   272  C  CA    . GLU A 1 37  ? 6.31514   -12.06917 -0.77359  1.000 19.55000 ? 37  GLU A CA    1 
ATOM   273  C  C     . GLU A 1 37  ? 5.07857   -12.95791 -0.74562  1.000 21.72000 ? 37  GLU A C     1 
ATOM   274  O  O     . GLU A 1 37  ? 5.18325   -14.10187 -1.22208  1.000 30.68000 ? 37  GLU A O     1 
ATOM   275  C  CB    . GLU A 1 37  ? 6.65789   -11.81619 -2.23832  1.000 27.17000 ? 37  GLU A CB    1 
ATOM   276  C  CG    . GLU A 1 37  ? 5.46450   -11.37101 -3.06378  1.000 32.76000 ? 37  GLU A CG    1 
ATOM   277  C  CD    . GLU A 1 37  ? 5.75415   -11.08324 -4.52213  1.000 44.07000 ? 37  GLU A CD    1 
ATOM   278  O  OE1   . GLU A 1 37  ? 6.44718   -10.08877 -4.79547  1.000 39.74000 ? 37  GLU A OE1   1 
ATOM   279  O  OE2   . GLU A 1 37  ? 5.27700   -11.85243 -5.37824  1.000 40.82000 ? 37  GLU A OE2   1 
ATOM   280  N  N     . ASP A 1 38  ? 3.95152   -12.50744 -0.18170  1.000 19.84000 ? 38  ASP A N     1 
ATOM   281  C  CA    . ASP A 1 38  ? 2.78155   -13.42116 -0.04212  1.000 23.01000 ? 38  ASP A CA    1 
ATOM   282  C  C     . ASP A 1 38  ? 1.46480   -12.65314 -0.13929  1.000 18.68000 ? 38  ASP A C     1 
ATOM   283  O  O     . ASP A 1 38  ? 1.47377   -11.45521 0.11136   1.000 17.87000 ? 38  ASP A O     1 
ATOM   284  C  CB    . ASP A 1 38  ? 2.85990   -14.21979 1.26162   1.000 26.71000 ? 38  ASP A CB    1 
ATOM   285  C  CG    . ASP A 1 38  ? 1.95870   -15.43925 1.31785   1.000 25.30000 ? 38  ASP A CG    1 
ATOM   286  O  OD1   . ASP A 1 38  ? 1.56189   -15.92512 0.24305   1.000 25.36000 ? 38  ASP A OD1   1 
ATOM   287  O  OD2   . ASP A 1 38  ? 1.65753   -15.88824 2.43714   1.000 27.27000 ? 38  ASP A OD2   1 
ATOM   288  N  N     . SER A 1 39  ? 0.37399   -13.34716 -0.46942  1.000 23.61000 ? 39  SER A N     1 
ATOM   289  C  CA    . SER A 1 39  ? -0.96167  -12.71046 -0.58154  1.000 26.66000 ? 39  SER A CA    1 
ATOM   290  C  C     . SER A 1 39  ? -1.83068  -13.10331 0.61589   1.000 23.27000 ? 39  SER A C     1 
ATOM   291  O  O     . SER A 1 39  ? -1.60578  -14.20120 1.14906   1.000 28.65000 ? 39  SER A O     1 
ATOM   292  C  CB    . SER A 1 39  ? -1.62105  -13.07392 -1.88405  1.000 31.87000 ? 39  SER A CB    1 
ATOM   293  O  OG    . SER A 1 39  ? -2.55722  -12.08078 -2.27765  1.000 24.66000 ? 39  SER A OG    1 
ATOM   294  N  N     . TYR A 1 40  ? -2.77737  -12.24881 1.01348   1.000 19.77000 ? 40  TYR A N     1 
ATOM   295  C  CA    . TYR A 1 40  ? -3.63962  -12.50678 2.19566   1.000 15.64000 ? 40  TYR A CA    1 
ATOM   296  C  C     . TYR A 1 40  ? -5.03200  -11.92020 1.95630   1.000 17.96000 ? 40  TYR A C     1 
ATOM   297  O  O     . TYR A 1 40  ? -5.10764  -10.79274 1.48679   1.000 28.76000 ? 40  TYR A O     1 
ATOM   298  C  CB    . TYR A 1 40  ? -3.03956  -11.85596 3.44218   1.000 17.18000 ? 40  TYR A CB    1 
ATOM   299  C  CG    . TYR A 1 40  ? -1.76211  -12.46348 3.96327   1.000 21.01000 ? 40  TYR A CG    1 
ATOM   300  C  CD1   . TYR A 1 40  ? -1.79081  -13.49568 4.88096   1.000 19.43000 ? 40  TYR A CD1   1 
ATOM   301  C  CD2   . TYR A 1 40  ? -0.52505  -12.00020 3.54972   1.000 20.72000 ? 40  TYR A CD2   1 
ATOM   302  C  CE1   . TYR A 1 40  ? -0.62428  -14.05939 5.36809   1.000 28.05000 ? 40  TYR A CE1   1 
ATOM   303  C  CE2   . TYR A 1 40  ? 0.65070   -12.54918 4.02694   1.000 29.65000 ? 40  TYR A CE2   1 
ATOM   304  C  CZ    . TYR A 1 40  ? 0.60100   -13.58626 4.94004   1.000 31.59000 ? 40  TYR A CZ    1 
ATOM   305  O  OH    . TYR A 1 40  ? 1.75063   -14.14176 5.41758   1.000 30.55000 ? 40  TYR A OH    1 
ATOM   306  N  N     . ARG A 1 41  ? -6.09568  -12.64409 2.28912   1.000 17.30000 ? 41  ARG A N     1 
ATOM   307  C  CA    . ARG A 1 41  ? -7.46796  -12.20224 2.12988   1.000 19.62000 ? 41  ARG A CA    1 
ATOM   308  C  C     . ARG A 1 41  ? -8.08812  -11.97552 3.49656   1.000 29.30000 ? 41  ARG A C     1 
ATOM   309  O  O     . ARG A 1 41  ? -7.90785  -12.77257 4.42519   1.000 25.81000 ? 41  ARG A O     1 
ATOM   310  C  CB    . ARG A 1 41  ? -8.31365  -13.20703 1.39431   1.000 23.04000 ? 41  ARG A CB    1 
ATOM   311  C  CG    . ARG A 1 41  ? -9.79083  -12.90560 1.48184   1.000 18.66000 ? 41  ARG A CG    1 
ATOM   312  C  CD    . ARG A 1 41  ? -10.60013 -13.98120 0.84037   1.000 24.40000 ? 41  ARG A CD    1 
ATOM   313  N  NE    . ARG A 1 41  ? -10.56236 -13.89553 -0.60964  1.000 29.83000 ? 41  ARG A NE    1 
ATOM   314  C  CZ    . ARG A 1 41  ? -11.31104 -14.64449 -1.40762  1.000 41.83000 ? 41  ARG A CZ    1 
ATOM   315  N  NH1   . ARG A 1 41  ? -12.16427 -15.52746 -0.91777  1.000 46.30000 ? 41  ARG A NH1   1 
ATOM   316  N  NH2   . ARG A 1 41  ? -11.21780 -14.49378 -2.72958  1.000 42.09000 ? 41  ARG A NH2   1 
ATOM   317  N  N     . LYS A 1 42  ? -8.83985  -10.88714 3.59759   1.000 32.44000 ? 42  LYS A N     1 
ATOM   318  C  CA    . LYS A 1 42  ? -9.62118  -10.52114 4.77315   1.000 40.96000 ? 42  LYS A CA    1 
ATOM   319  C  C     . LYS A 1 42  ? -11.03291 -10.21233 4.30689   1.000 22.88000 ? 42  LYS A C     1 
ATOM   320  O  O     . LYS A 1 42  ? -11.23633 -9.26163  3.55074   1.000 22.06000 ? 42  LYS A O     1 
ATOM   321  C  CB    . LYS A 1 42  ? -8.98700  -9.32132  5.48684   1.000 32.83000 ? 42  LYS A CB    1 
ATOM   322  C  CG    . LYS A 1 42  ? -9.52942  -8.97840  6.85426   1.000 26.92000 ? 42  LYS A CG    1 
ATOM   323  C  CD    . LYS A 1 42  ? -9.39643  -10.15252 7.82239   1.000 26.06000 ? 42  LYS A CD    1 
ATOM   324  C  CE    . LYS A 1 42  ? -9.80630  -9.71662  9.23933   1.000 44.61000 ? 42  LYS A CE    1 
ATOM   325  N  NZ    . LYS A 1 42  ? -10.03547 -10.81769 10.20932  1.000 39.87000 ? 42  LYS A NZ    1 
ATOM   326  N  N     . GLN A 1 43  ? -12.01036 -11.01278 4.72315   1.000 24.44000 ? 43  GLN A N     1 
ATOM   327  C  CA    . GLN A 1 43  ? -13.38620 -10.58489 4.49748   1.000 28.62000 ? 43  GLN A CA    1 
ATOM   328  C  C     . GLN A 1 43  ? -13.68978 -9.50712  5.52210   1.000 25.34000 ? 43  GLN A C     1 
ATOM   329  O  O     . GLN A 1 43  ? -13.77464 -9.79095  6.71662   1.000 28.78000 ? 43  GLN A O     1 
ATOM   330  C  CB    . GLN A 1 43  ? -14.38915 -11.72815 4.59858   1.000 24.04000 ? 43  GLN A CB    1 
ATOM   331  C  CG    . GLN A 1 43  ? -15.80426 -11.22608 4.38407   1.000 29.08000 ? 43  GLN A CG    1 
ATOM   332  C  CD    . GLN A 1 43  ? -16.85225 -12.32798 4.34735   1.000 35.79000 ? 43  GLN A CD    1 
ATOM   333  O  OE1   . GLN A 1 43  ? -16.95310 -13.07497 3.37362   1.000 40.58000 ? 43  GLN A OE1   1 
ATOM   334  N  NE2   . GLN A 1 43  ? -17.66079 -12.41225 5.40569   1.000 36.93000 ? 43  GLN A NE2   1 
ATOM   335  N  N     . VAL A 1 44  ? -13.80902 -8.26592  5.07613   1.000 24.09000 ? 44  VAL A N     1 
ATOM   336  C  CA    . VAL A 1 44  ? -14.32387 -7.19989  5.92320   1.000 28.90000 ? 44  VAL A CA    1 
ATOM   337  C  C     . VAL A 1 44  ? -15.48103 -6.53679  5.19291   1.000 29.64000 ? 44  VAL A C     1 
ATOM   338  O  O     . VAL A 1 44  ? -15.59807 -6.62464  3.96871   1.000 29.21000 ? 44  VAL A O     1 
ATOM   339  C  CB    . VAL A 1 44  ? -13.23920 -6.18116  6.34065   1.000 34.18000 ? 44  VAL A CB    1 
ATOM   340  N  N     . VAL A 1 45  ? -16.37343 -5.91835  5.95417   1.000 28.06000 ? 45  VAL A N     1 
ATOM   341  C  CA    . VAL A 1 45  ? -17.49671 -5.17855  5.38954   1.000 31.78000 ? 45  VAL A CA    1 
ATOM   342  C  C     . VAL A 1 45  ? -17.10092 -3.71424  5.36243   1.000 30.04000 ? 45  VAL A C     1 
ATOM   343  O  O     . VAL A 1 45  ? -16.86655 -3.11650  6.41812   1.000 27.96000 ? 45  VAL A O     1 
ATOM   344  C  CB    . VAL A 1 45  ? -18.78966 -5.36412  6.20817   1.000 37.38000 ? 45  VAL A CB    1 
ATOM   345  C  CG1   . VAL A 1 45  ? -20.01751 -4.86705  5.41568   1.000 31.55000 ? 45  VAL A CG1   1 
ATOM   346  C  CG2   . VAL A 1 45  ? -18.96667 -6.83458  6.69393   1.000 43.27000 ? 45  VAL A CG2   1 
ATOM   347  N  N     . ILE A 1 46  ? -17.03406 -3.12016  4.17630   1.000 35.54000 ? 46  ILE A N     1 
ATOM   348  C  CA    . ILE A 1 46  ? -16.65142 -1.71445  4.02770   1.000 43.26000 ? 46  ILE A CA    1 
ATOM   349  C  C     . ILE A 1 46  ? -17.83995 -0.91667  3.46434   1.000 39.80000 ? 46  ILE A C     1 
ATOM   350  O  O     . ILE A 1 46  ? -18.19747 -1.04506  2.28526   1.000 36.08000 ? 46  ILE A O     1 
ATOM   351  C  CB    . ILE A 1 46  ? -15.40373 -1.54526  3.15273   1.000 35.18000 ? 46  ILE A CB    1 
ATOM   352  C  CG1   . ILE A 1 46  ? -14.34463 -2.56237  3.50190   1.000 28.25000 ? 46  ILE A CG1   1 
ATOM   353  C  CG2   . ILE A 1 46  ? -14.76152 -0.20721  3.40121   1.000 32.38000 ? 46  ILE A CG2   1 
ATOM   354  C  CD1   . ILE A 1 46  ? -13.13178 -2.37885  2.64408   1.000 40.98000 ? 46  ILE A CD1   1 
ATOM   355  N  N     . ASP A 1 47  ? -18.43892 -0.08252  4.31848   1.000 42.66000 ? 47  ASP A N     1 
ATOM   356  C  CA    . ASP A 1 47  ? -19.53779 0.82081   3.97515   1.000 42.03000 ? 47  ASP A CA    1 
ATOM   357  C  C     . ASP A 1 47  ? -20.79358 0.09427   3.51793   1.000 41.11000 ? 47  ASP A C     1 
ATOM   358  O  O     . ASP A 1 47  ? -21.50987 0.59505   2.65367   1.000 44.82000 ? 47  ASP A O     1 
ATOM   359  C  CB    . ASP A 1 47  ? -19.12031 1.82698   2.91005   1.000 49.32000 ? 47  ASP A CB    1 
ATOM   360  C  CG    . ASP A 1 47  ? -17.92084 2.64538   3.33030   1.000 62.35000 ? 47  ASP A CG    1 
ATOM   361  O  OD1   . ASP A 1 47  ? -17.80373 2.96883   4.53130   1.000 62.05000 ? 47  ASP A OD1   1 
ATOM   362  O  OD2   . ASP A 1 47  ? -17.09979 2.95270   2.44350   1.000 54.04000 ? 47  ASP A OD2   1 
ATOM   363  N  N     . GLY A 1 48  ? -21.10623 -1.05237  4.11660   1.000 34.70000 ? 48  GLY A N     1 
ATOM   364  C  CA    . GLY A 1 48  ? -22.29005 -1.79630  3.78523   1.000 29.15000 ? 48  GLY A CA    1 
ATOM   365  C  C     . GLY A 1 48  ? -22.03705 -3.00853  2.92546   1.000 38.96000 ? 48  GLY A C     1 
ATOM   366  O  O     . GLY A 1 48  ? -22.82536 -3.96688  2.96611   1.000 39.90000 ? 48  GLY A O     1 
ATOM   367  N  N     . GLU A 1 49  ? -20.93401 -3.01400  2.19527   1.000 42.75000 ? 49  GLU A N     1 
ATOM   368  C  CA    . GLU A 1 49  ? -20.63751 -4.04903  1.21749   1.000 44.07000 ? 49  GLU A CA    1 
ATOM   369  C  C     . GLU A 1 49  ? -19.53585 -4.96081  1.74056   1.000 39.65000 ? 49  GLU A C     1 
ATOM   370  O  O     . GLU A 1 49  ? -18.39722 -4.52409  1.94876   1.000 31.46000 ? 49  GLU A O     1 
ATOM   371  C  CB    . GLU A 1 49  ? -20.23620 -3.43001  -0.10698  1.000 37.18000 ? 49  GLU A CB    1 
ATOM   372  C  CG    . GLU A 1 49  ? -21.36056 -2.71969  -0.74063  1.000 65.82000 ? 49  GLU A CG    1 
ATOM   373  C  CD    . GLU A 1 49  ? -20.94516 -2.04469  -2.01925  1.000 62.20000 ? 49  GLU A CD    1 
ATOM   374  O  OE1   . GLU A 1 49  ? -19.72223 -1.97912  -2.30842  1.000 44.89000 ? 49  GLU A OE1   1 
ATOM   375  O  OE2   . GLU A 1 49  ? -21.85329 -1.56294  -2.72694  1.000 64.61000 ? 49  GLU A OE2   1 
ATOM   376  N  N     . THR A 1 50  ? -19.88680 -6.22687  1.95056   1.000 41.77000 ? 50  THR A N     1 
ATOM   377  C  CA    . THR A 1 50  ? -18.88872 -7.22995  2.26791   1.000 36.93000 ? 50  THR A CA    1 
ATOM   378  C  C     . THR A 1 50  ? -17.86053 -7.28227  1.14623   1.000 35.34000 ? 50  THR A C     1 
ATOM   379  O  O     . THR A 1 50  ? -18.21965 -7.40029  -0.02901  1.000 34.16000 ? 50  THR A O     1 
ATOM   380  C  CB    . THR A 1 50  ? -19.57677 -8.57543  2.47631   1.000 27.70000 ? 50  THR A CB    1 
ATOM   381  O  OG1   . THR A 1 50  ? -20.65443 -8.38666  3.39955   1.000 40.14000 ? 50  THR A OG1   1 
ATOM   382  C  CG2   . THR A 1 50  ? -18.60359 -9.59055  3.07550   1.000 35.53000 ? 50  THR A CG2   1 
ATOM   383  N  N     . CYS A 1 51  ? -16.58804 -7.13840  1.50788   1.000 34.93000 ? 51  CYS A N     1 
ATOM   384  C  CA    . CYS A 1 51  ? -15.50703 -7.05670  0.53763   1.000 30.22000 ? 51  CYS A CA    1 
ATOM   385  C  C     . CYS A 1 51  ? -14.43488 -8.07332  0.88957   1.000 35.41000 ? 51  CYS A C     1 
ATOM   386  O  O     . CYS A 1 51  ? -13.88120 -8.03653  1.99384   1.000 35.21000 ? 51  CYS A O     1 
ATOM   387  C  CB    . CYS A 1 51  ? -14.91654 -5.64609  0.49269   1.000 30.00000 ? 51  CYS A CB    1 
ATOM   388  S  SG    . CYS A 1 51  ? -16.05139 -4.38131  -0.12394  1.000 30.00000 ? 51  CYS A SG    1 
ATOM   389  N  N     . LEU A 1 52  ? -14.12679 -8.95628  -0.06337  1.000 37.53000 ? 52  LEU A N     1 
ATOM   390  C  CA    . LEU A 1 52  ? -12.98482 -9.86897  0.02563   1.000 38.32000 ? 52  LEU A CA    1 
ATOM   391  C  C     . LEU A 1 52  ? -11.74803 -9.15569  -0.52927  1.000 34.93000 ? 52  LEU A C     1 
ATOM   392  O  O     . LEU A 1 52  ? -11.45503 -9.24686  -1.72221  1.000 32.14000 ? 52  LEU A O     1 
ATOM   393  C  CB    . LEU A 1 52  ? -13.28777 -11.16554 -0.72969  1.000 30.53000 ? 52  LEU A CB    1 
ATOM   394  C  CG    . LEU A 1 52  ? -14.58471 -11.89550 -0.32213  1.000 37.32000 ? 52  LEU A CG    1 
ATOM   395  C  CD1   . LEU A 1 52  ? -14.98004 -13.08479 -1.20978  1.000 43.61000 ? 52  LEU A CD1   1 
ATOM   396  C  CD2   . LEU A 1 52  ? -14.50857 -12.36094 1.12558   1.000 50.72000 ? 52  LEU A CD2   1 
ATOM   397  N  N     . LEU A 1 53  ? -11.01952 -8.43858  0.33583   1.000 28.09000 ? 53  LEU A N     1 
ATOM   398  C  CA    . LEU A 1 53  ? -9.75270  -7.80151  -0.02993  1.000 24.60000 ? 53  LEU A CA    1 
ATOM   399  C  C     . LEU A 1 53  ? -8.64053  -8.83484  -0.11765  1.000 24.03000 ? 53  LEU A C     1 
ATOM   400  O  O     . LEU A 1 53  ? -8.17938  -9.33192  0.91448   1.000 28.52000 ? 53  LEU A O     1 
ATOM   401  C  CB    . LEU A 1 53  ? -9.34680  -6.75380  0.99820   1.000 27.83000 ? 53  LEU A CB    1 
ATOM   402  C  CG    . LEU A 1 53  ? -10.45014 -5.80945  1.42406   1.000 33.93000 ? 53  LEU A CG    1 
ATOM   403  C  CD1   . LEU A 1 53  ? -9.95924  -4.74541  2.40816   1.000 29.53000 ? 53  LEU A CD1   1 
ATOM   404  C  CD2   . LEU A 1 53  ? -10.99866 -5.20066  0.16790   1.000 32.06000 ? 53  LEU A CD2   1 
ATOM   405  N  N     . ASP A 1 54  ? -8.11943  -9.05171  -1.32970  1.000 25.37000 ? 54  ASP A N     1 
ATOM   406  C  CA    . ASP A 1 54  ? -6.95901  -9.96390  -1.51748  1.000 20.67000 ? 54  ASP A CA    1 
ATOM   407  C  C     . ASP A 1 54  ? -5.70412  -9.09213  -1.57785  1.000 21.81000 ? 54  ASP A C     1 
ATOM   408  O  O     . ASP A 1 54  ? -5.41135  -8.57595  -2.65960  1.000 25.26000 ? 54  ASP A O     1 
ATOM   409  C  CB    . ASP A 1 54  ? -7.14679  -10.83874 -2.75390  1.000 23.57000 ? 54  ASP A CB    1 
ATOM   410  C  CG    . ASP A 1 54  ? -8.25560  -11.86481 -2.61747  1.000 36.69000 ? 54  ASP A CG    1 
ATOM   411  O  OD1   . ASP A 1 54  ? -9.27587  -11.54841 -1.98196  1.000 34.80000 ? 54  ASP A OD1   1 
ATOM   412  O  OD2   . ASP A 1 54  ? -8.09226  -12.97361 -3.15667  1.000 41.12000 ? 54  ASP A OD2   1 
ATOM   413  N  N     . ILE A 1 55  ? -4.99064  -8.94679  -0.46644  1.000 19.48000 ? 55  ILE A N     1 
ATOM   414  C  CA    . ILE A 1 55  ? -3.81763  -8.02924  -0.37751  1.000 18.96000 ? 55  ILE A CA    1 
ATOM   415  C  C     . ILE A 1 55  ? -2.52819  -8.78195  -0.70677  1.000 29.04000 ? 55  ILE A C     1 
ATOM   416  O  O     . ILE A 1 55  ? -2.28720  -9.80539  -0.07021  1.000 29.68000 ? 55  ILE A O     1 
ATOM   417  C  CB    . ILE A 1 55  ? -3.78217  -7.45783  1.05144   1.000 20.85000 ? 55  ILE A CB    1 
ATOM   418  C  CG1   . ILE A 1 55  ? -5.14577  -6.91980  1.48316   1.000 25.49000 ? 55  ILE A CG1   1 
ATOM   419  C  CG2   . ILE A 1 55  ? -2.67475  -6.43866  1.24854   1.000 16.41000 ? 55  ILE A CG2   1 
ATOM   420  C  CD1   . ILE A 1 55  ? -5.42066  -7.09538  2.95043   1.000 20.42000 ? 55  ILE A CD1   1 
ATOM   421  N  N     . LEU A 1 56  ? -1.72571  -8.28541  -1.65659  1.000 32.98000 ? 56  LEU A N     1 
ATOM   422  C  CA    . LEU A 1 56  ? -0.41245  -8.91552  -1.95710  1.000 25.27000 ? 56  LEU A CA    1 
ATOM   423  C  C     . LEU A 1 56  ? 0.69367   -8.09968  -1.29447  1.000 19.68000 ? 56  LEU A C     1 
ATOM   424  O  O     . LEU A 1 56  ? 0.87987   -6.94120  -1.68635  1.000 25.70000 ? 56  LEU A O     1 
ATOM   425  C  CB    . LEU A 1 56  ? -0.18687  -8.98709  -3.46819  1.000 22.09000 ? 56  LEU A CB    1 
ATOM   426  C  CG    . LEU A 1 56  ? 1.23689   -9.35067  -3.88943  1.000 25.75000 ? 56  LEU A CG    1 
ATOM   427  C  CD1   . LEU A 1 56  ? 1.49227   -10.83903 -3.72248  1.000 34.42000 ? 56  LEU A CD1   1 
ATOM   428  C  CD2   . LEU A 1 56  ? 1.51094   -8.91145  -5.31687  1.000 60.71000 ? 56  LEU A CD2   1 
ATOM   429  N  N     . ASP A 1 57  ? 1.41561   -8.68209  -0.34040  1.000 20.99000 ? 57  ASP A N     1 
ATOM   430  C  CA    . ASP A 1 57  ? 2.58213   -7.97475  0.24341   1.000 14.70000 ? 57  ASP A CA    1 
ATOM   431  C  C     . ASP A 1 57  ? 3.76496   -8.26142  -0.67910  1.000 17.36000 ? 57  ASP A C     1 
ATOM   432  O  O     . ASP A 1 57  ? 4.28131   -9.38056  -0.64109  1.000 23.26000 ? 57  ASP A O     1 
ATOM   433  C  CB    . ASP A 1 57  ? 2.79159   -8.40760  1.69596   1.000 21.72000 ? 57  ASP A CB    1 
ATOM   434  N  N     . THR A 1 58  ? 4.12292   -7.30680  -1.53509  1.000 11.01000 ? 58  THR A N     1 
ATOM   435  C  CA    . THR A 1 58  ? 5.22670   -7.54995  -2.49062  1.000 15.81000 ? 58  THR A CA    1 
ATOM   436  C  C     . THR A 1 58  ? 6.53407   -7.28557  -1.76409  1.000 19.00000 ? 58  THR A C     1 
ATOM   437  C  CB    . THR A 1 58  ? 5.06384   -6.73965  -3.77491  1.000 15.08000 ? 58  THR A CB    1 
ATOM   438  O  OG1   . THR A 1 58  ? 6.02049   -7.14522  -4.75341  1.000 18.30000 ? 58  THR A OG1   1 
ATOM   439  C  CG2   . THR A 1 58  ? 5.17394   -5.25962  -3.51553  1.000 20.79000 ? 58  THR A CG2   1 
ATOM   440  N  N     . ALA A 1 59  ? 7.29406   -8.33711  -1.48183  1.000 22.84000 ? 59  ALA A N     1 
ATOM   441  C  CA    . ALA A 1 59  ? 8.51752   -8.16179  -0.68110  1.000 20.36000 ? 59  ALA A CA    1 
ATOM   442  C  C     . ALA A 1 59  ? 9.49241   -9.30921  -0.93483  1.000 23.28000 ? 59  ALA A C     1 
ATOM   443  O  O     . ALA A 1 59  ? 9.42186   -10.30065 -0.20133  1.000 26.53000 ? 59  ALA A O     1 
ATOM   444  C  CB    . ALA A 1 59  ? 8.12860   -8.11437  0.76934   1.000 23.61000 ? 59  ALA A CB    1 
ATOM   445  N  N     . GLY A 1 60  ? 10.38704  -9.16642  -1.90891  1.000 27.00000 ? 60  GLY A N     1 
ATOM   446  C  CA    . GLY A 1 60  ? 11.42682  -10.19263 -2.11187  1.000 37.94000 ? 60  GLY A CA    1 
ATOM   447  C  C     . GLY A 1 60  ? 12.64117  -9.62747  -2.82096  1.000 36.90000 ? 60  GLY A C     1 
ATOM   448  O  O     . GLY A 1 60  ? 13.32866  -8.77951  -2.22538  1.000 26.28000 ? 60  GLY A O     1 
ATOM   449  N  N     . GLN A 1 61  ? 12.89978  -10.08779 -4.04753  1.000 39.98000 ? 61  GLN A N     1 
ATOM   450  C  CA    . GLN A 1 61  ? 14.02626  -9.56224  -4.85883  1.000 33.16000 ? 61  GLN A CA    1 
ATOM   451  C  C     . GLN A 1 61  ? 13.43798  -8.77576  -6.02715  1.000 31.89000 ? 61  GLN A C     1 
ATOM   452  O  O     . GLN A 1 61  ? 12.22495  -8.89637  -6.26465  1.000 26.99000 ? 61  GLN A O     1 
ATOM   453  C  CB    . GLN A 1 61  ? 14.88033  -10.71647 -5.38032  1.000 47.01000 ? 61  GLN A CB    1 
ATOM   454  C  CG    . GLN A 1 61  ? 16.36516  -10.39276 -5.47018  1.000 82.29000 ? 61  GLN A CG    1 
ATOM   455  C  CD    . GLN A 1 61  ? 17.12989  -10.84532 -4.25107  1.000 62.53000 ? 61  GLN A CD    1 
ATOM   456  O  OE1   . GLN A 1 61  ? 16.62059  -11.58764 -3.41407  1.000 54.83000 ? 61  GLN A OE1   1 
ATOM   457  N  NE2   . GLN A 1 61  ? 18.36870  -10.39468 -4.14295  1.000 50.01000 ? 61  GLN A NE2   1 
ATOM   458  N  N     . GLU A 1 62  ? 14.26887  -8.00182  -6.72197  1.000 32.81000 ? 62  GLU A N     1 
ATOM   459  C  CA    . GLU A 1 62  ? 13.75291  -7.15505  -7.82428  1.000 25.60000 ? 62  GLU A CA    1 
ATOM   460  C  C     . GLU A 1 62  ? 13.72229  -7.96801  -9.11325  1.000 23.54000 ? 62  GLU A C     1 
ATOM   461  O  O     . GLU A 1 62  ? 14.80248  -8.23366  -9.66605  1.000 28.82000 ? 62  GLU A O     1 
ATOM   462  C  CB    . GLU A 1 62  ? 14.61334  -5.90847  -7.99112  1.000 29.70000 ? 62  GLU A CB    1 
ATOM   463  C  CG    . GLU A 1 62  ? 13.90903  -4.81828  -8.76354  1.000 30.10000 ? 62  GLU A CG    1 
ATOM   464  C  CD    . GLU A 1 62  ? 14.33723  -3.42111  -8.36788  1.000 27.63000 ? 62  GLU A CD    1 
ATOM   465  O  OE1   . GLU A 1 62  ? 14.92200  -3.27574  -7.27718  1.000 27.10000 ? 62  GLU A OE1   1 
ATOM   466  O  OE2   . GLU A 1 62  ? 14.06475  -2.48280  -9.13602  1.000 26.93000 ? 62  GLU A OE2   1 
ATOM   467  N  N     . GLU A 1 63  ? 12.52579  -8.35652  -9.55183  1.000 21.56000 ? 63  GLU A N     1 
ATOM   468  C  CA    . GLU A 1 63  ? 12.37592  -9.09143  -10.82763 1.000 27.85000 ? 63  GLU A CA    1 
ATOM   469  C  C     . GLU A 1 63  ? 11.27648  -8.39944  -11.62882 1.000 23.65000 ? 63  GLU A C     1 
ATOM   470  O  O     . GLU A 1 63  ? 10.45252  -7.71395  -11.00701 1.000 27.57000 ? 63  GLU A O     1 
ATOM   471  C  CB    . GLU A 1 63  ? 12.12079  -10.58279 -10.59693 1.000 26.00000 ? 63  GLU A CB    1 
ATOM   472  C  CG    . GLU A 1 63  ? 10.83300  -10.88653 -9.86029  1.000 35.39000 ? 63  GLU A CG    1 
ATOM   473  C  CD    . GLU A 1 63  ? 10.66893  -12.36136 -9.54052  1.000 37.10000 ? 63  GLU A CD    1 
ATOM   474  O  OE1   . GLU A 1 63  ? 11.36571  -13.17505 -10.17445 1.000 37.38000 ? 63  GLU A OE1   1 
ATOM   475  O  OE2   . GLU A 1 63  ? 9.84700   -12.69034 -8.66454  1.000 30.03000 ? 63  GLU A OE2   1 
ATOM   476  N  N     . TYR A 1 64  ? 11.30880  -8.52615  -12.95551 1.000 22.65000 ? 64  TYR A N     1 
ATOM   477  C  CA    . TYR A 1 64  ? 10.32167  -7.83475  -13.81662 1.000 26.11000 ? 64  TYR A CA    1 
ATOM   478  C  C     . TYR A 1 64  ? 9.89207   -8.77256  -14.93761 1.000 42.38000 ? 64  TYR A C     1 
ATOM   479  O  O     . TYR A 1 64  ? 9.73740   -8.29803  -16.07347 1.000 45.90000 ? 64  TYR A O     1 
ATOM   480  C  CB    . TYR A 1 64  ? 10.93461  -6.57518  -14.42434 1.000 27.93000 ? 64  TYR A CB    1 
ATOM   481  C  CG    . TYR A 1 64  ? 11.14473  -5.44565  -13.45463 1.000 29.70000 ? 64  TYR A CG    1 
ATOM   482  C  CD1   . TYR A 1 64  ? 10.14285  -4.52442  -13.20897 1.000 23.99000 ? 64  TYR A CD1   1 
ATOM   483  C  CD2   . TYR A 1 64  ? 12.34486  -5.30124  -12.78408 1.000 29.58000 ? 64  TYR A CD2   1 
ATOM   484  C  CE1   . TYR A 1 64  ? 10.32878  -3.48576  -12.31603 1.000 23.88000 ? 64  TYR A CE1   1 
ATOM   485  C  CE2   . TYR A 1 64  ? 12.54548  -4.26998  -11.88852 1.000 16.13000 ? 64  TYR A CE2   1 
ATOM   486  C  CZ    . TYR A 1 64  ? 11.53238  -3.36310  -11.65037 1.000 19.34000 ? 64  TYR A CZ    1 
ATOM   487  O  OH    . TYR A 1 64  ? 11.73077  -2.34891  -10.76811 1.000 21.05000 ? 64  TYR A OH    1 
ATOM   488  N  N     . SER A 1 65  ? 9.68184   -10.05023 -14.62407 1.000 40.05000 ? 65  SER A N     1 
ATOM   489  C  CA    . SER A 1 65  ? 9.35056   -11.05483 -15.66610 1.000 39.86000 ? 65  SER A CA    1 
ATOM   490  C  C     . SER A 1 65  ? 8.00195   -10.75823 -16.30976 1.000 43.52000 ? 65  SER A C     1 
ATOM   491  O  O     . SER A 1 65  ? 7.21860   -9.98743  -15.72320 1.000 38.82000 ? 65  SER A O     1 
ATOM   492  C  CB    . SER A 1 65  ? 9.33359   -12.43197 -15.06846 1.000 49.40000 ? 65  SER A CB    1 
ATOM   493  O  OG    . SER A 1 65  ? 8.21334   -12.59851 -14.21433 1.000 44.54000 ? 65  SER A OG    1 
ATOM   494  N  N     . ALA A 1 66  ? 7.73573   -11.36612 -17.47067 1.000 55.01000 ? 66  ALA A N     1 
ATOM   495  C  CA    . ALA A 1 66  ? 6.40285   -11.20340 -18.04840 1.000 53.29000 ? 66  ALA A CA    1 
ATOM   496  C  C     . ALA A 1 66  ? 5.33246   -11.76281 -17.11622 1.000 51.72000 ? 66  ALA A C     1 
ATOM   497  O  O     . ALA A 1 66  ? 4.23072   -11.20409 -17.00360 1.000 45.30000 ? 66  ALA A O     1 
ATOM   498  C  CB    . ALA A 1 66  ? 6.33805   -11.88055 -19.41355 1.000 41.62000 ? 66  ALA A CB    1 
ATOM   499  N  N     . MET A 1 67  ? 5.64725   -12.86844 -16.43427 1.000 59.05000 ? 67  MET A N     1 
ATOM   500  C  CA    . MET A 1 67  ? 4.74004   -13.42762 -15.43677 1.000 66.34000 ? 67  MET A CA    1 
ATOM   501  C  C     . MET A 1 67  ? 4.36563   -12.37654 -14.40062 1.000 49.45000 ? 67  MET A C     1 
ATOM   502  O  O     . MET A 1 67  ? 3.19154   -12.23493 -14.03667 1.000 52.19000 ? 67  MET A O     1 
ATOM   503  C  CB    . MET A 1 67  ? 5.38957   -14.65846 -14.76890 1.000 73.70000 ? 67  MET A CB    1 
ATOM   504  C  CG    . MET A 1 67  ? 4.50526   -15.48891 -13.81014 1.000 58.96000 ? 67  MET A CG    1 
ATOM   505  S  SD    . MET A 1 67  ? 5.40569   -16.76888 -12.86493 1.000 63.28000 ? 67  MET A SD    1 
ATOM   506  C  CE    . MET A 1 67  ? 5.40319   -18.20542 -13.96058 1.000 35.79000 ? 67  MET A CE    1 
ATOM   507  N  N     . ARG A 1 68  ? 5.34151   -11.60305 -13.95026 1.000 40.89000 ? 68  ARG A N     1 
ATOM   508  C  CA    . ARG A 1 68  ? 5.09891   -10.67535 -12.85583 1.000 43.10000 ? 68  ARG A CA    1 
ATOM   509  C  C     . ARG A 1 68  ? 4.33504   -9.43564  -13.30000 1.000 40.25000 ? 68  ARG A C     1 
ATOM   510  O  O     . ARG A 1 68  ? 3.66670   -8.79149  -12.48190 1.000 30.05000 ? 68  ARG A O     1 
ATOM   511  C  CB    . ARG A 1 68  ? 6.42867   -10.28536 -12.23260 1.000 36.36000 ? 68  ARG A CB    1 
ATOM   512  C  CG    . ARG A 1 68  ? 6.29072   -9.45879  -11.00951 1.000 30.98000 ? 68  ARG A CG    1 
ATOM   513  C  CD    . ARG A 1 68  ? 7.64203   -9.30742  -10.41612 1.000 27.17000 ? 68  ARG A CD    1 
ATOM   514  N  NE    . ARG A 1 68  ? 7.61529   -8.54280  -9.17764  1.000 30.00000 ? 68  ARG A NE    1 
ATOM   515  C  CZ    . ARG A 1 68  ? 7.36614   -9.06223  -7.98347  1.000 33.47000 ? 68  ARG A CZ    1 
ATOM   516  N  NH1   . ARG A 1 68  ? 7.04256   -10.34277 -7.83612  1.000 44.83000 ? 68  ARG A NH1   1 
ATOM   517  N  NH2   . ARG A 1 68  ? 7.45122   -8.28610  -6.90645  1.000 26.59000 ? 68  ARG A NH2   1 
ATOM   518  N  N     . ASP A 1 69  ? 4.45134   -9.07697  -14.57806 1.000 48.00000 ? 69  ASP A N     1 
ATOM   519  C  CA    . ASP A 1 69  ? 3.65724   -7.97964  -15.11459 1.000 50.28000 ? 69  ASP A CA    1 
ATOM   520  C  C     . ASP A 1 69  ? 2.18228   -8.33892  -15.10271 1.000 41.92000 ? 69  ASP A C     1 
ATOM   521  O  O     . ASP A 1 69  ? 1.36170   -7.66841  -14.46773 1.000 37.12000 ? 69  ASP A O     1 
ATOM   522  C  CB    . ASP A 1 69  ? 4.11711   -7.64943  -16.53528 1.000 46.08000 ? 69  ASP A CB    1 
ATOM   523  C  CG    . ASP A 1 69  ? 5.25776   -6.64325  -16.56472 1.000 43.18000 ? 69  ASP A CG    1 
ATOM   524  O  OD1   . ASP A 1 69  ? 5.91339   -6.43301  -15.51962 1.000 35.01000 ? 69  ASP A OD1   1 
ATOM   525  O  OD2   . ASP A 1 69  ? 5.49536   -6.05507  -17.64121 1.000 47.11000 ? 69  ASP A OD2   1 
ATOM   526  N  N     . GLN A 1 70  ? 1.84072   -9.41947  -15.79896 1.000 46.94000 ? 70  GLN A N     1 
ATOM   527  C  CA    . GLN A 1 70  ? 0.46919   -9.89736  -15.84293 1.000 43.69000 ? 70  GLN A CA    1 
ATOM   528  C  C     . GLN A 1 70  ? -0.08619  -10.09913 -14.44935 1.000 40.19000 ? 70  GLN A C     1 
ATOM   529  O  O     . GLN A 1 70  ? -1.29360  -9.99972  -14.24772 1.000 44.15000 ? 70  GLN A O     1 
ATOM   530  C  CB    . GLN A 1 70  ? 0.41138   -11.20241 -16.63922 1.000 63.54000 ? 70  GLN A CB    1 
ATOM   531  C  CG    . GLN A 1 70  ? -0.99401  -11.63898 -16.97211 1.000 71.49000 ? 70  GLN A CG    1 
ATOM   532  C  CD    . GLN A 1 70  ? -1.84729  -10.48367 -17.42305 1.000 44.67000 ? 70  GLN A CD    1 
ATOM   533  O  OE1   . GLN A 1 70  ? -1.57861  -9.84629  -18.44397 1.000 43.42000 ? 70  GLN A OE1   1 
ATOM   534  N  NE2   . GLN A 1 70  ? -2.87515  -10.18866 -16.64476 1.000 42.45000 ? 70  GLN A NE2   1 
ATOM   535  N  N     . TYR A 1 71  ? 0.77868   -10.37046 -13.47728 1.000 35.01000 ? 71  TYR A N     1 
ATOM   536  C  CA    . TYR A 1 71  ? 0.31097   -10.58368 -12.11406 1.000 39.28000 ? 71  TYR A CA    1 
ATOM   537  C  C     . TYR A 1 71  ? -0.08014  -9.26929  -11.44884 1.000 33.32000 ? 71  TYR A C     1 
ATOM   538  O  O     . TYR A 1 71  ? -1.14997  -9.16497  -10.83755 1.000 31.49000 ? 71  TYR A O     1 
ATOM   539  C  CB    . TYR A 1 71  ? 1.38985   -11.30754 -11.31074 1.000 46.50000 ? 71  TYR A CB    1 
ATOM   540  C  CG    . TYR A 1 71  ? 0.91687   -11.76500 -9.96421  1.000 55.40000 ? 71  TYR A CG    1 
ATOM   541  C  CD1   . TYR A 1 71  ? -0.24639  -12.53738 -9.84043  1.000 55.95000 ? 71  TYR A CD1   1 
ATOM   542  C  CD2   . TYR A 1 71  ? 1.62712   -11.44034 -8.81533  1.000 41.39000 ? 71  TYR A CD2   1 
ATOM   543  C  CE1   . TYR A 1 71  ? -0.68924  -12.96737 -8.60871  1.000 39.27000 ? 71  TYR A CE1   1 
ATOM   544  C  CE2   . TYR A 1 71  ? 1.18777   -11.86618 -7.58427  1.000 49.53000 ? 71  TYR A CE2   1 
ATOM   545  C  CZ    . TYR A 1 71  ? 0.02653   -12.62773 -7.48493  1.000 43.36000 ? 71  TYR A CZ    1 
ATOM   546  O  OH    . TYR A 1 71  ? -0.40109  -13.05388 -6.24948  1.000 43.93000 ? 71  TYR A OH    1 
ATOM   547  N  N     . MET A 1 72  ? 0.78616   -8.25655  -11.54805 1.000 35.16000 ? 72  MET A N     1 
ATOM   548  C  CA    . MET A 1 72  ? 0.50545   -6.93945  -10.99007 1.000 31.92000 ? 72  MET A CA    1 
ATOM   549  C  C     . MET A 1 72  ? -0.51599  -6.16943  -11.80055 1.000 24.82000 ? 72  MET A C     1 
ATOM   550  O  O     . MET A 1 72  ? -0.99240  -5.12631  -11.34330 1.000 25.81000 ? 72  MET A O     1 
ATOM   551  C  CB    . MET A 1 72  ? 1.77859   -6.10372  -10.90945 1.000 22.43000 ? 72  MET A CB    1 
ATOM   552  C  CG    . MET A 1 72  ? 2.83988   -6.65644  -10.03567 1.000 20.70000 ? 72  MET A CG    1 
ATOM   553  S  SD    . MET A 1 72  ? 2.60344   -6.28033  -8.30820  1.000 24.34000 ? 72  MET A SD    1 
ATOM   554  C  CE    . MET A 1 72  ? 4.25269   -6.67631  -7.71430  1.000 17.91000 ? 72  MET A CE    1 
ATOM   555  N  N     . ARG A 1 73  ? -0.82253  -6.63322  -13.00279 1.000 27.31000 ? 73  ARG A N     1 
ATOM   556  C  CA    . ARG A 1 73  ? -1.87671  -6.02754  -13.80338 1.000 34.64000 ? 73  ARG A CA    1 
ATOM   557  C  C     . ARG A 1 73  ? -3.26337  -6.53384  -13.40314 1.000 39.81000 ? 73  ARG A C     1 
ATOM   558  O  O     . ARG A 1 73  ? -4.26540  -5.85578  -13.66829 1.000 32.53000 ? 73  ARG A O     1 
ATOM   559  C  CB    . ARG A 1 73  ? -1.59847  -6.28965  -15.29232 1.000 35.40000 ? 73  ARG A CB    1 
ATOM   560  C  CG    . ARG A 1 73  ? -2.62386  -5.76834  -16.27828 1.000 41.61000 ? 73  ARG A CG    1 
ATOM   561  C  CD    . ARG A 1 73  ? -2.19557  -6.02951  -17.73125 1.000 46.54000 ? 73  ARG A CD    1 
ATOM   562  N  NE    . ARG A 1 73  ? -0.84688  -5.53159  -17.98954 1.000 41.07000 ? 73  ARG A NE    1 
ATOM   563  C  CZ    . ARG A 1 73  ? 0.22022   -6.30285  -18.15149 1.000 50.93000 ? 73  ARG A CZ    1 
ATOM   564  N  NH1   . ARG A 1 73  ? 0.12441   -7.62538  -18.17362 1.000 56.60000 ? 73  ARG A NH1   1 
ATOM   565  N  NH2   . ARG A 1 73  ? 1.41252   -5.73308  -18.29910 1.000 49.83000 ? 73  ARG A NH2   1 
ATOM   566  N  N     . THR A 1 74  ? -3.34237  -7.69723  -12.74737 1.000 36.27000 ? 74  THR A N     1 
ATOM   567  C  CA    . THR A 1 74  ? -4.58343  -8.11398  -12.10896 1.000 21.25000 ? 74  THR A CA    1 
ATOM   568  C  C     . THR A 1 74  ? -4.80281  -7.43324  -10.77064 1.000 29.60000 ? 74  THR A C     1 
ATOM   569  O  O     . THR A 1 74  ? -5.90206  -7.53286  -10.21931 1.000 34.25000 ? 74  THR A O     1 
ATOM   570  C  CB    . THR A 1 74  ? -4.62414  -9.63310  -11.90983 1.000 30.69000 ? 74  THR A CB    1 
ATOM   571  O  OG1   . THR A 1 74  ? -3.97327  -9.98832  -10.68829 1.000 37.47000 ? 74  THR A OG1   1 
ATOM   572  C  CG2   . THR A 1 74  ? -3.96320  -10.35866 -13.07777 1.000 32.19000 ? 74  THR A CG2   1 
ATOM   573  N  N     . GLY A 1 75  ? -3.78349  -6.75263  -10.24435 1.000 33.06000 ? 75  GLY A N     1 
ATOM   574  C  CA    . GLY A 1 75  ? -3.95046  -5.93168  -9.05054  1.000 18.67000 ? 75  GLY A CA    1 
ATOM   575  C  C     . GLY A 1 75  ? -4.69439  -4.66213  -9.39549  1.000 16.17000 ? 75  GLY A C     1 
ATOM   576  O  O     . GLY A 1 75  ? -4.22736  -3.85394  -10.20016 1.000 23.49000 ? 75  GLY A O     1 
ATOM   577  N  N     . GLU A 1 76  ? -5.84142  -4.47337  -8.77087  1.000 12.58000 ? 76  GLU A N     1 
ATOM   578  C  CA    . GLU A 1 76  ? -6.72487  -3.36914  -9.10577  1.000 13.00000 ? 76  GLU A CA    1 
ATOM   579  C  C     . GLU A 1 76  ? -6.43990  -2.09850  -8.30881  1.000 14.30000 ? 76  GLU A C     1 
ATOM   580  O  O     . GLU A 1 76  ? -6.84419  -1.01861  -8.73889  1.000 22.14000 ? 76  GLU A O     1 
ATOM   581  C  CB    . GLU A 1 76  ? -8.19120  -3.79306  -8.85902  1.000 22.87000 ? 76  GLU A CB    1 
ATOM   582  C  CG    . GLU A 1 76  ? -8.60399  -5.08411  -9.57709  1.000 21.03000 ? 76  GLU A CG    1 
ATOM   583  C  CD    . GLU A 1 76  ? -9.75736  -5.79191  -8.89612  1.000 24.57000 ? 76  GLU A CD    1 
ATOM   584  O  OE1   . GLU A 1 76  ? -10.88125 -5.24978  -8.92968  1.000 31.05000 ? 76  GLU A OE1   1 
ATOM   585  O  OE2   . GLU A 1 76  ? -9.54539  -6.89205  -8.32584  1.000 25.81000 ? 76  GLU A OE2   1 
ATOM   586  N  N     . GLY A 1 77  ? -5.75598  -2.19662  -7.17296  1.000 18.27000 ? 77  GLY A N     1 
ATOM   587  C  CA    . GLY A 1 77  ? -5.51681  -1.04084  -6.32692  1.000 21.52000 ? 77  GLY A CA    1 
ATOM   588  C  C     . GLY A 1 77  ? -4.23125  -1.20757  -5.56706  1.000 20.00000 ? 77  GLY A C     1 
ATOM   589  O  O     . GLY A 1 77  ? -3.77614  -2.33482  -5.35586  1.000 22.28000 ? 77  GLY A O     1 
ATOM   590  N  N     . PHE A 1 78  ? -3.55052  -0.09405  -5.26124  1.000 17.40000 ? 78  PHE A N     1 
ATOM   591  C  CA    . PHE A 1 78  ? -2.16984  -0.21135  -4.71484  1.000 21.76000 ? 78  PHE A CA    1 
ATOM   592  C  C     . PHE A 1 78  ? -1.89282  0.68296   -3.50575  1.000 16.97000 ? 78  PHE A C     1 
ATOM   593  O  O     . PHE A 1 78  ? -2.29137  1.84605   -3.51624  1.000 17.97000 ? 78  PHE A O     1 
ATOM   594  C  CB    . PHE A 1 78  ? -1.15485  0.12876   -5.81253  1.000 17.01000 ? 78  PHE A CB    1 
ATOM   595  C  CG    . PHE A 1 78  ? -1.11244  -0.81245  -6.99208  1.000 16.99000 ? 78  PHE A CG    1 
ATOM   596  C  CD1   . PHE A 1 78  ? -2.05214  -0.73672  -8.00553  1.000 12.27000 ? 78  PHE A CD1   1 
ATOM   597  C  CD2   . PHE A 1 78  ? -0.10424  -1.75375  -7.10834  1.000 18.99000 ? 78  PHE A CD2   1 
ATOM   598  C  CE1   . PHE A 1 78  ? -2.01235  -1.60898  -9.08105  1.000 18.26000 ? 78  PHE A CE1   1 
ATOM   599  C  CE2   . PHE A 1 78  ? -0.05341  -2.61497  -8.19349  1.000 17.63000 ? 78  PHE A CE2   1 
ATOM   600  C  CZ    . PHE A 1 78  ? -1.00951  -2.54134  -9.17688  1.000 18.57000 ? 78  PHE A CZ    1 
ATOM   601  N  N     . LEU A 1 79  ? -1.18704  0.14768   -2.50875  1.000 14.06000 ? 79  LEU A N     1 
ATOM   602  C  CA    . LEU A 1 79  ? -0.79411  0.93808   -1.31601  1.000 14.53000 ? 79  LEU A CA    1 
ATOM   603  C  C     . LEU A 1 79  ? 0.68657   1.27079   -1.48116  1.000 19.30000 ? 79  LEU A C     1 
ATOM   604  O  O     . LEU A 1 79  ? 1.49091   0.36263   -1.29169  1.000 18.86000 ? 79  LEU A O     1 
ATOM   605  C  CB    . LEU A 1 79  ? -0.95630  0.06488   -0.07025  1.000 13.82000 ? 79  LEU A CB    1 
ATOM   606  N  N     . CYS A 1 80  ? 1.02128   2.51797   -1.81706  1.000 18.06000 ? 80  CYS A N     1 
ATOM   607  C  CA    . CYS A 1 80  ? 2.42152   2.91159   -1.98864  1.000 12.25000 ? 80  CYS A CA    1 
ATOM   608  C  C     . CYS A 1 80  ? 2.97713   3.27803   -0.61878  1.000 13.43000 ? 80  CYS A C     1 
ATOM   609  O  O     . CYS A 1 80  ? 2.75294   4.38043   -0.11339  1.000 15.59000 ? 80  CYS A O     1 
ATOM   610  C  CB    . CYS A 1 80  ? 2.55437   4.08161   -2.96595  1.000 30.00000 ? 80  CYS A CB    1 
ATOM   611  S  SG    . CYS A 1 80  ? 2.10174   3.68640   -4.67029  1.000 30.00000 ? 80  CYS A SG    1 
ATOM   612  N  N     . VAL A 1 81  ? 3.71009   2.34475   -0.01842  1.000 13.29000 ? 81  VAL A N     1 
ATOM   613  C  CA    . VAL A 1 81  ? 4.02471   2.36622   1.40382   1.000 21.60000 ? 81  VAL A CA    1 
ATOM   614  C  C     . VAL A 1 81  ? 5.46590   2.78379   1.60658   1.000 19.57000 ? 81  VAL A C     1 
ATOM   615  O  O     . VAL A 1 81  ? 6.39442   2.08877   1.18083   1.000 18.65000 ? 81  VAL A O     1 
ATOM   616  C  CB    . VAL A 1 81  ? 3.77006   0.99566   2.05061   1.000 24.04000 ? 81  VAL A CB    1 
ATOM   617  C  CG1   . VAL A 1 81  ? 4.40731   0.91658   3.42363   1.000 16.60000 ? 81  VAL A CG1   1 
ATOM   618  C  CG2   . VAL A 1 81  ? 2.26684   0.75327   2.13323   1.000 23.46000 ? 81  VAL A CG2   1 
ATOM   619  N  N     . PHE A 1 82  ? 5.64782   3.92500   2.27482   1.000 16.85000 ? 82  PHE A N     1 
ATOM   620  C  CA    . PHE A 1 82  ? 7.00473   4.42053   2.61191   1.000 20.10000 ? 82  PHE A CA    1 
ATOM   621  C  C     . PHE A 1 82  ? 7.07852   4.51160   4.13163   1.000 18.12000 ? 82  PHE A C     1 
ATOM   622  O  O     . PHE A 1 82  ? 6.05284   4.30066   4.75746   1.000 19.18000 ? 82  PHE A O     1 
ATOM   623  C  CB    . PHE A 1 82  ? 7.28656   5.75962   1.92347   1.000 18.27000 ? 82  PHE A CB    1 
ATOM   624  C  CG    . PHE A 1 82  ? 6.59625   6.99799   2.43769   1.000 18.22000 ? 82  PHE A CG    1 
ATOM   625  C  CD1   . PHE A 1 82  ? 7.16828   7.77154   3.43289   1.000 18.35000 ? 82  PHE A CD1   1 
ATOM   626  C  CD2   . PHE A 1 82  ? 5.41901   7.44153   1.86093   1.000 20.39000 ? 82  PHE A CD2   1 
ATOM   627  C  CE1   . PHE A 1 82  ? 6.54300   8.91639   3.89482   1.000 25.40000 ? 82  PHE A CE1   1 
ATOM   628  C  CE2   . PHE A 1 82  ? 4.79763   8.59417   2.31387   1.000 20.21000 ? 82  PHE A CE2   1 
ATOM   629  C  CZ    . PHE A 1 82  ? 5.36236   9.33085   3.32619   1.000 28.34000 ? 82  PHE A CZ    1 
ATOM   630  N  N     . ALA A 1 83  ? 8.25348   4.78398   4.69243   1.000 16.97000 ? 83  ALA A N     1 
ATOM   631  C  CA    . ALA A 1 83  ? 8.37173   4.97413   6.15049   1.000 13.05000 ? 83  ALA A CA    1 
ATOM   632  C  C     . ALA A 1 83  ? 8.70588   6.43481   6.40376   1.000 18.55000 ? 83  ALA A C     1 
ATOM   633  O  O     . ALA A 1 83  ? 9.49825   6.98995   5.63857   1.000 26.01000 ? 83  ALA A O     1 
ATOM   634  C  CB    . ALA A 1 83  ? 9.46453   4.10027   6.68332   1.000 21.76000 ? 83  ALA A CB    1 
ATOM   635  N  N     . ILE A 1 84  ? 8.14919   7.02233   7.45946   1.000 19.16000 ? 84  ILE A N     1 
ATOM   636  C  CA    . ILE A 1 84  ? 8.48722   8.42791   7.81605   1.000 17.93000 ? 84  ILE A CA    1 
ATOM   637  C  C     . ILE A 1 84  ? 9.94643   8.48869   8.26823   1.000 24.13000 ? 84  ILE A C     1 
ATOM   638  O  O     . ILE A 1 84  ? 10.51165  9.56565   8.17825   1.000 32.73000 ? 84  ILE A O     1 
ATOM   639  C  CB    . ILE A 1 84  ? 7.53122   8.97552   8.89122   1.000 18.59000 ? 84  ILE A CB    1 
ATOM   640  C  CG1   . ILE A 1 84  ? 7.68530   8.24683   10.22603  1.000 25.26000 ? 84  ILE A CG1   1 
ATOM   641  C  CG2   . ILE A 1 84  ? 6.09669   8.95890   8.39647   1.000 21.17000 ? 84  ILE A CG2   1 
ATOM   642  C  CD1   . ILE A 1 84  ? 7.42558   9.11808   11.42651  1.000 40.08000 ? 84  ILE A CD1   1 
ATOM   643  N  N     . ASN A 1 85  ? 10.53953  7.36218   8.66937   1.000 22.54000 ? 85  ASN A N     1 
ATOM   644  C  CA    . ASN A 1 85  ? 11.92274  7.35419   9.21707   1.000 26.96000 ? 85  ASN A CA    1 
ATOM   645  C  C     . ASN A 1 85  ? 12.96647  7.00982   8.14206   1.000 25.94000 ? 85  ASN A C     1 
ATOM   646  O  O     . ASN A 1 85  ? 14.13349  6.79343   8.51810   1.000 24.27000 ? 85  ASN A O     1 
ATOM   647  C  CB    . ASN A 1 85  ? 12.00639  6.49141   10.48289  1.000 40.01000 ? 85  ASN A CB    1 
ATOM   648  C  CG    . ASN A 1 85  ? 12.13759  5.00717   10.21359  1.000 33.24000 ? 85  ASN A CG    1 
ATOM   649  O  OD1   . ASN A 1 85  ? 11.45538  4.46290   9.35374   1.000 34.03000 ? 85  ASN A OD1   1 
ATOM   650  N  ND2   . ASN A 1 85  ? 13.01319  4.34236   10.94795  1.000 25.75000 ? 85  ASN A ND2   1 
ATOM   651  N  N     . ASN A 1 86  ? 12.58313  6.98704   6.86383   1.000 29.56000 ? 86  ASN A N     1 
ATOM   652  C  CA    . ASN A 1 86  ? 13.56014  6.75416   5.76735   1.000 24.68000 ? 86  ASN A CA    1 
ATOM   653  C  C     . ASN A 1 86  ? 13.19861  7.68380   4.60283   1.000 32.19000 ? 86  ASN A C     1 
ATOM   654  O  O     . ASN A 1 86  ? 12.02198  7.71925   4.24159   1.000 30.22000 ? 86  ASN A O     1 
ATOM   655  C  CB    . ASN A 1 86  ? 13.60421  5.27518   5.38044   1.000 16.82000 ? 86  ASN A CB    1 
ATOM   656  C  CG    . ASN A 1 86  ? 14.66087  4.93300   4.34896   1.000 36.96000 ? 86  ASN A CG    1 
ATOM   657  O  OD1   . ASN A 1 86  ? 15.59745  5.69463   4.12560   1.000 46.48000 ? 86  ASN A OD1   1 
ATOM   658  N  ND2   . ASN A 1 86  ? 14.52144  3.77878   3.71906   1.000 35.24000 ? 86  ASN A ND2   1 
ATOM   659  N  N     . THR A 1 87  ? 14.16290  8.42871   4.05548   1.000 32.82000 ? 87  THR A N     1 
ATOM   660  C  CA    . THR A 1 87  ? 13.90473  9.30484   2.91159   1.000 37.93000 ? 87  THR A CA    1 
ATOM   661  C  C     . THR A 1 87  ? 13.97270  8.54013   1.59426   1.000 35.55000 ? 87  THR A C     1 
ATOM   662  O  O     . THR A 1 87  ? 13.12033  8.72977   0.71627   1.000 36.29000 ? 87  THR A O     1 
ATOM   663  C  CB    . THR A 1 87  ? 14.87343  10.48686  2.90487   1.000 39.25000 ? 87  THR A CB    1 
ATOM   664  O  OG1   . THR A 1 87  ? 14.70495  11.24517  4.10711   1.000 28.14000 ? 87  THR A OG1   1 
ATOM   665  C  CG2   . THR A 1 87  ? 14.60743  11.39736  1.68976   1.000 29.79000 ? 87  THR A CG2   1 
ATOM   666  N  N     . LYS A 1 88  ? 14.96651  7.65772   1.44319   1.000 35.65000 ? 88  LYS A N     1 
ATOM   667  C  CA    . LYS A 1 88  ? 15.00453  6.80229   0.26189   1.000 37.90000 ? 88  LYS A CA    1 
ATOM   668  C  C     . LYS A 1 88  ? 13.67765  6.10013   0.06540   1.000 39.58000 ? 88  LYS A C     1 
ATOM   669  O  O     . LYS A 1 88  ? 13.22726  5.89910   -1.07183  1.000 43.35000 ? 88  LYS A O     1 
ATOM   670  C  CB    . LYS A 1 88  ? 16.11057  5.76034   0.36754   1.000 25.15000 ? 88  LYS A CB    1 
ATOM   671  C  CG    . LYS A 1 88  ? 16.21841  4.94432   -0.90418  1.000 44.65000 ? 88  LYS A CG    1 
ATOM   672  C  CD    . LYS A 1 88  ? 16.33583  5.87721   -2.09682  1.000 44.30000 ? 88  LYS A CD    1 
ATOM   673  C  CE    . LYS A 1 88  ? 17.22655  5.27401   -3.16596  1.000 61.34000 ? 88  LYS A CE    1 
ATOM   674  N  NZ    . LYS A 1 88  ? 16.68901  3.96079   -3.62128  1.000 49.67000 ? 88  LYS A NZ    1 
ATOM   675  N  N     . SER A 1 89  ? 13.03369  5.71859   1.16804   1.000 25.80000 ? 89  SER A N     1 
ATOM   676  C  CA    . SER A 1 89  ? 11.72586  5.09165   1.07279   1.000 30.58000 ? 89  SER A CA    1 
ATOM   677  C  C     . SER A 1 89  ? 10.68703  6.06859   0.56369   1.000 31.02000 ? 89  SER A C     1 
ATOM   678  O  O     . SER A 1 89  ? 9.69919   5.65619   -0.05946  1.000 33.34000 ? 89  SER A O     1 
ATOM   679  C  CB    . SER A 1 89  ? 11.29543  4.55919   2.42211   1.000 28.47000 ? 89  SER A CB    1 
ATOM   680  O  OG    . SER A 1 89  ? 10.87586  5.64194   3.22318   1.000 23.86000 ? 89  SER A OG    1 
ATOM   681  N  N     . PHE A 1 90  ? 10.86160  7.36329   0.79327   1.000 25.33000 ? 90  PHE A N     1 
ATOM   682  C  CA    . PHE A 1 90  ? 9.89538   8.33354   0.21261   1.000 22.94000 ? 90  PHE A CA    1 
ATOM   683  C  C     . PHE A 1 90  ? 10.22690  8.55769   -1.25698  1.000 24.65000 ? 90  PHE A C     1 
ATOM   684  O  O     . PHE A 1 90  ? 9.30555   8.70394   -2.06985  1.000 26.14000 ? 90  PHE A O     1 
ATOM   685  C  CB    . PHE A 1 90  ? 9.98249   9.66314   0.95354   1.000 27.95000 ? 90  PHE A CB    1 
ATOM   686  C  CG    . PHE A 1 90  ? 9.00680   10.71768  0.50546   1.000 31.40000 ? 90  PHE A CG    1 
ATOM   687  C  CD1   . PHE A 1 90  ? 7.64302   10.50748  0.60816   1.000 25.17000 ? 90  PHE A CD1   1 
ATOM   688  C  CD2   . PHE A 1 90  ? 9.45683   11.93414  0.02328   1.000 33.80000 ? 90  PHE A CD2   1 
ATOM   689  C  CE1   . PHE A 1 90  ? 6.75017   11.49487  0.23622   1.000 23.09000 ? 90  PHE A CE1   1 
ATOM   690  C  CE2   . PHE A 1 90  ? 8.56042   12.91798  -0.36131  1.000 29.99000 ? 90  PHE A CE2   1 
ATOM   691  C  CZ    . PHE A 1 90  ? 7.21125   12.69590  -0.24653  1.000 22.36000 ? 90  PHE A CZ    1 
ATOM   692  N  N     . GLU A 1 91  ? 11.51488  8.57351   -1.58782  1.000 25.19000 ? 91  GLU A N     1 
ATOM   693  C  CA    . GLU A 1 91  ? 11.93432  8.85682   -2.98058  1.000 34.33000 ? 91  GLU A CA    1 
ATOM   694  C  C     . GLU A 1 91  ? 11.64537  7.64019   -3.86241  1.000 36.77000 ? 91  GLU A C     1 
ATOM   695  O  O     . GLU A 1 91  ? 11.65938  7.78909   -5.09527  1.000 40.51000 ? 91  GLU A O     1 
ATOM   696  C  CB    . GLU A 1 91  ? 13.42113  9.20006   -3.00932  1.000 42.94000 ? 91  GLU A CB    1 
ATOM   697  C  CG    . GLU A 1 91  ? 13.79197  10.39632  -2.15831  1.000 37.20000 ? 91  GLU A CG    1 
ATOM   698  C  CD    . GLU A 1 91  ? 15.27937  10.50219  -1.86923  1.000 50.52000 ? 91  GLU A CD    1 
ATOM   699  O  OE1   . GLU A 1 91  ? 15.91921  9.45206   -1.68448  1.000 38.33000 ? 91  GLU A OE1   1 
ATOM   700  O  OE2   . GLU A 1 91  ? 15.79504  11.63583  -1.83629  1.000 55.28000 ? 91  GLU A OE2   1 
ATOM   701  N  N     . ASP A 1 92  ? 11.39446  6.48415   -3.25060  1.000 29.34000 ? 92  ASP A N     1 
ATOM   702  C  CA    . ASP A 1 92  ? 11.11702  5.24587   -4.01869  1.000 26.31000 ? 92  ASP A CA    1 
ATOM   703  C  C     . ASP A 1 92  ? 9.63462   5.20253   -4.38980  1.000 21.47000 ? 92  ASP A C     1 
ATOM   704  O  O     . ASP A 1 92  ? 9.28524   4.41835   -5.26844  1.000 26.04000 ? 92  ASP A O     1 
ATOM   705  C  CB    . ASP A 1 92  ? 11.58467  4.01147   -3.24874  1.000 24.58000 ? 92  ASP A CB    1 
ATOM   706  C  CG    . ASP A 1 92  ? 13.04604  3.69016   -3.48141  1.000 37.09000 ? 92  ASP A CG    1 
ATOM   707  O  OD1   . ASP A 1 92  ? 13.70240  4.45893   -4.20696  1.000 33.62000 ? 92  ASP A OD1   1 
ATOM   708  O  OD2   . ASP A 1 92  ? 13.51769  2.67982   -2.93177  1.000 42.49000 ? 92  ASP A OD2   1 
ATOM   709  N  N     . ILE A 1 93  ? 8.81103   6.04512   -3.77434  1.000 14.19000 ? 93  ILE A N     1 
ATOM   710  C  CA    . ILE A 1 93  ? 7.34202   6.00112   -4.02906  1.000 15.10000 ? 93  ILE A CA    1 
ATOM   711  C  C     . ILE A 1 93  ? 7.08033   6.30116   -5.50756  1.000 25.96000 ? 93  ILE A C     1 
ATOM   712  O  O     . ILE A 1 93  ? 6.22784   5.61634   -6.10697  1.000 26.35000 ? 93  ILE A O     1 
ATOM   713  C  CB    . ILE A 1 93  ? 6.60300   6.95084   -3.06882  1.000 19.47000 ? 93  ILE A CB    1 
ATOM   714  C  CG1   . ILE A 1 93  ? 6.90341   6.60991   -1.60699  1.000 21.88000 ? 93  ILE A CG1   1 
ATOM   715  C  CG2   . ILE A 1 93  ? 5.10967   6.98257   -3.35064  1.000 24.74000 ? 93  ILE A CG2   1 
ATOM   716  N  N     . HIS A 1 94  ? 7.81822   7.24860   -6.08755  1.000 28.16000 ? 94  HIS A N     1 
ATOM   717  C  CA    . HIS A 1 94  ? 7.68798   7.56783   -7.53238  1.000 27.67000 ? 94  HIS A CA    1 
ATOM   718  C  C     . HIS A 1 94  ? 7.95038   6.30987   -8.35855  1.000 25.72000 ? 94  HIS A C     1 
ATOM   719  O  O     . HIS A 1 94  ? 7.14429   6.01545   -9.24281  1.000 24.04000 ? 94  HIS A O     1 
ATOM   720  C  CB    . HIS A 1 94  ? 8.67265   8.67793   -7.90356  1.000 29.77000 ? 94  HIS A CB    1 
ATOM   721  C  CG    . HIS A 1 94  ? 8.74040   8.97575   -9.36361  1.000 37.94000 ? 94  HIS A CG    1 
ATOM   722  N  ND1   . HIS A 1 94  ? 7.79402   9.74652   -10.00231 1.000 37.63000 ? 94  HIS A ND1   1 
ATOM   723  C  CD2   . HIS A 1 94  ? 9.63816   8.61800   -10.30565 1.000 40.95000 ? 94  HIS A CD2   1 
ATOM   724  C  CE1   . HIS A 1 94  ? 8.10541   9.85438   -11.27594 1.000 34.20000 ? 94  HIS A CE1   1 
ATOM   725  N  NE2   . HIS A 1 94  ? 9.22888   9.16500   -11.48983 1.000 36.53000 ? 94  HIS A NE2   1 
ATOM   726  N  N     . HIS A 1 95  ? 9.04291   5.60653   -8.07105  1.000 25.15000 ? 95  HIS A N     1 
ATOM   727  C  CA    . HIS A 1 95  ? 9.38734   4.36536   -8.80606  1.000 26.72000 ? 95  HIS A CA    1 
ATOM   728  C  C     . HIS A 1 95  ? 8.18856   3.42482   -8.81385  1.000 26.68000 ? 95  HIS A C     1 
ATOM   729  O  O     . HIS A 1 95  ? 7.80751   2.96125   -9.89936  1.000 26.63000 ? 95  HIS A O     1 
ATOM   730  C  CB    . HIS A 1 95  ? 10.58603  3.67236   -8.14818  1.000 25.13000 ? 95  HIS A CB    1 
ATOM   731  C  CG    . HIS A 1 95  ? 10.77923  2.27314   -8.62098  1.000 20.46000 ? 95  HIS A CG    1 
ATOM   732  N  ND1   . HIS A 1 95  ? 11.15424  1.98435   -9.91631  1.000 23.90000 ? 95  HIS A ND1   1 
ATOM   733  C  CD2   . HIS A 1 95  ? 10.63231  1.08824   -7.99370  1.000 18.55000 ? 95  HIS A CD2   1 
ATOM   734  C  CE1   . HIS A 1 95  ? 11.23839  0.68040   -10.06236 1.000 24.66000 ? 95  HIS A CE1   1 
ATOM   735  N  NE2   . HIS A 1 95  ? 10.91663  0.11035   -8.90195  1.000 20.60000 ? 95  HIS A NE2   1 
ATOM   736  N  N     . TYR A 1 96  ? 7.62704   3.15802   -7.63966  1.000 20.41000 ? 96  TYR A N     1 
ATOM   737  C  CA    . TYR A 1 96  ? 6.51202   2.18698   -7.54630  1.000 20.89000 ? 96  TYR A CA    1 
ATOM   738  C  C     . TYR A 1 96  ? 5.35124   2.67161   -8.41397  1.000 30.32000 ? 96  TYR A C     1 
ATOM   739  O  O     . TYR A 1 96  ? 4.86026   1.86373   -9.20923  1.000 35.19000 ? 96  TYR A O     1 
ATOM   740  C  CB    . TYR A 1 96  ? 6.22984   1.87512   -6.07843  1.000 20.34000 ? 96  TYR A CB    1 
ATOM   741  C  CG    . TYR A 1 96  ? 7.40255   1.17437   -5.44414  1.000 21.33000 ? 96  TYR A CG    1 
ATOM   742  C  CD1   . TYR A 1 96  ? 7.84105   -0.03743  -5.93905  1.000 18.71000 ? 96  TYR A CD1   1 
ATOM   743  C  CD2   . TYR A 1 96  ? 8.11889   1.74443   -4.40727  1.000 11.55000 ? 96  TYR A CD2   1 
ATOM   744  C  CE1   . TYR A 1 96  ? 8.93571   -0.68998  -5.40055  1.000 10.13000 ? 96  TYR A CE1   1 
ATOM   745  C  CE2   . TYR A 1 96  ? 9.23097   1.11768   -3.87273  1.000 14.78000 ? 96  TYR A CE2   1 
ATOM   746  C  CZ    . TYR A 1 96  ? 9.63465   -0.10908  -4.36375  1.000 11.87000 ? 96  TYR A CZ    1 
ATOM   747  O  OH    . TYR A 1 96  ? 10.71654  -0.75699  -3.84435  1.000 19.85000 ? 96  TYR A OH    1 
ATOM   748  N  N     . ARG A 1 97  ? 4.98905   3.95328   -8.31738  1.000 30.99000 ? 97  ARG A N     1 
ATOM   749  C  CA    . ARG A 1 97  ? 3.86135   4.51909   -9.10835  1.000 38.11000 ? 97  ARG A CA    1 
ATOM   750  C  C     . ARG A 1 97  ? 4.07108   4.30684   -10.61313 1.000 33.74000 ? 97  ARG A C     1 
ATOM   751  O  O     . ARG A 1 97  ? 3.07092   4.07849   -11.31528 1.000 32.99000 ? 97  ARG A O     1 
ATOM   752  C  CB    . ARG A 1 97  ? 3.68371   6.00036   -8.75543  1.000 25.40000 ? 97  ARG A CB    1 
ATOM   753  N  N     . GLU A 1 98  ? 5.31490   4.31384   -11.09298 1.000 27.70000 ? 98  GLU A N     1 
ATOM   754  C  CA    . GLU A 1 98  ? 5.52543   4.26352   -12.52994 1.000 24.81000 ? 98  GLU A CA    1 
ATOM   755  C  C     . GLU A 1 98  ? 5.46240   2.83739   -13.06705 1.000 32.23000 ? 98  GLU A C     1 
ATOM   756  O  O     . GLU A 1 98  ? 4.97414   2.61846   -14.18336 1.000 31.86000 ? 98  GLU A O     1 
ATOM   757  C  CB    . GLU A 1 98  ? 6.84060   4.96924   -12.85167 1.000 30.18000 ? 98  GLU A CB    1 
ATOM   758  C  CG    . GLU A 1 98  ? 6.85474   6.44899   -12.45190 1.000 25.33000 ? 98  GLU A CG    1 
ATOM   759  C  CD    . GLU A 1 98  ? 5.68905   7.27371   -13.00442 1.000 33.49000 ? 98  GLU A CD    1 
ATOM   760  O  OE1   . GLU A 1 98  ? 4.75992   6.75598   -13.66494 1.000 43.54000 ? 98  GLU A OE1   1 
ATOM   761  O  OE2   . GLU A 1 98  ? 5.68409   8.49385   -12.77004 1.000 34.23000 ? 98  GLU A OE2   1 
ATOM   762  N  N     . GLN A 1 99  ? 5.92517   1.85984   -12.27313 1.000 36.89000 ? 99  GLN A N     1 
ATOM   763  C  CA    . GLN A 1 99  ? 5.65178   0.44696   -12.51591 1.000 27.16000 ? 99  GLN A CA    1 
ATOM   764  C  C     . GLN A 1 99  ? 4.16896   0.12567   -12.51743 1.000 30.42000 ? 99  GLN A C     1 
ATOM   765  O  O     . GLN A 1 99  ? 3.73209   -0.76690  -13.25305 1.000 30.71000 ? 99  GLN A O     1 
ATOM   766  C  CB    . GLN A 1 99  ? 6.35016   -0.38188  -11.47367 1.000 28.44000 ? 99  GLN A CB    1 
ATOM   767  C  CG    . GLN A 1 99  ? 7.83584   -0.24997  -11.58137 1.000 21.18000 ? 99  GLN A CG    1 
ATOM   768  C  CD    . GLN A 1 99  ? 8.29138   -0.18164  -13.02795 1.000 26.01000 ? 99  GLN A CD    1 
ATOM   769  O  OE1   . GLN A 1 99  ? 7.97419   -1.05209  -13.84136 1.000 29.14000 ? 99  GLN A OE1   1 
ATOM   770  N  NE2   . GLN A 1 99  ? 9.02770   0.86830   -13.36020 1.000 26.81000 ? 99  GLN A NE2   1 
ATOM   771  N  N     . ILE A 1 100 ? 3.38907   0.85247   -11.72260 1.000 29.21000 ? 100 ILE A N     1 
ATOM   772  C  CA    . ILE A 1 100 ? 1.91618   0.63465   -11.76901 1.000 28.83000 ? 100 ILE A CA    1 
ATOM   773  C  C     . ILE A 1 100 ? 1.37556   1.23545   -13.06399 1.000 32.64000 ? 100 ILE A C     1 
ATOM   774  O  O     . ILE A 1 100 ? 0.72089   0.50589   -13.81838 1.000 35.39000 ? 100 ILE A O     1 
ATOM   775  C  CB    . ILE A 1 100 ? 1.23221   1.21559   -10.52863 1.000 29.06000 ? 100 ILE A CB    1 
ATOM   776  C  CG1   . ILE A 1 100 ? 1.75430   0.52438   -9.27424  1.000 29.28000 ? 100 ILE A CG1   1 
ATOM   777  C  CG2   . ILE A 1 100 ? -0.27514  1.09915   -10.64814 1.000 25.34000 ? 100 ILE A CG2   1 
ATOM   778  C  CD1   . ILE A 1 100 ? 1.75334   1.40649   -8.07938  1.000 14.20000 ? 100 ILE A CD1   1 
ATOM   779  N  N     . LYS A 1 101 ? 1.69241   2.50238   -13.33065 1.000 34.24000 ? 101 LYS A N     1 
ATOM   780  C  CA    . LYS A 1 101 ? 1.22865   3.16355   -14.57745 1.000 47.23000 ? 101 LYS A CA    1 
ATOM   781  C  C     . LYS A 1 101 ? 1.60429   2.30536   -15.79000 1.000 44.22000 ? 101 LYS A C     1 
ATOM   782  O  O     . LYS A 1 101 ? 0.78921   2.22472   -16.72418 1.000 43.00000 ? 101 LYS A O     1 
ATOM   783  C  CB    . LYS A 1 101 ? 1.82663   4.56818   -14.68890 1.000 42.37000 ? 101 LYS A CB    1 
ATOM   784  C  CG    . LYS A 1 101 ? 1.43042   5.52320   -13.57560 1.000 50.34000 ? 101 LYS A CG    1 
ATOM   785  C  CD    . LYS A 1 101 ? -0.03043  5.88451   -13.63617 1.000 51.31000 ? 101 LYS A CD    1 
ATOM   786  C  CE    . LYS A 1 101 ? -0.43796  6.83685   -12.53333 1.000 50.92000 ? 101 LYS A CE    1 
ATOM   787  N  NZ    . LYS A 1 101 ? 0.23362   8.14976   -12.67631 1.000 59.88000 ? 101 LYS A NZ    1 
ATOM   788  N  N     . ARG A 1 102 ? 2.78352   1.68510   -15.76460 1.000 32.38000 ? 102 ARG A N     1 
ATOM   789  C  CA    . ARG A 1 102 ? 3.23953   0.82262   -16.88054 1.000 31.79000 ? 102 ARG A CA    1 
ATOM   790  C  C     . ARG A 1 102 ? 2.36039   -0.42531  -16.98132 1.000 36.74000 ? 102 ARG A C     1 
ATOM   791  O  O     . ARG A 1 102 ? 1.72207   -0.59806  -18.03332 1.000 36.85000 ? 102 ARG A O     1 
ATOM   792  C  CB    . ARG A 1 102 ? 4.70214   0.42483   -16.65863 1.000 34.70000 ? 102 ARG A CB    1 
ATOM   793  C  CG    . ARG A 1 102 ? 5.27148   -0.49254  -17.73057 1.000 34.94000 ? 102 ARG A CG    1 
ATOM   794  C  CD    . ARG A 1 102 ? 6.56140   -1.16811  -17.31313 1.000 34.70000 ? 102 ARG A CD    1 
ATOM   795  N  NE    . ARG A 1 102 ? 6.43259   -1.95834  -16.09668 1.000 29.42000 ? 102 ARG A NE    1 
ATOM   796  C  CZ    . ARG A 1 102 ? 7.04304   -3.11768  -15.88560 1.000 34.61000 ? 102 ARG A CZ    1 
ATOM   797  N  NH1   . ARG A 1 102 ? 7.83480   -3.62966  -16.81027 1.000 46.37000 ? 102 ARG A NH1   1 
ATOM   798  N  NH2   . ARG A 1 102 ? 6.87320   -3.75292  -14.74136 1.000 32.05000 ? 102 ARG A NH2   1 
ATOM   799  N  N     . VAL A 1 103 ? 2.31676   -1.25400  -15.93252 1.000 35.34000 ? 103 VAL A N     1 
ATOM   800  C  CA    . VAL A 1 103 ? 1.58817   -2.55330  -16.03018 1.000 41.30000 ? 103 VAL A CA    1 
ATOM   801  C  C     . VAL A 1 103 ? 0.08255   -2.33838  -16.21469 1.000 39.21000 ? 103 VAL A C     1 
ATOM   802  O  O     . VAL A 1 103 ? -0.55539  -3.23263  -16.74824 1.000 39.37000 ? 103 VAL A O     1 
ATOM   803  C  CB    . VAL A 1 103 ? 1.90288   -3.50736  -14.86074 1.000 30.04000 ? 103 VAL A CB    1 
ATOM   804  C  CG1   . VAL A 1 103 ? 3.38816   -3.79071  -14.74435 1.000 32.40000 ? 103 VAL A CG1   1 
ATOM   805  C  CG2   . VAL A 1 103 ? 1.32899   -3.03127  -13.53658 1.000 30.36000 ? 103 VAL A CG2   1 
ATOM   806  N  N     . LYS A 1 104 ? -0.46401  -1.19519  -15.81320 1.000 31.63000 ? 104 LYS A N     1 
ATOM   807  C  CA    . LYS A 1 104 ? -1.90178  -1.01171  -15.90061 1.000 34.77000 ? 104 LYS A CA    1 
ATOM   808  C  C     . LYS A 1 104 ? -2.32410  -0.36040  -17.20630 1.000 45.26000 ? 104 LYS A C     1 
ATOM   809  O  O     . LYS A 1 104 ? -3.52202  -0.35512  -17.51712 1.000 37.94000 ? 104 LYS A O     1 
ATOM   810  C  CB    . LYS A 1 104 ? -2.43111  -0.18236  -14.72044 1.000 37.19000 ? 104 LYS A CB    1 
ATOM   811  C  CG    . LYS A 1 104 ? -2.50049  -0.92607  -13.37760 1.000 30.77000 ? 104 LYS A CG    1 
ATOM   812  C  CD    . LYS A 1 104 ? -3.27485  -2.25875  -13.46652 1.000 29.30000 ? 104 LYS A CD    1 
ATOM   813  C  CE    . LYS A 1 104 ? -4.76882  -2.10329  -13.21596 1.000 26.61000 ? 104 LYS A CE    1 
ATOM   814  N  NZ    . LYS A 1 104 ? -5.51631  -3.37638  -13.43354 1.000 20.50000 ? 104 LYS A NZ    1 
ATOM   815  N  N     . ASP A 1 105 ? -1.37032  0.17486   -17.97606 1.000 47.49000 ? 105 ASP A N     1 
ATOM   816  C  CA    . ASP A 1 105 ? -1.65959  0.86551   -19.23680 1.000 39.85000 ? 105 ASP A CA    1 
ATOM   817  C  C     . ASP A 1 105 ? -2.60266  2.04635   -19.00675 1.000 36.68000 ? 105 ASP A C     1 
ATOM   818  O  O     . ASP A 1 105 ? -3.27528  2.52198   -19.92028 1.000 45.17000 ? 105 ASP A O     1 
ATOM   819  C  CB    . ASP A 1 105 ? -2.22322  -0.11130  -20.28203 1.000 38.70000 ? 105 ASP A CB    1 
ATOM   820  C  CG    . ASP A 1 105 ? -1.73131  0.18492   -21.69921 1.000 40.37000 ? 105 ASP A CG    1 
ATOM   821  O  OD1   . ASP A 1 105 ? -0.72048  0.90614   -21.83890 1.000 31.28000 ? 105 ASP A OD1   1 
ATOM   822  O  OD2   . ASP A 1 105 ? -2.36920  -0.28548  -22.66840 1.000 38.41000 ? 105 ASP A OD2   1 
ATOM   823  N  N     . SER A 1 106 ? -2.64556  2.54831   -17.78009 1.000 39.04000 ? 106 SER A N     1 
ATOM   824  C  CA    . SER A 1 106 ? -3.63813  3.54163   -17.41057 1.000 47.85000 ? 106 SER A CA    1 
ATOM   825  C  C     . SER A 1 106 ? -2.98756  4.67014   -16.63826 1.000 47.43000 ? 106 SER A C     1 
ATOM   826  O  O     . SER A 1 106 ? -2.10151  4.44271   -15.81335 1.000 47.36000 ? 106 SER A O     1 
ATOM   827  C  CB    . SER A 1 106 ? -4.75027  2.91494   -16.55459 1.000 50.67000 ? 106 SER A CB    1 
ATOM   828  O  OG    . SER A 1 106 ? -5.46603  3.89251   -15.82599 1.000 45.57000 ? 106 SER A OG    1 
ATOM   829  N  N     . GLU A 1 107 ? -3.42624  5.88916   -16.90165 1.000 54.94000 ? 107 GLU A N     1 
ATOM   830  C  CA    . GLU A 1 107 ? -3.04558  6.96276   -16.00177 1.000 61.04000 ? 107 GLU A CA    1 
ATOM   831  C  C     . GLU A 1 107 ? -3.85072  6.93497   -14.71508 1.000 58.31000 ? 107 GLU A C     1 
ATOM   832  O  O     . GLU A 1 107 ? -3.44383  7.55389   -13.72583 1.000 56.57000 ? 107 GLU A O     1 
ATOM   833  C  CB    . GLU A 1 107 ? -3.21645  8.32069   -16.68355 1.000 52.37000 ? 107 GLU A CB    1 
ATOM   834  C  CG    . GLU A 1 107 ? -2.66629  8.38392   -18.09816 1.000 55.60000 ? 107 GLU A CG    1 
ATOM   835  C  CD    . GLU A 1 107 ? -1.17774  8.67243   -18.15009 1.000 71.38000 ? 107 GLU A CD    1 
ATOM   836  O  OE1   . GLU A 1 107 ? -0.40622  8.04375   -17.39625 1.000 70.44000 ? 107 GLU A OE1   1 
ATOM   837  O  OE2   . GLU A 1 107 ? -0.77512  9.54097   -18.94917 1.000 73.20000 ? 107 GLU A OE2   1 
ATOM   838  N  N     . ASP A 1 108 ? -4.97919  6.24014   -14.70408 1.000 58.69000 ? 108 ASP A N     1 
ATOM   839  C  CA    . ASP A 1 108 ? -5.94447  6.35650   -13.62250 1.000 61.00000 ? 108 ASP A CA    1 
ATOM   840  C  C     . ASP A 1 108 ? -6.06638  4.98509   -12.97062 1.000 68.68000 ? 108 ASP A C     1 
ATOM   841  O  O     . ASP A 1 108 ? -6.94111  4.18274   -13.30926 1.000 64.52000 ? 108 ASP A O     1 
ATOM   842  C  CB    . ASP A 1 108 ? -7.27735  6.87953   -14.16732 1.000 59.66000 ? 108 ASP A CB    1 
ATOM   843  C  CG    . ASP A 1 108 ? -8.26483  7.21476   -13.07175 1.000 60.63000 ? 108 ASP A CG    1 
ATOM   844  O  OD1   . ASP A 1 108 ? -7.83094  7.75051   -12.03165 1.000 66.01000 ? 108 ASP A OD1   1 
ATOM   845  O  OD2   . ASP A 1 108 ? -9.47462  6.95068   -13.25506 1.000 64.31000 ? 108 ASP A OD2   1 
ATOM   846  N  N     . VAL A 1 109 ? -5.15349  4.70301   -12.04455 1.000 51.73000 ? 109 VAL A N     1 
ATOM   847  C  CA    . VAL A 1 109 ? -5.15967  3.47082   -11.27597 1.000 48.00000 ? 109 VAL A CA    1 
ATOM   848  C  C     . VAL A 1 109 ? -5.30015  3.85417   -9.80370  1.000 45.02000 ? 109 VAL A C     1 
ATOM   849  O  O     . VAL A 1 109 ? -4.57661  4.73314   -9.34041  1.000 41.85000 ? 109 VAL A O     1 
ATOM   850  C  CB    . VAL A 1 109 ? -3.89955  2.61919   -11.49493 1.000 54.16000 ? 109 VAL A CB    1 
ATOM   851  C  CG1   . VAL A 1 109 ? -4.16062  1.15837   -11.09320 1.000 42.38000 ? 109 VAL A CG1   1 
ATOM   852  C  CG2   . VAL A 1 109 ? -3.46345  2.69676   -12.94585 1.000 47.61000 ? 109 VAL A CG2   1 
ATOM   853  N  N     . PRO A 1 110 ? -6.23129  3.24911   -9.07421  1.000 36.49000 ? 110 PRO A N     1 
ATOM   854  C  CA    . PRO A 1 110 ? -6.44478  3.62714   -7.66965  1.000 29.49000 ? 110 PRO A CA    1 
ATOM   855  C  C     . PRO A 1 110 ? -5.22383  3.33330   -6.80560  1.000 23.44000 ? 110 PRO A C     1 
ATOM   856  O  O     . PRO A 1 110 ? -4.70261  2.22004   -6.78660  1.000 24.81000 ? 110 PRO A O     1 
ATOM   857  C  CB    . PRO A 1 110 ? -7.65379  2.78305   -7.26112  1.000 24.60000 ? 110 PRO A CB    1 
ATOM   858  C  CG    . PRO A 1 110 ? -8.36266  2.46194   -8.57091  1.000 30.48000 ? 110 PRO A CG    1 
ATOM   859  C  CD    . PRO A 1 110 ? -7.32180  2.43133   -9.63035  1.000 33.23000 ? 110 PRO A CD    1 
ATOM   860  N  N     . MET A 1 111 ? -4.74468  4.36109   -6.11431  1.000 21.74000 ? 111 MET A N     1 
ATOM   861  C  CA    . MET A 1 111 ? -3.57621  4.25335   -5.25659  1.000 18.92000 ? 111 MET A CA    1 
ATOM   862  C  C     . MET A 1 111 ? -3.83414  5.01701   -3.98226  1.000 18.78000 ? 111 MET A C     1 
ATOM   863  O  O     . MET A 1 111 ? -4.67474  5.91611   -3.93635  1.000 20.86000 ? 111 MET A O     1 
ATOM   864  C  CB    . MET A 1 111 ? -2.30604  4.86130   -5.85020  1.000 27.92000 ? 111 MET A CB    1 
ATOM   865  C  CG    . MET A 1 111 ? -2.09453  4.68623   -7.31421  1.000 38.48000 ? 111 MET A CG    1 
ATOM   866  S  SD    . MET A 1 111 ? -0.36262  5.01607   -7.65365  1.000 50.91000 ? 111 MET A SD    1 
ATOM   867  C  CE    . MET A 1 111 ? -0.23977  4.51206   -9.39628  1.000 50.12000 ? 111 MET A CE    1 
ATOM   868  N  N     . VAL A 1 112 ? -3.04644  4.69318   -2.96419  1.000 19.42000 ? 112 VAL A N     1 
ATOM   869  C  CA    . VAL A 1 112 ? -3.08807  5.43018   -1.71198  1.000 17.87000 ? 112 VAL A CA    1 
ATOM   870  C  C     . VAL A 1 112 ? -1.68291  5.52382   -1.13817  1.000 15.65000 ? 112 VAL A C     1 
ATOM   871  O  O     . VAL A 1 112 ? -1.03993  4.51486   -0.84492  1.000 17.58000 ? 112 VAL A O     1 
ATOM   872  C  CB    . VAL A 1 112 ? -4.05406  4.78028   -0.71628  1.000 15.98000 ? 112 VAL A CB    1 
ATOM   873  C  CG1   . VAL A 1 112 ? -3.85036  5.36111   0.64496   1.000 14.82000 ? 112 VAL A CG1   1 
ATOM   874  C  CG2   . VAL A 1 112 ? -5.46620  5.01614   -1.14198  1.000 26.04000 ? 112 VAL A CG2   1 
ATOM   875  N  N     . LEU A 1 113 ? -1.18024  6.74883   -0.96339  1.000 16.91000 ? 113 LEU A N     1 
ATOM   876  C  CA    . LEU A 1 113 ? 0.16131   6.95823   -0.34730  1.000 14.18000 ? 113 LEU A CA    1 
ATOM   877  C  C     . LEU A 1 113 ? 0.08415   6.60959   1.13542   1.000 20.41000 ? 113 LEU A C     1 
ATOM   878  O  O     . LEU A 1 113 ? -0.87878  7.03222   1.78230   1.000 21.28000 ? 113 LEU A O     1 
ATOM   879  C  CB    . LEU A 1 113 ? 0.57852   8.41965   -0.51620  1.000 13.81000 ? 113 LEU A CB    1 
ATOM   880  C  CG    . LEU A 1 113 ? 2.06172   8.70123   -0.30494  1.000 15.26000 ? 113 LEU A CG    1 
ATOM   881  C  CD1   . LEU A 1 113 ? 2.88609   7.76334   -1.15411  1.000 20.68000 ? 113 LEU A CD1   1 
ATOM   882  C  CD2   . LEU A 1 113 ? 2.39612   10.13954  -0.64569  1.000 12.97000 ? 113 LEU A CD2   1 
ATOM   883  N  N     . VAL A 1 114 ? 1.06990   5.87101   1.64263   1.000 21.77000 ? 114 VAL A N     1 
ATOM   884  C  CA    . VAL A 1 114 ? 1.05375   5.43471   3.06596   1.000 20.29000 ? 114 VAL A CA    1 
ATOM   885  C  C     . VAL A 1 114 ? 2.38672   5.80924   3.70753   1.000 19.31000 ? 114 VAL A C     1 
ATOM   886  O  O     . VAL A 1 114 ? 3.41027   5.28836   3.25557   1.000 20.95000 ? 114 VAL A O     1 
ATOM   887  C  CB    . VAL A 1 114 ? 0.74734   3.92919   3.19162   1.000 20.34000 ? 114 VAL A CB    1 
ATOM   888  C  CG1   . VAL A 1 114 ? 1.18374   3.35789   4.53038   1.000 18.64000 ? 114 VAL A CG1   1 
ATOM   889  C  CG2   . VAL A 1 114 ? -0.71596  3.61979   2.92723   1.000 16.54000 ? 114 VAL A CG2   1 
ATOM   890  N  N     . GLY A 1 115 ? 2.37514   6.72374   4.67829   1.000 18.83000 ? 115 GLY A N     1 
ATOM   891  C  CA    . GLY A 1 115 ? 3.59683   7.07743   5.42358   1.000 17.04000 ? 115 GLY A CA    1 
ATOM   892  C  C     . GLY A 1 115 ? 3.67534   6.21867   6.65830   1.000 15.50000 ? 115 GLY A C     1 
ATOM   893  O  O     . GLY A 1 115 ? 3.26375   6.68977   7.73040   1.000 19.08000 ? 115 GLY A O     1 
ATOM   894  N  N     . ASN A 1 116 ? 4.19750   5.00269   6.51946   1.000 17.45000 ? 116 ASN A N     1 
ATOM   895  C  CA    . ASN A 1 116 ? 4.16726   4.05232   7.65620   1.000 20.50000 ? 116 ASN A CA    1 
ATOM   896  C  C     . ASN A 1 116 ? 5.16517   4.40642   8.74698   1.000 17.87000 ? 116 ASN A C     1 
ATOM   897  O  O     . ASN A 1 116 ? 5.99204   5.28957   8.50935   1.000 25.19000 ? 116 ASN A O     1 
ATOM   898  C  CB    . ASN A 1 116 ? 4.30864   2.59242   7.21257   1.000 22.22000 ? 116 ASN A CB    1 
ATOM   899  C  CG    . ASN A 1 116 ? 4.00880   1.57823   8.29843   1.000 23.90000 ? 116 ASN A CG    1 
ATOM   900  O  OD1   . ASN A 1 116 ? 3.12839   1.78614   9.12679   1.000 21.67000 ? 116 ASN A OD1   1 
ATOM   901  N  ND2   . ASN A 1 116 ? 4.76177   0.49404   8.33595   1.000 26.15000 ? 116 ASN A ND2   1 
ATOM   902  N  N     . LYS A 1 117 ? 5.03515   3.76203   9.89850   1.000 22.45000 ? 117 LYS A N     1 
ATOM   903  C  CA    . LYS A 1 117 ? 5.92107   3.88939   11.07492  1.000 24.44000 ? 117 LYS A CA    1 
ATOM   904  C  C     . LYS A 1 117 ? 5.75279   5.23468   11.75914  1.000 26.58000 ? 117 LYS A C     1 
ATOM   905  O  O     . LYS A 1 117 ? 6.72270   5.81125   12.24027  1.000 31.67000 ? 117 LYS A O     1 
ATOM   906  C  CB    . LYS A 1 117 ? 7.39602   3.66781   10.72459  1.000 23.04000 ? 117 LYS A CB    1 
ATOM   907  C  CG    . LYS A 1 117 ? 7.67687   2.34798   10.04158  1.000 24.95000 ? 117 LYS A CG    1 
ATOM   908  C  CD    . LYS A 1 117 ? 9.14281   2.10414   9.80721   1.000 25.96000 ? 117 LYS A CD    1 
ATOM   909  C  CE    . LYS A 1 117 ? 9.30748   0.86681   8.95917   1.000 24.81000 ? 117 LYS A CE    1 
ATOM   910  N  NZ    . LYS A 1 117 ? 10.52696  0.06528   9.27532   1.000 28.82000 ? 117 LYS A NZ    1 
ATOM   911  N  N     . SER A 1 118 ? 4.51298   5.72394   11.83189  1.000 34.37000 ? 118 SER A N     1 
ATOM   912  C  CA    A SER A 1 118 ? 4.24309   7.07599   12.31058  0.800 40.37000 ? 118 SER A CA    1 
ATOM   913  C  CA    B SER A 1 118 ? 4.29470   7.08732   12.29873  0.200 41.68000 ? 118 SER A CA    1 
ATOM   914  C  C     . SER A 1 118 ? 4.50049   7.24404   13.79858  1.000 34.29000 ? 118 SER A C     1 
ATOM   915  O  O     . SER A 1 118 ? 4.49447   8.37976   14.28593  1.000 33.43000 ? 118 SER A O     1 
ATOM   916  C  CB    A SER A 1 118 ? 2.80180   7.47508   11.99138  0.800 35.95000 ? 118 SER A CB    1 
ATOM   917  C  CB    B SER A 1 118 ? 2.89191   7.56699   11.92113  0.200 27.15000 ? 118 SER A CB    1 
ATOM   918  O  OG    A SER A 1 118 ? 1.86454   6.59012   12.58178  0.800 26.35000 ? 118 SER A OG    1 
ATOM   919  O  OG    B SER A 1 118 ? 1.88887   6.80157   12.56745  0.200 29.99000 ? 118 SER A OG    1 
ATOM   920  N  N     . ASP A 1 119 ? 4.69803   6.15540   14.52793  1.000 28.85000 ? 119 ASP A N     1 
ATOM   921  C  CA    . ASP A 1 119 ? 4.93171   6.21933   15.95820  1.000 23.80000 ? 119 ASP A CA    1 
ATOM   922  C  C     . ASP A 1 119 ? 6.38671   6.49432   16.31710  1.000 30.82000 ? 119 ASP A C     1 
ATOM   923  O  O     . ASP A 1 119 ? 6.67352   6.78494   17.48178  1.000 29.77000 ? 119 ASP A O     1 
ATOM   924  C  CB    . ASP A 1 119 ? 4.50007   4.90770   16.59658  1.000 23.07000 ? 119 ASP A CB    1 
ATOM   925  C  CG    . ASP A 1 119 ? 5.12821   3.71418   15.91767  1.000 33.11000 ? 119 ASP A CG    1 
ATOM   926  O  OD1   . ASP A 1 119 ? 4.78563   3.45380   14.74201  1.000 33.21000 ? 119 ASP A OD1   1 
ATOM   927  O  OD2   . ASP A 1 119 ? 5.99349   3.04808   16.53960  1.000 27.13000 ? 119 ASP A OD2   1 
ATOM   928  N  N     . LEU A 1 120 ? 7.29358   6.36528   15.35206  1.000 23.86000 ? 120 LEU A N     1 
ATOM   929  C  CA    . LEU A 1 120 ? 8.73454   6.52021   15.67289  1.000 24.86000 ? 120 LEU A CA    1 
ATOM   930  C  C     . LEU A 1 120 ? 9.08359   8.01040   15.68922  1.000 34.79000 ? 120 LEU A C     1 
ATOM   931  O  O     . LEU A 1 120 ? 8.57365   8.74655   14.82771  1.000 36.46000 ? 120 LEU A O     1 
ATOM   932  C  CB    . LEU A 1 120 ? 9.54928   5.74322   14.63813  1.000 33.06000 ? 120 LEU A CB    1 
ATOM   933  C  CG    . LEU A 1 120 ? 9.45238   4.22502   14.74801  1.000 23.42000 ? 120 LEU A CG    1 
ATOM   934  C  CD1   . LEU A 1 120 ? 10.31308  3.54987   13.69542  1.000 23.70000 ? 120 LEU A CD1   1 
ATOM   935  C  CD2   . LEU A 1 120 ? 9.85765   3.76967   16.13935  1.000 28.13000 ? 120 LEU A CD2   1 
ATOM   936  N  N     . PRO A 1 121 ? 9.91661   8.48776   16.63830  1.000 35.23000 ? 121 PRO A N     1 
ATOM   937  C  CA    . PRO A 1 121 ? 10.25509  9.90948   16.73477  1.000 38.81000 ? 121 PRO A CA    1 
ATOM   938  C  C     . PRO A 1 121 ? 11.39753  10.33166  15.80085  1.000 39.42000 ? 121 PRO A C     1 
ATOM   939  O  O     . PRO A 1 121 ? 12.05025  11.31271  16.09368  1.000 40.68000 ? 121 PRO A O     1 
ATOM   940  C  CB    . PRO A 1 121 ? 10.75216  10.01245  18.18139  1.000 41.96000 ? 121 PRO A CB    1 
ATOM   941  C  CG    . PRO A 1 121 ? 11.41331  8.68076   18.43373  1.000 37.96000 ? 121 PRO A CG    1 
ATOM   942  C  CD    . PRO A 1 121 ? 10.55039  7.68624   17.68933  1.000 32.63000 ? 121 PRO A CD    1 
ATOM   943  N  N     . SER A 1 122 ? 11.60354  9.59996   14.70733  1.000 39.22000 ? 122 SER A N     1 
ATOM   944  C  CA    . SER A 1 122 ? 12.73865  9.88618   13.79263  1.000 44.02000 ? 122 SER A CA    1 
ATOM   945  C  C     . SER A 1 122 ? 12.20650  10.29433  12.41902  1.000 34.31000 ? 122 SER A C     1 
ATOM   946  O  O     . SER A 1 122 ? 12.79515  9.87195   11.41847  1.000 33.56000 ? 122 SER A O     1 
ATOM   947  C  CB    . SER A 1 122 ? 13.63698  8.68470   13.68806  1.000 46.98000 ? 122 SER A CB    1 
ATOM   948  O  OG    . SER A 1 122 ? 12.94772  7.59158   13.09785  1.000 37.54000 ? 122 SER A OG    1 
ATOM   949  N  N     . ARG A 1 123 ? 11.14290  11.09352  12.38764  1.000 23.95000 ? 123 ARG A N     1 
ATOM   950  C  CA    . ARG A 1 123 ? 10.54598  11.53383  11.10454  1.000 30.03000 ? 123 ARG A CA    1 
ATOM   951  C  C     . ARG A 1 123 ? 11.60914  12.18773  10.22126  1.000 33.28000 ? 123 ARG A C     1 
ATOM   952  O  O     . ARG A 1 123 ? 12.25147  13.14453  10.68030  1.000 38.00000 ? 123 ARG A O     1 
ATOM   953  C  CB    . ARG A 1 123 ? 9.39365   12.50294  11.36823  1.000 36.95000 ? 123 ARG A CB    1 
ATOM   954  C  CG    . ARG A 1 123 ? 8.87157   13.20787  10.12620  1.000 38.36000 ? 123 ARG A CG    1 
ATOM   955  C  CD    . ARG A 1 123 ? 7.53950   13.89460  10.35207  1.000 50.16000 ? 123 ARG A CD    1 
ATOM   956  N  NE    . ARG A 1 123 ? 6.50696   12.97361  10.80034  1.000 32.70000 ? 123 ARG A NE    1 
ATOM   957  C  CZ    . ARG A 1 123 ? 5.54899   12.48209  10.02483  1.000 38.29000 ? 123 ARG A CZ    1 
ATOM   958  N  NH1   . ARG A 1 123 ? 5.49136   12.81544  8.74720   1.000 40.52000 ? 123 ARG A NH1   1 
ATOM   959  N  NH2   . ARG A 1 123 ? 4.65210   11.65461  10.53030  1.000 31.65000 ? 123 ARG A NH2   1 
ATOM   960  N  N     . THR A 1 124 ? 11.79678  11.67573  9.00730   1.000 35.25000 ? 124 THR A N     1 
ATOM   961  C  CA    . THR A 1 124 ? 12.73373  12.29126  8.03643   1.000 36.01000 ? 124 THR A CA    1 
ATOM   962  C  C     . THR A 1 124 ? 11.91186  12.79856  6.84754   1.000 43.24000 ? 124 THR A C     1 
ATOM   963  O  O     . THR A 1 124 ? 12.45679  13.59957  6.06833   1.000 50.50000 ? 124 THR A O     1 
ATOM   964  C  CB    . THR A 1 124 ? 13.76674  11.27248  7.54964   1.000 38.86000 ? 124 THR A CB    1 
ATOM   965  O  OG1   . THR A 1 124 ? 13.07175  10.25630  6.83030   1.000 35.56000 ? 124 THR A OG1   1 
ATOM   966  C  CG2   . THR A 1 124 ? 14.58099  10.65679  8.66520   1.000 26.82000 ? 124 THR A CG2   1 
ATOM   967  N  N     . VAL A 1 125 ? 10.65592  12.35140  6.71254   1.000 44.71000 ? 125 VAL A N     1 
ATOM   968  C  CA    . VAL A 1 125 ? 9.79845   12.76042  5.60887   1.000 50.59000 ? 125 VAL A CA    1 
ATOM   969  C  C     . VAL A 1 125 ? 8.65255   13.58888  6.18013   1.000 58.86000 ? 125 VAL A C     1 
ATOM   970  O  O     . VAL A 1 125 ? 7.87120   13.10343  7.01271   1.000 51.98000 ? 125 VAL A O     1 
ATOM   971  C  CB    . VAL A 1 125 ? 9.28016   11.56660  4.78787   1.000 39.43000 ? 125 VAL A CB    1 
ATOM   972  C  CG1   . VAL A 1 125 ? 8.65642   12.07140  3.52117   1.000 49.00000 ? 125 VAL A CG1   1 
ATOM   973  C  CG2   . VAL A 1 125 ? 10.40677  10.60484  4.44053   1.000 37.32000 ? 125 VAL A CG2   1 
ATOM   974  N  N     . ASP A 1 126 ? 8.56521   14.83890  5.73655   1.000 71.96000 ? 126 ASP A N     1 
ATOM   975  C  CA    . ASP A 1 126 ? 7.55494   15.76146  6.22059   1.000 62.54000 ? 126 ASP A CA    1 
ATOM   976  C  C     . ASP A 1 126 ? 6.15915   15.28037  5.85062   1.000 47.33000 ? 126 ASP A C     1 
ATOM   977  O  O     . ASP A 1 126 ? 5.96469   14.50968  4.90603   1.000 49.52000 ? 126 ASP A O     1 
ATOM   978  C  CB    . ASP A 1 126 ? 7.80546   17.16431  5.66035   1.000 68.79000 ? 126 ASP A CB    1 
ATOM   979  C  CG    . ASP A 1 126 ? 9.03742   17.82657  6.27835   1.000 96.72000 ? 126 ASP A CG    1 
ATOM   980  O  OD1   . ASP A 1 126 ? 9.66629   17.17857  7.15135   1.000 85.07000 ? 126 ASP A OD1   1 
ATOM   981  O  OD2   . ASP A 1 126 ? 9.38042   18.98280  5.90785   1.000 87.41000 ? 126 ASP A OD2   1 
ATOM   982  N  N     . THR A 1 127 ? 5.18303   15.73454  6.63302   1.000 31.28000 ? 127 THR A N     1 
ATOM   983  C  CA    . THR A 1 127 ? 3.79081   15.47892  6.29064   1.000 34.65000 ? 127 THR A CA    1 
ATOM   984  C  C     . THR A 1 127 ? 3.36983   16.30728  5.07977   1.000 29.54000 ? 127 THR A C     1 
ATOM   985  O  O     . THR A 1 127 ? 2.57947   15.84846  4.24634   1.000 29.13000 ? 127 THR A O     1 
ATOM   986  C  CB    . THR A 1 127 ? 2.91238   15.76841  7.50640   1.000 41.59000 ? 127 THR A CB    1 
ATOM   987  O  OG1   . THR A 1 127 ? 3.07080   14.71234  8.46169   1.000 37.27000 ? 127 THR A OG1   1 
ATOM   988  C  CG2   . THR A 1 127 ? 1.45517   15.87310  7.11430   1.000 36.12000 ? 127 THR A CG2   1 
ATOM   989  N  N     . LYS A 1 128 ? 3.91990   17.52014  4.95367   1.000 33.72000 ? 128 LYS A N     1 
ATOM   990  C  CA    . LYS A 1 128 ? 3.67010   18.35589  3.78177   1.000 27.43000 ? 128 LYS A CA    1 
ATOM   991  C  C     . LYS A 1 128 ? 4.20796   17.71219  2.51004   1.000 35.43000 ? 128 LYS A C     1 
ATOM   992  O  O     . LYS A 1 128 ? 3.52034   17.66910  1.48177   1.000 34.18000 ? 128 LYS A O     1 
ATOM   993  C  CB    . LYS A 1 128 ? 4.31659   19.72179  3.96865   1.000 28.13000 ? 128 LYS A CB    1 
ATOM   994  C  CG    . LYS A 1 128 ? 4.26439   20.55490  2.70616   1.000 25.56000 ? 128 LYS A CG    1 
ATOM   995  C  CD    . LYS A 1 128 ? 5.15590   21.78566  2.75053   1.000 27.05000 ? 128 LYS A CD    1 
ATOM   996  C  CE    . LYS A 1 128 ? 4.47558   23.00526  2.11198   1.000 27.27000 ? 128 LYS A CE    1 
ATOM   997  N  NZ    . LYS A 1 128 ? 3.98379   22.81697  0.71301   1.000 31.57000 ? 128 LYS A NZ    1 
ATOM   998  N  N     . GLN A 1 129 ? 5.46250   17.24772  2.55444   1.000 33.66000 ? 129 GLN A N     1 
ATOM   999  C  CA    . GLN A 1 129 ? 6.03812   16.49821  1.44312   1.000 29.92000 ? 129 GLN A CA    1 
ATOM   1000 C  C     . GLN A 1 129 ? 5.08708   15.41823  0.96406   1.000 31.80000 ? 129 GLN A C     1 
ATOM   1001 O  O     . GLN A 1 129 ? 4.68252   15.39497  -0.20345  1.000 37.32000 ? 129 GLN A O     1 
ATOM   1002 C  CB    . GLN A 1 129 ? 7.35566   15.86580  1.87773   1.000 43.27000 ? 129 GLN A CB    1 
ATOM   1003 C  CG    . GLN A 1 129 ? 8.54941   16.78930  1.75664   1.000 56.97000 ? 129 GLN A CG    1 
ATOM   1004 C  CD    . GLN A 1 129 ? 9.84719   16.09689  2.10191   1.000 54.53000 ? 129 GLN A CD    1 
ATOM   1005 O  OE1   . GLN A 1 129 ? 10.24070  16.05763  3.26712   1.000 56.60000 ? 129 GLN A OE1   1 
ATOM   1006 N  NE2   . GLN A 1 129 ? 10.51757  15.53949  1.09375   1.000 49.99000 ? 129 GLN A NE2   1 
ATOM   1007 N  N     . ALA A 1 130 ? 4.71574   14.51748  1.86544   1.000 24.64000 ? 130 ALA A N     1 
ATOM   1008 C  CA    . ALA A 1 130 ? 3.83877   13.41958  1.50933   1.000 26.66000 ? 130 ALA A CA    1 
ATOM   1009 C  C     . ALA A 1 130 ? 2.48150   13.90505  1.04139   1.000 23.68000 ? 130 ALA A C     1 
ATOM   1010 O  O     . ALA A 1 130 ? 1.85603   13.27409  0.18015   1.000 25.37000 ? 130 ALA A O     1 
ATOM   1011 C  CB    . ALA A 1 130 ? 3.68871   12.49850  2.70734   1.000 38.28000 ? 130 ALA A CB    1 
ATOM   1012 N  N     . GLN A 1 131 ? 2.00320   15.01403  1.58268   1.000 25.26000 ? 131 GLN A N     1 
ATOM   1013 C  CA    . GLN A 1 131 ? 0.77137   15.55149  1.03418   1.000 27.11000 ? 131 GLN A CA    1 
ATOM   1014 C  C     . GLN A 1 131 ? 1.02926   16.16961  -0.33013  1.000 32.85000 ? 131 GLN A C     1 
ATOM   1015 O  O     . GLN A 1 131 ? 0.18137   16.07964  -1.23197  1.000 32.25000 ? 131 GLN A O     1 
ATOM   1016 C  CB    . GLN A 1 131 ? 0.14945   16.54205  2.01060   1.000 23.20000 ? 131 GLN A CB    1 
ATOM   1017 C  CG    . GLN A 1 131 ? -0.44956  15.86933  3.24500   1.000 23.66000 ? 131 GLN A CG    1 
ATOM   1018 C  CD    . GLN A 1 131 ? -0.61480  16.81906  4.41585   1.000 34.52000 ? 131 GLN A CD    1 
ATOM   1019 O  OE1   . GLN A 1 131 ? 0.25252   17.64743  4.68134   1.000 42.96000 ? 131 GLN A OE1   1 
ATOM   1020 N  NE2   . GLN A 1 131 ? -1.73968  16.70999  5.12101   1.000 41.40000 ? 131 GLN A NE2   1 
ATOM   1021 N  N     . ASP A 1 132 ? 2.21831   16.74956  -0.52211  1.000 28.69000 ? 132 ASP A N     1 
ATOM   1022 C  CA    . ASP A 1 132 ? 2.55529   17.28812  -1.83421  1.000 28.18000 ? 132 ASP A CA    1 
ATOM   1023 C  C     . ASP A 1 132 ? 2.68945   16.18668  -2.85580  1.000 27.98000 ? 132 ASP A C     1 
ATOM   1024 O  O     . ASP A 1 132 ? 2.18522   16.29363  -3.97897  1.000 31.09000 ? 132 ASP A O     1 
ATOM   1025 C  CB    . ASP A 1 132 ? 3.83525   18.08664  -1.76219  1.000 19.98000 ? 132 ASP A CB    1 
ATOM   1026 C  CG    . ASP A 1 132 ? 3.56486   19.48544  -1.37592  1.000 38.00000 ? 132 ASP A CG    1 
ATOM   1027 O  OD1   . ASP A 1 132 ? 2.37472   19.77297  -1.12087  1.000 39.11000 ? 132 ASP A OD1   1 
ATOM   1028 O  OD2   . ASP A 1 132 ? 4.50456   20.30429  -1.34184  1.000 56.16000 ? 132 ASP A OD2   1 
ATOM   1029 N  N     . LEU A 1 133 ? 3.36314   15.12052  -2.47368  1.000 24.40000 ? 133 LEU A N     1 
ATOM   1030 C  CA    . LEU A 1 133 ? 3.45901   13.96641  -3.33668  1.000 24.94000 ? 133 LEU A CA    1 
ATOM   1031 C  C     . LEU A 1 133 ? 2.10705   13.30051  -3.54900  1.000 28.15000 ? 133 LEU A C     1 
ATOM   1032 O  O     . LEU A 1 133 ? 1.87777   12.70549  -4.60601  1.000 34.30000 ? 133 LEU A O     1 
ATOM   1033 C  CB    . LEU A 1 133 ? 4.47042   13.00197  -2.75177  1.000 23.69000 ? 133 LEU A CB    1 
ATOM   1034 C  CG    . LEU A 1 133 ? 4.96779   11.99234  -3.75933  1.000 26.10000 ? 133 LEU A CG    1 
ATOM   1035 C  CD1   . LEU A 1 133 ? 5.25448   12.73566  -5.04399  1.000 36.03000 ? 133 LEU A CD1   1 
ATOM   1036 C  CD2   . LEU A 1 133 ? 6.19605   11.36905  -3.21862  1.000 19.40000 ? 133 LEU A CD2   1 
ATOM   1037 N  N     . ALA A 1 134 ? 1.19965   13.37517  -2.58051  1.000 26.00000 ? 134 ALA A N     1 
ATOM   1038 C  CA    . ALA A 1 134 ? -0.10890  12.77548  -2.80140  1.000 25.99000 ? 134 ALA A CA    1 
ATOM   1039 C  C     . ALA A 1 134 ? -1.04094  13.66460  -3.59599  1.000 35.83000 ? 134 ALA A C     1 
ATOM   1040 O  O     . ALA A 1 134 ? -1.96415  13.15552  -4.24620  1.000 35.93000 ? 134 ALA A O     1 
ATOM   1041 C  CB    . ALA A 1 134 ? -0.77684  12.41936  -1.48758  1.000 21.24000 ? 134 ALA A CB    1 
ATOM   1042 N  N     . ARG A 1 135 ? -0.81334  14.96676  -3.57240  1.000 34.57000 ? 135 ARG A N     1 
ATOM   1043 C  CA    . ARG A 1 135 ? -1.66710  15.86716  -4.33394  1.000 35.74000 ? 135 ARG A CA    1 
ATOM   1044 C  C     . ARG A 1 135 ? -1.22708  15.97288  -5.78376  1.000 33.18000 ? 135 ARG A C     1 
ATOM   1045 O  O     . ARG A 1 135 ? -2.04299  16.27869  -6.66109  1.000 32.91000 ? 135 ARG A O     1 
ATOM   1046 C  CB    . ARG A 1 135 ? -1.68869  17.24926  -3.68061  1.000 34.76000 ? 135 ARG A CB    1 
ATOM   1047 C  CG    . ARG A 1 135 ? -2.46885  18.29697  -4.43736  1.000 45.33000 ? 135 ARG A CG    1 
ATOM   1048 C  CD    . ARG A 1 135 ? -2.40891  19.62716  -3.68849  1.000 57.23000 ? 135 ARG A CD    1 
ATOM   1049 N  NE    . ARG A 1 135 ? -2.83268  19.43286  -2.30877  1.000 54.89000 ? 135 ARG A NE    1 
ATOM   1050 C  CZ    . ARG A 1 135 ? -4.09731  19.45405  -1.91738  1.000 55.41000 ? 135 ARG A CZ    1 
ATOM   1051 N  NH1   . ARG A 1 135 ? -5.07761  19.71041  -2.77077  1.000 56.75000 ? 135 ARG A NH1   1 
ATOM   1052 N  NH2   . ARG A 1 135 ? -4.38780  19.22053  -0.63545  1.000 46.69000 ? 135 ARG A NH2   1 
ATOM   1053 N  N     . SER A 1 136 ? 0.04480   15.71721  -6.05069  1.000 35.43000 ? 136 SER A N     1 
ATOM   1054 C  CA    . SER A 1 136 ? 0.48708   15.65364  -7.42910  1.000 33.32000 ? 136 SER A CA    1 
ATOM   1055 C  C     . SER A 1 136 ? -0.00316  14.39828  -8.12984  1.000 38.81000 ? 136 SER A C     1 
ATOM   1056 O  O     . SER A 1 136 ? -0.04779  14.38127  -9.36708  1.000 48.44000 ? 136 SER A O     1 
ATOM   1057 C  CB    . SER A 1 136 ? 2.01486   15.74267  -7.51296  1.000 24.58000 ? 136 SER A CB    1 
ATOM   1058 O  OG    . SER A 1 136 ? 2.62850   14.65589  -6.85205  1.000 29.54000 ? 136 SER A OG    1 
ATOM   1059 N  N     . TYR A 1 137 ? -0.38830  13.36182  -7.39048  1.000 33.71000 ? 137 TYR A N     1 
ATOM   1060 C  CA    . TYR A 1 137 ? -0.76384  12.11187  -8.03905  1.000 37.38000 ? 137 TYR A CA    1 
ATOM   1061 C  C     . TYR A 1 137 ? -2.26438  11.96538  -8.23321  1.000 37.38000 ? 137 TYR A C     1 
ATOM   1062 O  O     . TYR A 1 137 ? -2.69960  11.02432  -8.91019  1.000 26.28000 ? 137 TYR A O     1 
ATOM   1063 C  CB    . TYR A 1 137 ? -0.23773  10.91778  -7.23154  1.000 33.57000 ? 137 TYR A CB    1 
ATOM   1064 C  CG    . TYR A 1 137 ? 1.27654   10.73800  -7.25114  1.000 43.79000 ? 137 TYR A CG    1 
ATOM   1065 C  CD1   . TYR A 1 137 ? 2.07734   11.39871  -8.17652  1.000 37.99000 ? 137 TYR A CD1   1 
ATOM   1066 C  CD2   . TYR A 1 137 ? 1.90012   9.88910   -6.35062  1.000 44.75000 ? 137 TYR A CD2   1 
ATOM   1067 C  CE1   . TYR A 1 137 ? 3.44741   11.21835  -8.18776  1.000 30.38000 ? 137 TYR A CE1   1 
ATOM   1068 C  CE2   . TYR A 1 137 ? 3.27605   9.70350   -6.36219  1.000 35.07000 ? 137 TYR A CE2   1 
ATOM   1069 C  CZ    . TYR A 1 137 ? 4.04324   10.36651  -7.27908  1.000 34.96000 ? 137 TYR A CZ    1 
ATOM   1070 O  OH    . TYR A 1 137 ? 5.40963   10.16749  -7.26496  1.000 38.61000 ? 137 TYR A OH    1 
ATOM   1071 N  N     . GLY A 1 138 ? -3.05064  12.88162  -7.67743  1.000 45.98000 ? 138 GLY A N     1 
ATOM   1072 C  CA    . GLY A 1 138 ? -4.46954  12.63525  -7.45976  1.000 45.57000 ? 138 GLY A CA    1 
ATOM   1073 C  C     . GLY A 1 138 ? -4.74255  11.42211  -6.59414  1.000 48.02000 ? 138 GLY A C     1 
ATOM   1074 O  O     . GLY A 1 138 ? -5.60860  10.60584  -6.93328  1.000 34.60000 ? 138 GLY A O     1 
ATOM   1075 N  N     . ILE A 1 139 ? -4.02187  11.27271  -5.48415  1.000 36.77000 ? 139 ILE A N     1 
ATOM   1076 C  CA    . ILE A 1 139 ? -4.23384  10.13566  -4.59195  1.000 24.95000 ? 139 ILE A CA    1 
ATOM   1077 C  C     . ILE A 1 139 ? -4.30269  10.63046  -3.16192  1.000 30.30000 ? 139 ILE A C     1 
ATOM   1078 O  O     . ILE A 1 139 ? -3.80253  11.71909  -2.83495  1.000 26.02000 ? 139 ILE A O     1 
ATOM   1079 C  CB    . ILE A 1 139 ? -3.11786  9.07489   -4.74314  1.000 20.90000 ? 139 ILE A CB    1 
ATOM   1080 C  CG1   . ILE A 1 139 ? -1.76426  9.64259   -4.28372  1.000 21.42000 ? 139 ILE A CG1   1 
ATOM   1081 C  CG2   . ILE A 1 139 ? -3.00506  8.66045   -6.18848  1.000 24.18000 ? 139 ILE A CG2   1 
ATOM   1082 C  CD1   . ILE A 1 139 ? -0.68544  8.57862   -4.13516  1.000 18.73000 ? 139 ILE A CD1   1 
ATOM   1083 N  N     . PRO A 1 140 ? -4.98310  9.87424   -2.28270  1.000 31.73000 ? 140 PRO A N     1 
ATOM   1084 C  CA    . PRO A 1 140 ? -4.99612  10.24619  -0.86222  1.000 21.28000 ? 140 PRO A CA    1 
ATOM   1085 C  C     . PRO A 1 140 ? -3.69963  9.86218   -0.18501  1.000 13.39000 ? 140 PRO A C     1 
ATOM   1086 O  O     . PRO A 1 140 ? -3.06270  8.87182   -0.53774  1.000 17.06000 ? 140 PRO A O     1 
ATOM   1087 C  CB    . PRO A 1 140 ? -6.17278  9.45391   -0.28002  1.000 17.90000 ? 140 PRO A CB    1 
ATOM   1088 C  CG    . PRO A 1 140 ? -6.96550  8.99900   -1.45086  1.000 27.51000 ? 140 PRO A CG    1 
ATOM   1089 C  CD    . PRO A 1 140 ? -5.96431  8.80787   -2.55770  1.000 22.37000 ? 140 PRO A CD    1 
ATOM   1090 N  N     . PHE A 1 141 ? -3.31319  10.66435  0.80325   1.000 16.54000 ? 141 PHE A N     1 
ATOM   1091 C  CA    . PHE A 1 141 ? -2.14461  10.40838  1.63454   1.000 21.11000 ? 141 PHE A CA    1 
ATOM   1092 C  C     . PHE A 1 141 ? -2.59459  9.96791   3.01359   1.000 25.06000 ? 141 PHE A C     1 
ATOM   1093 O  O     . PHE A 1 141 ? -3.43971  10.61797  3.63773   1.000 18.00000 ? 141 PHE A O     1 
ATOM   1094 C  CB    . PHE A 1 141 ? -1.24299  11.63622  1.79092   1.000 21.29000 ? 141 PHE A CB    1 
ATOM   1095 C  CG    . PHE A 1 141 ? -0.26461  11.51885  2.93385   1.000 17.32000 ? 141 PHE A CG    1 
ATOM   1096 C  CD1   . PHE A 1 141 ? 0.61753   10.45571  3.00167   1.000 18.06000 ? 141 PHE A CD1   1 
ATOM   1097 C  CD2   . PHE A 1 141 ? -0.23158  12.46664  3.94107   1.000 17.01000 ? 141 PHE A CD2   1 
ATOM   1098 C  CE1   . PHE A 1 141 ? 1.49315   10.33353  4.05804   1.000 24.48000 ? 141 PHE A CE1   1 
ATOM   1099 C  CE2   . PHE A 1 141 ? 0.65929   12.35923  4.99120   1.000 18.73000 ? 141 PHE A CE2   1 
ATOM   1100 C  CZ    . PHE A 1 141 ? 1.51821   11.29556  5.05479   1.000 24.75000 ? 141 PHE A CZ    1 
ATOM   1101 N  N     . ILE A 1 142 ? -2.07687  8.84214   3.51928   1.000 20.82000 ? 142 ILE A N     1 
ATOM   1102 C  CA    . ILE A 1 142 ? -2.43001  8.39482   4.90350   1.000 24.57000 ? 142 ILE A CA    1 
ATOM   1103 C  C     . ILE A 1 142 ? -1.16410  8.14490   5.73136   1.000 26.63000 ? 142 ILE A C     1 
ATOM   1104 O  O     . ILE A 1 142 ? -0.25917  7.49767   5.20736   1.000 25.12000 ? 142 ILE A O     1 
ATOM   1105 C  CB    . ILE A 1 142 ? -3.32393  7.13662   4.86454   1.000 30.29000 ? 142 ILE A CB    1 
ATOM   1106 N  N     . GLU A 1 143 ? -1.09886  8.64144   6.97181   1.000 23.64000 ? 143 GLU A N     1 
ATOM   1107 C  CA    . GLU A 1 143 ? 0.03978   8.31747   7.87399   1.000 17.77000 ? 143 GLU A CA    1 
ATOM   1108 C  C     . GLU A 1 143 ? -0.41288  7.16012   8.76448   1.000 26.75000 ? 143 GLU A C     1 
ATOM   1109 O  O     . GLU A 1 143 ? -1.45031  7.31443   9.42972   1.000 34.61000 ? 143 GLU A O     1 
ATOM   1110 C  CB    . GLU A 1 143 ? 0.43803   9.52643   8.71893   1.000 20.81000 ? 143 GLU A CB    1 
ATOM   1111 C  CG    . GLU A 1 143 ? 1.02869   10.66745  7.91635   1.000 42.62000 ? 143 GLU A CG    1 
ATOM   1112 C  CD    . GLU A 1 143 ? 1.36323   11.90301  8.73348   1.000 56.16000 ? 143 GLU A CD    1 
ATOM   1113 O  OE1   . GLU A 1 143 ? 0.96147   11.95707  9.91144   1.000 45.68000 ? 143 GLU A OE1   1 
ATOM   1114 O  OE2   . GLU A 1 143 ? 2.02436   12.80698  8.18703   1.000 56.48000 ? 143 GLU A OE2   1 
ATOM   1115 N  N     . THR A 1 144 ? 0.32832   6.04804   8.78793   1.000 20.88000 ? 144 THR A N     1 
ATOM   1116 C  CA    . THR A 1 144 ? -0.13979  4.84193   9.52298   1.000 19.84000 ? 144 THR A CA    1 
ATOM   1117 C  C     . THR A 1 144 ? 0.87503   4.35382   10.56057  1.000 24.01000 ? 144 THR A C     1 
ATOM   1118 O  O     . THR A 1 144 ? 1.99977   4.87416   10.53904  1.000 28.16000 ? 144 THR A O     1 
ATOM   1119 C  CB    . THR A 1 144 ? -0.37539  3.68923   8.54155   1.000 20.11000 ? 144 THR A CB    1 
ATOM   1120 O  OG1   . THR A 1 144 ? 0.89778   3.21736   8.10592   1.000 18.57000 ? 144 THR A OG1   1 
ATOM   1121 C  CG2   . THR A 1 144 ? -1.21842  4.07418   7.34896   1.000 20.20000 ? 144 THR A CG2   1 
ATOM   1122 N  N     . SER A 1 145 ? 0.49207   3.40885   11.43993  1.000 24.84000 ? 145 SER A N     1 
ATOM   1123 C  CA    . SER A 1 145 ? 1.46057   2.80402   12.36392  1.000 25.91000 ? 145 SER A CA    1 
ATOM   1124 C  C     . SER A 1 145 ? 1.07607   1.33806   12.54034  1.000 18.37000 ? 145 SER A C     1 
ATOM   1125 O  O     . SER A 1 145 ? 0.14289   1.02882   13.27965  1.000 18.47000 ? 145 SER A O     1 
ATOM   1126 C  CB    . SER A 1 145 ? 1.50052   3.53259   13.70367  1.000 21.95000 ? 145 SER A CB    1 
ATOM   1127 O  OG    . SER A 1 145 ? 2.53043   2.99824   14.51502  1.000 20.02000 ? 145 SER A OG    1 
ATOM   1128 N  N     . ALA A 1 146 ? 1.78566   0.44246   11.85715  1.000 17.59000 ? 146 ALA A N     1 
ATOM   1129 C  CA    . ALA A 1 146 ? 1.50616   -0.97306  12.03057  1.000 15.52000 ? 146 ALA A CA    1 
ATOM   1130 C  C     . ALA A 1 146 ? 1.72652   -1.41804  13.46314  1.000 16.11000 ? 146 ALA A C     1 
ATOM   1131 O  O     . ALA A 1 146 ? 1.07691   -2.35454  13.92151  1.000 23.54000 ? 146 ALA A O     1 
ATOM   1132 C  CB    . ALA A 1 146 ? 2.38462   -1.80675  11.10601  1.000 22.40000 ? 146 ALA A CB    1 
ATOM   1133 N  N     . LYS A 1 147 ? 2.67070   -0.79832  14.16409  1.000 20.32000 ? 147 LYS A N     1 
ATOM   1134 C  CA    . LYS A 1 147 ? 2.93492   -1.16408  15.54931  1.000 20.43000 ? 147 LYS A CA    1 
ATOM   1135 C  C     . LYS A 1 147 ? 1.71666   -0.90431  16.40897  1.000 20.92000 ? 147 LYS A C     1 
ATOM   1136 O  O     . LYS A 1 147 ? 1.45248   -1.64089  17.36536  1.000 18.87000 ? 147 LYS A O     1 
ATOM   1137 C  CB    . LYS A 1 147 ? 4.12392   -0.36465  16.05272  1.000 24.24000 ? 147 LYS A CB    1 
ATOM   1138 C  CG    . LYS A 1 147 ? 4.49362   -0.59442  17.48380  1.000 21.93000 ? 147 LYS A CG    1 
ATOM   1139 C  CD    . LYS A 1 147 ? 5.52730   0.44300   17.90383  1.000 19.85000 ? 147 LYS A CD    1 
ATOM   1140 C  CE    . LYS A 1 147 ? 6.24380   0.05353   19.15773  1.000 29.45000 ? 147 LYS A CE    1 
ATOM   1141 N  NZ    . LYS A 1 147 ? 7.25558   1.08256   19.53683  1.000 40.85000 ? 147 LYS A NZ    1 
ATOM   1142 N  N     . THR A 1 148 ? 0.94583   0.12027   16.04429  1.000 21.27000 ? 148 THR A N     1 
ATOM   1143 C  CA    . THR A 1 148 ? -0.22538  0.57787   16.76946  1.000 17.17000 ? 148 THR A CA    1 
ATOM   1144 C  C     . THR A 1 148 ? -1.44845  0.70084   15.87151  1.000 16.54000 ? 148 THR A C     1 
ATOM   1145 O  O     . THR A 1 148 ? -2.39615  1.41003   16.22783  1.000 18.99000 ? 148 THR A O     1 
ATOM   1146 C  CB    . THR A 1 148 ? 0.06055   1.93056   17.41070  1.000 19.01000 ? 148 THR A CB    1 
ATOM   1147 O  OG1   . THR A 1 148 ? -0.28544  2.94649   16.46153  1.000 20.42000 ? 148 THR A OG1   1 
ATOM   1148 C  CG2   . THR A 1 148 ? 1.55821   2.06001   17.78069  1.000 15.43000 ? 148 THR A CG2   1 
ATOM   1149 N  N     . ARG A 1 149 ? -1.43571  0.06856   14.70568  1.000 18.32000 ? 149 ARG A N     1 
ATOM   1150 C  CA    . ARG A 1 149 ? -2.60324  -0.00931  13.83942  1.000 13.45000 ? 149 ARG A CA    1 
ATOM   1151 C  C     . ARG A 1 149 ? -3.19419  1.33875   13.44862  1.000 17.61000 ? 149 ARG A C     1 
ATOM   1152 O  O     . ARG A 1 149 ? -4.25926  1.37319   12.82837  1.000 17.71000 ? 149 ARG A O     1 
ATOM   1153 C  CB    . ARG A 1 149 ? -3.69288  -0.85580  14.47242  1.000 15.90000 ? 149 ARG A CB    1 
ATOM   1154 C  CG    . ARG A 1 149 ? -4.50543  -1.63515  13.45082  1.000 18.64000 ? 149 ARG A CG    1 
ATOM   1155 C  CD    . ARG A 1 149 ? -5.90633  -1.91489  13.90607  1.000 21.76000 ? 149 ARG A CD    1 
ATOM   1156 N  NE    . ARG A 1 149 ? -6.71430  -2.44041  12.81791  1.000 16.21000 ? 149 ARG A NE    1 
ATOM   1157 C  CZ    . ARG A 1 149 ? -6.60655  -3.68444  12.38125  1.000 29.24000 ? 149 ARG A CZ    1 
ATOM   1158 N  NH1   . ARG A 1 149 ? -5.69657  -4.50464  12.88236  1.000 28.56000 ? 149 ARG A NH1   1 
ATOM   1159 N  NH2   . ARG A 1 149 ? -7.43245  -4.12081  11.43109  1.000 24.61000 ? 149 ARG A NH2   1 
ATOM   1160 N  N     . GLN A 1 150 ? -2.56296  2.45740   13.81495  1.000 25.75000 ? 150 GLN A N     1 
ATOM   1161 C  CA    . GLN A 1 150 ? -3.16463  3.74107   13.46985  1.000 18.81000 ? 150 GLN A CA    1 
ATOM   1162 C  C     . GLN A 1 150 ? -3.22109  3.89261   11.95543  1.000 17.27000 ? 150 GLN A C     1 
ATOM   1163 O  O     . GLN A 1 150 ? -2.28297  3.53259   11.24129  1.000 18.19000 ? 150 GLN A O     1 
ATOM   1164 C  CB    . GLN A 1 150 ? -2.40892  4.90356   14.10182  1.000 18.29000 ? 150 GLN A CB    1 
ATOM   1165 C  CG    . GLN A 1 150 ? -2.96592  6.26683   13.72685  1.000 16.05000 ? 150 GLN A CG    1 
ATOM   1166 C  CD    . GLN A 1 150 ? -1.94369  7.37477   13.88987  1.000 20.63000 ? 150 GLN A CD    1 
ATOM   1167 O  OE1   . GLN A 1 150 ? -1.13771  7.36735   14.81996  1.000 21.63000 ? 150 GLN A OE1   1 
ATOM   1168 N  NE2   . GLN A 1 150 ? -1.95582  8.32078   12.96556  1.000 16.52000 ? 150 GLN A NE2   1 
ATOM   1169 N  N     . GLY A 1 151 ? -4.35741  4.36914   11.46374  1.000 13.38000 ? 151 GLY A N     1 
ATOM   1170 C  CA    . GLY A 1 151 ? -4.55778  4.51903   10.04112  1.000 14.65000 ? 151 GLY A CA    1 
ATOM   1171 C  C     . GLY A 1 151 ? -4.52629  3.27364   9.17029   1.000 18.54000 ? 151 GLY A C     1 
ATOM   1172 O  O     . GLY A 1 151 ? -4.68789  3.39879   7.95885   1.000 23.86000 ? 151 GLY A O     1 
ATOM   1173 N  N     . VAL A 1 152 ? -4.34813  2.07573   9.73943   1.000 16.68000 ? 152 VAL A N     1 
ATOM   1174 C  CA    . VAL A 1 152 ? -4.21728  0.85733   8.92643   1.000 13.22000 ? 152 VAL A CA    1 
ATOM   1175 C  C     . VAL A 1 152 ? -5.51117  0.56671   8.17748   1.000 16.51000 ? 152 VAL A C     1 
ATOM   1176 O  O     . VAL A 1 152 ? -5.53727  0.50787   6.94375   1.000 15.48000 ? 152 VAL A O     1 
ATOM   1177 C  CB    . VAL A 1 152 ? -3.80273  -0.34308  9.79843   1.000 14.04000 ? 152 VAL A CB    1 
ATOM   1178 C  CG1   . VAL A 1 152 ? -4.02118  -1.65001  9.07601   1.000 16.71000 ? 152 VAL A CG1   1 
ATOM   1179 C  CG2   . VAL A 1 152 ? -2.36021  -0.22448  10.19182  1.000 21.48000 ? 152 VAL A CG2   1 
ATOM   1180 N  N     . ASP A 1 153 ? -6.59898  0.35814   8.92062   1.000 21.68000 ? 153 ASP A N     1 
ATOM   1181 C  CA    . ASP A 1 153 ? -7.90453  0.18157   8.29195   1.000 22.57000 ? 153 ASP A CA    1 
ATOM   1182 C  C     . ASP A 1 153 ? -8.20180  1.31857   7.33790   1.000 23.27000 ? 153 ASP A C     1 
ATOM   1183 O  O     . ASP A 1 153 ? -8.52388  1.09884   6.16505   1.000 24.70000 ? 153 ASP A O     1 
ATOM   1184 C  CB    . ASP A 1 153 ? -8.99812  0.10592   9.35234   1.000 18.58000 ? 153 ASP A CB    1 
ATOM   1185 C  CG    . ASP A 1 153 ? -9.05710  -1.23285  9.99418   1.000 29.93000 ? 153 ASP A CG    1 
ATOM   1186 O  OD1   . ASP A 1 153 ? -8.38693  -2.15090  9.48113   1.000 24.75000 ? 153 ASP A OD1   1 
ATOM   1187 O  OD2   . ASP A 1 153 ? -9.75528  -1.37934  11.02028  1.000 43.97000 ? 153 ASP A OD2   1 
ATOM   1188 N  N     . ASP A 1 154 ? -8.09290  2.54525   7.83924   1.000 21.54000 ? 154 ASP A N     1 
ATOM   1189 C  CA    . ASP A 1 154 ? -8.38635  3.73092   7.04783   1.000 22.48000 ? 154 ASP A CA    1 
ATOM   1190 C  C     . ASP A 1 154 ? -7.63177  3.72263   5.72712   1.000 29.75000 ? 154 ASP A C     1 
ATOM   1191 O  O     . ASP A 1 154 ? -8.20293  4.01046   4.67327   1.000 24.87000 ? 154 ASP A O     1 
ATOM   1192 C  CB    . ASP A 1 154 ? -8.02353  4.96800   7.84913   1.000 28.26000 ? 154 ASP A CB    1 
ATOM   1193 C  CG    . ASP A 1 154 ? -8.32795  6.20971   7.10863   1.000 35.61000 ? 154 ASP A CG    1 
ATOM   1194 O  OD1   . ASP A 1 154 ? -9.15449  6.13732   6.17604   1.000 41.74000 ? 154 ASP A OD1   1 
ATOM   1195 O  OD2   . ASP A 1 154 ? -7.73528  7.25383   7.43528   1.000 35.70000 ? 154 ASP A OD2   1 
ATOM   1196 N  N     . ALA A 1 155 ? -6.38135  3.25073   5.74050   1.000 21.35000 ? 155 ALA A N     1 
ATOM   1197 C  CA    . ALA A 1 155 ? -5.57765  3.15816   4.49964   1.000 15.68000 ? 155 ALA A CA    1 
ATOM   1198 C  C     . ALA A 1 155 ? -6.20016  2.16771   3.52269   1.000 21.83000 ? 155 ALA A C     1 
ATOM   1199 O  O     . ALA A 1 155 ? -6.58352  2.59032   2.42598   1.000 25.66000 ? 155 ALA A O     1 
ATOM   1200 C  CB    . ALA A 1 155 ? -4.15726  2.77131   4.81360   1.000 20.02000 ? 155 ALA A CB    1 
ATOM   1201 N  N     . PHE A 1 156 ? -6.29001  0.89669   3.90956   1.000 17.80000 ? 156 PHE A N     1 
ATOM   1202 C  CA    . PHE A 1 156 ? -6.79852  -0.14676  2.98609   1.000 18.27000 ? 156 PHE A CA    1 
ATOM   1203 C  C     . PHE A 1 156 ? -8.24734  0.15476   2.61375   1.000 21.61000 ? 156 PHE A C     1 
ATOM   1204 O  O     . PHE A 1 156 ? -8.63903  -0.11952  1.47473   1.000 26.15000 ? 156 PHE A O     1 
ATOM   1205 C  CB    . PHE A 1 156 ? -6.67253  -1.52912  3.62818   1.000 16.37000 ? 156 PHE A CB    1 
ATOM   1206 C  CG    . PHE A 1 156 ? -5.27342  -2.07090  3.77687   1.000 18.69000 ? 156 PHE A CG    1 
ATOM   1207 C  CD1   . PHE A 1 156 ? -4.71381  -2.86835  2.79334   1.000 24.66000 ? 156 PHE A CD1   1 
ATOM   1208 C  CD2   . PHE A 1 156 ? -4.53274  -1.82918  4.92159   1.000 11.77000 ? 156 PHE A CD2   1 
ATOM   1209 C  CE1   . PHE A 1 156 ? -3.44066  -3.39392  2.94384   1.000 19.21000 ? 156 PHE A CE1   1 
ATOM   1210 C  CE2   . PHE A 1 156 ? -3.25899  -2.35120  5.07187   1.000 13.94000 ? 156 PHE A CE2   1 
ATOM   1211 C  CZ    . PHE A 1 156 ? -2.71525  -3.13510  4.08162   1.000 14.63000 ? 156 PHE A CZ    1 
ATOM   1212 N  N     . TYR A 1 157 ? -9.01489  0.70484   3.55095   1.000 21.30000 ? 157 TYR A N     1 
ATOM   1213 C  CA    . TYR A 1 157 ? -10.44603 1.00974   3.29494   1.000 32.19000 ? 157 TYR A CA    1 
ATOM   1214 C  C     . TYR A 1 157 ? -10.52474 2.14500   2.28121   1.000 31.02000 ? 157 TYR A C     1 
ATOM   1215 O  O     . TYR A 1 157 ? -11.29940 2.01035   1.33261   1.000 28.02000 ? 157 TYR A O     1 
ATOM   1216 C  CB    . TYR A 1 157 ? -11.17876 1.39044   4.58598   1.000 35.96000 ? 157 TYR A CB    1 
ATOM   1217 C  CG    . TYR A 1 157 ? -11.54703 0.24410   5.49459   1.000 29.98000 ? 157 TYR A CG    1 
ATOM   1218 C  CD1   . TYR A 1 157 ? -10.99640 -1.01654  5.33202   1.000 28.33000 ? 157 TYR A CD1   1 
ATOM   1219 C  CD2   . TYR A 1 157 ? -12.44595 0.42492   6.52983   1.000 28.73000 ? 157 TYR A CD2   1 
ATOM   1220 C  CE1   . TYR A 1 157 ? -11.33161 -2.06786  6.16838   1.000 32.64000 ? 157 TYR A CE1   1 
ATOM   1221 C  CE2   . TYR A 1 157 ? -12.79380 -0.61383  7.37513   1.000 34.07000 ? 157 TYR A CE2   1 
ATOM   1222 C  CZ    . TYR A 1 157 ? -12.23610 -1.86648  7.19266   1.000 32.31000 ? 157 TYR A CZ    1 
ATOM   1223 O  OH    . TYR A 1 157 ? -12.57354 -2.89359  8.02258   1.000 36.58000 ? 157 TYR A OH    1 
ATOM   1224 N  N     . THR A 1 158 ? -9.72683  3.20167   2.47428   1.000 29.73000 ? 158 THR A N     1 
ATOM   1225 C  CA    . THR A 1 158 ? -9.68295  4.32267   1.49887   1.000 27.44000 ? 158 THR A CA    1 
ATOM   1226 C  C     . THR A 1 158 ? -9.32478  3.77112   0.12030   1.000 22.58000 ? 158 THR A C     1 
ATOM   1227 O  O     . THR A 1 158 ? -9.96187  4.18435   -0.84283  1.000 26.90000 ? 158 THR A O     1 
ATOM   1228 C  CB    . THR A 1 158 ? -8.71858  5.42890   1.94256   1.000 23.28000 ? 158 THR A CB    1 
ATOM   1229 O  OG1   . THR A 1 158 ? -9.25707  6.00008   3.13418   1.000 20.77000 ? 158 THR A OG1   1 
ATOM   1230 C  CG2   . THR A 1 158 ? -8.53917  6.51982   0.91322   1.000 25.64000 ? 158 THR A CG2   1 
ATOM   1231 N  N     . LEU A 1 159 ? -8.36436  2.85033   0.04460   1.000 18.04000 ? 159 LEU A N     1 
ATOM   1232 C  CA    . LEU A 1 159 ? -7.93046  2.32283   -1.27017  1.000 16.83000 ? 159 LEU A CA    1 
ATOM   1233 C  C     . LEU A 1 159 ? -9.12150  1.66920   -1.96851  1.000 25.41000 ? 159 LEU A C     1 
ATOM   1234 O  O     . LEU A 1 159 ? -9.22089  1.79968   -3.18684  1.000 24.29000 ? 159 LEU A O     1 
ATOM   1235 C  CB    . LEU A 1 159 ? -6.78275  1.33628   -1.06159  1.000 16.42000 ? 159 LEU A CB    1 
ATOM   1236 C  CG    . LEU A 1 159 ? -6.23668  0.69474   -2.33055  1.000 22.90000 ? 159 LEU A CG    1 
ATOM   1237 C  CD1   . LEU A 1 159 ? -5.78109  1.75814   -3.30948  1.000 30.13000 ? 159 LEU A CD1   1 
ATOM   1238 C  CD2   . LEU A 1 159 ? -5.10618  -0.25919  -2.00272  1.000 31.18000 ? 159 LEU A CD2   1 
ATOM   1239 N  N     . VAL A 1 160 ? -10.00626 1.01389   -1.22213  1.000 25.15000 ? 160 VAL A N     1 
ATOM   1240 C  CA    . VAL A 1 160 ? -11.13260 0.31795   -1.83439  1.000 23.89000 ? 160 VAL A CA    1 
ATOM   1241 C  C     . VAL A 1 160 ? -12.21948 1.30897   -2.20780  1.000 26.51000 ? 160 VAL A C     1 
ATOM   1242 O  O     . VAL A 1 160 ? -12.89503 1.14777   -3.23487  1.000 28.84000 ? 160 VAL A O     1 
ATOM   1243 C  CB    . VAL A 1 160 ? -11.67126 -0.78774  -0.91077  1.000 30.57000 ? 160 VAL A CB    1 
ATOM   1244 C  CG1   . VAL A 1 160 ? -12.95334 -1.36859  -1.47663  1.000 30.93000 ? 160 VAL A CG1   1 
ATOM   1245 C  CG2   . VAL A 1 160 ? -10.63509 -1.87489  -0.75761  1.000 34.78000 ? 160 VAL A CG2   1 
ATOM   1246 N  N     . ARG A 1 161 ? -12.40680 2.33020   -1.35686  1.000 30.62000 ? 161 ARG A N     1 
ATOM   1247 C  CA    . ARG A 1 161 ? -13.23969 3.48171   -1.69961  1.000 38.35000 ? 161 ARG A CA    1 
ATOM   1248 C  C     . ARG A 1 161 ? -12.75518 4.13996   -2.98123  1.000 25.50000 ? 161 ARG A C     1 
ATOM   1249 O  O     . ARG A 1 161 ? -13.55985 4.52734   -3.83992  1.000 29.10000 ? 161 ARG A O     1 
ATOM   1250 C  CB    . ARG A 1 161 ? -13.24995 4.48662   -0.54081  1.000 36.35000 ? 161 ARG A CB    1 
ATOM   1251 C  CG    . ARG A 1 161 ? -13.77757 3.92824   0.79670   1.000 45.97000 ? 161 ARG A CG    1 
ATOM   1252 C  CD    . ARG A 1 161 ? -14.30839 5.01967   1.76352   1.000 55.30000 ? 161 ARG A CD    1 
ATOM   1253 N  NE    . ARG A 1 161 ? -15.00907 4.44675   2.91043   1.000 51.08000 ? 161 ARG A NE    1 
ATOM   1254 C  CZ    . ARG A 1 161 ? -14.41565 4.04694   4.02847   1.000 56.87000 ? 161 ARG A CZ    1 
ATOM   1255 N  NH1   . ARG A 1 161 ? -13.11224 4.19299   4.20616   1.000 52.17000 ? 161 ARG A NH1   1 
ATOM   1256 N  NH2   . ARG A 1 161 ? -15.14800 3.48248   4.98897   1.000 56.97000 ? 161 ARG A NH2   1 
ATOM   1257 N  N     . GLU A 1 162 ? -11.44081 4.26830   -3.13044  1.000 19.98000 ? 162 GLU A N     1 
ATOM   1258 C  CA    . GLU A 1 162 ? -10.89697 4.69247   -4.40609  1.000 20.52000 ? 162 GLU A CA    1 
ATOM   1259 C  C     . GLU A 1 162 ? -11.27471 3.71662   -5.50710  1.000 23.00000 ? 162 GLU A C     1 
ATOM   1260 O  O     . GLU A 1 162 ? -11.83758 4.11097   -6.53421  1.000 28.03000 ? 162 GLU A O     1 
ATOM   1261 C  CB    . GLU A 1 162 ? -9.38649  4.83005   -4.30069  1.000 26.99000 ? 162 GLU A CB    1 
ATOM   1262 C  CG    . GLU A 1 162 ? -8.94418  5.93413   -3.38093  1.000 22.17000 ? 162 GLU A CG    1 
ATOM   1263 C  CD    . GLU A 1 162 ? -9.47264  7.27074   -3.82548  1.000 30.05000 ? 162 GLU A CD    1 
ATOM   1264 O  OE1   . GLU A 1 162 ? -8.99276  7.79342   -4.85278  1.000 28.83000 ? 162 GLU A OE1   1 
ATOM   1265 O  OE2   . GLU A 1 162 ? -10.38687 7.80399   -3.15663  1.000 33.69000 ? 162 GLU A OE2   1 
ATOM   1266 N  N     . ILE A 1 163 ? -10.98674 2.43081   -5.31156  1.000 20.20000 ? 163 ILE A N     1 
ATOM   1267 C  CA    . ILE A 1 163 ? -11.33132 1.47050   -6.34858  1.000 20.29000 ? 163 ILE A CA    1 
ATOM   1268 C  C     . ILE A 1 163 ? -12.83213 1.48580   -6.61132  1.000 25.84000 ? 163 ILE A C     1 
ATOM   1269 O  O     . ILE A 1 163 ? -13.27114 1.30393   -7.75391  1.000 31.27000 ? 163 ILE A O     1 
ATOM   1270 C  CB    . ILE A 1 163 ? -10.81966 0.07210   -5.96909  1.000 25.86000 ? 163 ILE A CB    1 
ATOM   1271 C  CG1   . ILE A 1 163 ? -9.29592  0.01897   -6.01567  1.000 21.87000 ? 163 ILE A CG1   1 
ATOM   1272 C  CG2   . ILE A 1 163 ? -11.41651 -0.98752  -6.87764  1.000 43.28000 ? 163 ILE A CG2   1 
ATOM   1273 N  N     . ARG A 1 164 ? -13.64633 1.72623   -5.58229  1.000 24.15000 ? 164 ARG A N     1 
ATOM   1274 C  CA    . ARG A 1 164 ? -15.06066 1.95863   -5.84765  1.000 34.46000 ? 164 ARG A CA    1 
ATOM   1275 C  C     . ARG A 1 164 ? -15.25964 3.15405   -6.78092  1.000 39.51000 ? 164 ARG A C     1 
ATOM   1276 O  O     . ARG A 1 164 ? -16.10146 3.11405   -7.68764  1.000 41.42000 ? 164 ARG A O     1 
ATOM   1277 C  CB    . ARG A 1 164 ? -15.82280 2.15754   -4.53729  1.000 32.67000 ? 164 ARG A CB    1 
ATOM   1278 C  CG    . ARG A 1 164 ? -16.61239 0.93571   -4.07809  1.000 36.14000 ? 164 ARG A CG    1 
ATOM   1279 C  CD    . ARG A 1 164 ? -17.15311 1.14446   -2.65620  1.000 27.08000 ? 164 ARG A CD    1 
ATOM   1280 N  NE    . ARG A 1 164 ? -17.07525 -0.06291  -1.84323  1.000 37.45000 ? 164 ARG A NE    1 
ATOM   1281 C  CZ    . ARG A 1 164 ? -17.08494 -0.07836  -0.51502  1.000 43.59000 ? 164 ARG A CZ    1 
ATOM   1282 N  NH1   . ARG A 1 164 ? -17.16849 1.03781   0.18398   1.000 50.99000 ? 164 ARG A NH1   1 
ATOM   1283 N  NH2   . ARG A 1 164 ? -17.00091 -1.24303  0.12700   1.000 40.25000 ? 164 ARG A NH2   1 
ATOM   1284 N  N     . LYS A 1 165 ? -14.49233 4.22844   -6.58590  1.000 31.51000 ? 165 LYS A N     1 
ATOM   1285 C  CA    . LYS A 1 165 ? -14.74330 5.41287   -7.39414  1.000 29.99000 ? 165 LYS A CA    1 
ATOM   1286 C  C     . LYS A 1 165 ? -14.20810 5.25107   -8.80588  1.000 36.79000 ? 165 LYS A C     1 
ATOM   1287 O  O     . LYS A 1 165 ? -14.73140 5.87240   -9.73743  1.000 41.50000 ? 165 LYS A O     1 
ATOM   1288 C  CB    . LYS A 1 165 ? -14.17816 6.64129   -6.70417  1.000 25.77000 ? 165 LYS A CB    1 
ATOM   1289 C  CG    . LYS A 1 165 ? -15.03515 7.10488   -5.54878  1.000 29.37000 ? 165 LYS A CG    1 
ATOM   1290 C  CD    . LYS A 1 165 ? -14.20438 7.90974   -4.57930  1.000 36.51000 ? 165 LYS A CD    1 
ATOM   1291 C  CE    . LYS A 1 165 ? -13.47970 9.02550   -5.31701  1.000 42.37000 ? 165 LYS A CE    1 
ATOM   1292 N  NZ    . LYS A 1 165 ? -12.20878 9.43747   -4.63310  1.000 44.66000 ? 165 LYS A NZ    1 
ATOM   1293 N  N     . HIS A 1 166 ? -13.22600 4.37050   -8.99137  1.000 39.48000 ? 166 HIS A N     1 
ATOM   1294 C  CA    . HIS A 1 166 ? -12.66475 4.11851   -10.34543 1.000 38.64000 ? 166 HIS A CA    1 
ATOM   1295 C  C     . HIS A 1 166 ? -13.61215 3.23015   -11.16398 1.000 38.27000 ? 166 HIS A C     1 
ATOM   1296 O  O     . HIS A 1 166 ? -13.49132 3.20314   -12.39949 1.000 37.40000 ? 166 HIS A O     1 
ATOM   1297 C  CB    . HIS A 1 166 ? -11.23204 3.59258   -10.23074 1.000 35.24000 ? 166 HIS A CB    1 
ATOM   1298 C  CG    . HIS A 1 166 ? -10.64036 3.14368   -11.52215 1.000 52.23000 ? 166 HIS A CG    1 
ATOM   1299 N  ND1   . HIS A 1 166 ? -10.46802 1.80808   -11.82698 1.000 57.26000 ? 166 HIS A ND1   1 
ATOM   1300 C  CD2   . HIS A 1 166 ? -10.20379 3.83849   -12.59223 1.000 58.53000 ? 166 HIS A CD2   1 
ATOM   1301 C  CE1   . HIS A 1 166 ? -9.94006  1.70149   -13.02821 1.000 61.42000 ? 166 HIS A CE1   1 
ATOM   1302 N  NE2   . HIS A 1 166 ? -9.77238  2.93266   -13.52101 1.000 67.23000 ? 166 HIS A NE2   1 
ATOM   1303 N  N     . LYS A 1 167 ? -14.55015 2.55310   -10.50951 1.000 35.30000 ? 167 LYS A N     1 
ATOM   1304 C  CA    . LYS A 1 167 ? -15.42555 1.62034   -11.26053 1.000 38.85000 ? 167 LYS A CA    1 
ATOM   1305 C  C     . LYS A 1 167 ? -16.68169 2.36217   -11.72571 1.000 43.69000 ? 167 LYS A C     1 
ATOM   1306 O  O     . LYS A 1 167 ? -17.21923 1.99128   -12.78268 1.000 46.59000 ? 167 LYS A O     1 
ATOM   1307 C  CB    . LYS A 1 167 ? -15.73592 0.37211   -10.43133 1.000 50.83000 ? 167 LYS A CB    1 
ATOM   1308 C  CG    . LYS A 1 167 ? -14.63831 -0.68311  -10.42586 1.000 55.95000 ? 167 LYS A CG    1 
ATOM   1309 C  CD    . LYS A 1 167 ? -14.69762 -1.60465  -9.22688  1.000 71.66000 ? 167 LYS A CD    1 
ATOM   1310 C  CE    . LYS A 1 167 ? -13.80011 -2.81594  -9.36898  1.000 71.62000 ? 167 LYS A CE    1 
ATOM   1311 N  NZ    . LYS A 1 167 ? -13.83533 -3.67214  -8.15951  1.000 59.89000 ? 167 LYS A NZ    1 
ATOM   1312 N  N     . GLU A 1 168 ? -17.15361 3.33089   -10.93892 1.000 41.99000 ? 168 GLU A N     1 
ATOM   1313 C  CA    . GLU A 1 168 ? -18.34664 4.12260   -11.33587 1.000 39.14000 ? 168 GLU A CA    1 
ATOM   1314 C  C     . GLU A 1 168 ? -17.91276 5.05548   -12.46032 1.000 35.16000 ? 168 GLU A C     1 
ATOM   1315 O  O     . GLU A 1 168 ? -18.78052 5.71235   -13.05188 1.000 37.63000 ? 168 GLU A O     1 
ATOM   1316 C  CB    . GLU A 1 168 ? -18.93065 4.87710   -10.14019 1.000 35.89000 ? 168 GLU A CB    1 
ATOM   1317 C  CG    . GLU A 1 168 ? -19.55312 3.96426   -9.10077  1.000 54.69000 ? 168 GLU A CG    1 
ATOM   1318 C  CD    . GLU A 1 168 ? -21.05418 4.11793   -8.93009  1.000 49.42000 ? 168 GLU A CD    1 
ATOM   1319 O  OE1   . GLU A 1 168 ? -21.79835 3.75753   -9.86292  1.000 37.94000 ? 168 GLU A OE1   1 
ATOM   1320 O  OE2   . GLU A 1 168 ? -21.47964 4.59635   -7.86002  1.000 45.60000 ? 168 GLU A OE2   1 
ATOM   1321 N  N     . LYS A 1 169 ? -16.61010 5.10003   -12.72877 1.000 35.99000 ? 169 LYS A N     1 
ATOM   1322 C  CA    . LYS A 1 169 ? -16.10060 5.91679   -13.85455 1.000 41.06000 ? 169 LYS A CA    1 
ATOM   1323 C  C     . LYS A 1 169 ? -16.04518 5.02330   -15.09238 1.000 42.15000 ? 169 LYS A C     1 
ATOM   1324 O  O     . LYS A 1 169 ? -15.98574 3.80738   -14.94694 1.000 34.80000 ? 169 LYS A O     1 
ATOM   1325 C  CB    . LYS A 1 169 ? -14.70136 6.44726   -13.53312 1.000 55.33000 ? 169 LYS A CB    1 
ATOM   1326 C  CG    . LYS A 1 169 ? -14.65364 7.71489   -12.69083 1.000 45.28000 ? 169 LYS A CG    1 
ATOM   1327 C  CD    . LYS A 1 169 ? -13.24179 8.14006   -12.34665 1.000 55.03000 ? 169 LYS A CD    1 
ATOM   1328 C  CE    . LYS A 1 169 ? -12.69312 7.44314   -11.12044 1.000 80.41000 ? 169 LYS A CE    1 
ATOM   1329 N  NZ    . LYS A 1 169 ? -11.72805 8.29934   -10.38973 1.000 73.75000 ? 169 LYS A NZ    1 
ATOM   1330 O  OXT   . LYS A 1 169 ? -16.06158 5.57690   -16.19207 1.000 52.48000 ? 169 LYS A OXT   1 
HETATM 1331 P  PB    . GDP B 2 .   ? 8.94794   -5.00045  4.54491   1.000 17.93000 ? 201 GDP A PB    1 
HETATM 1332 O  O1B   . GDP B 2 .   ? 10.34099  -5.56522  4.49578   1.000 15.35000 ? 201 GDP A O1B   1 
HETATM 1333 O  O2B   . GDP B 2 .   ? 8.74724   -3.75431  3.73008   1.000 24.22000 ? 201 GDP A O2B   1 
HETATM 1334 O  O3B   . GDP B 2 .   ? 7.86892   -6.01927  4.35839   1.000 18.21000 ? 201 GDP A O3B   1 
HETATM 1335 O  O3A   . GDP B 2 .   ? 8.77635   -4.41796  6.02870   1.000 20.16000 ? 201 GDP A O3A   1 
HETATM 1336 P  PA    . GDP B 2 .   ? 8.65766   -5.26310  7.38908   1.000 26.11000 ? 201 GDP A PA    1 
HETATM 1337 O  O1A   . GDP B 2 .   ? 9.56150   -6.46733  7.35345   1.000 23.57000 ? 201 GDP A O1A   1 
HETATM 1338 O  O2A   . GDP B 2 .   ? 7.21186   -5.42026  7.74703   1.000 22.37000 ? 201 GDP A O2A   1 
HETATM 1339 O  "O5'" . GDP B 2 .   ? 9.26705   -4.20613  8.41701   1.000 19.06000 ? 201 GDP A "O5'" 1 
HETATM 1340 C  "C5'" . GDP B 2 .   ? 10.63498  -4.30670  8.77635   1.000 25.56000 ? 201 GDP A "C5'" 1 
HETATM 1341 C  "C4'" . GDP B 2 .   ? 10.76539  -3.90314  10.23050  1.000 31.95000 ? 201 GDP A "C4'" 1 
HETATM 1342 O  "O4'" . GDP B 2 .   ? 10.09059  -2.66627  10.41660  1.000 31.56000 ? 201 GDP A "O4'" 1 
HETATM 1343 C  "C3'" . GDP B 2 .   ? 10.10883  -4.91576  11.15463  1.000 38.60000 ? 201 GDP A "C3'" 1 
HETATM 1344 O  "O3'" . GDP B 2 .   ? 11.08797  -5.47764  12.03107  1.000 37.08000 ? 201 GDP A "O3'" 1 
HETATM 1345 C  "C2'" . GDP B 2 .   ? 9.09924   -4.14832  11.97067  1.000 26.97000 ? 201 GDP A "C2'" 1 
HETATM 1346 O  "O2'" . GDP B 2 .   ? 9.36099   -4.36641  13.35543  1.000 26.59000 ? 201 GDP A "O2'" 1 
HETATM 1347 C  "C1'" . GDP B 2 .   ? 9.34643   -2.69459  11.62865  1.000 26.67000 ? 201 GDP A "C1'" 1 
HETATM 1348 N  N9    . GDP B 2 .   ? 8.07795   -1.97075  11.43458  1.000 23.35000 ? 201 GDP A N9    1 
HETATM 1349 C  C8    . GDP B 2 .   ? 7.19709   -2.11426  10.43847  1.000 27.12000 ? 201 GDP A C8    1 
HETATM 1350 N  N7    . GDP B 2 .   ? 6.14838   -1.27006  10.59341  1.000 22.38000 ? 201 GDP A N7    1 
HETATM 1351 C  C5    . GDP B 2 .   ? 6.36705   -0.57153  11.71425  1.000 21.77000 ? 201 GDP A C5    1 
HETATM 1352 C  C6    . GDP B 2 .   ? 5.67907   0.48621   12.47167  1.000 26.35000 ? 201 GDP A C6    1 
HETATM 1353 O  O6    . GDP B 2 .   ? 4.59431   0.94271   12.07918  1.000 27.87000 ? 201 GDP A O6    1 
HETATM 1354 N  N1    . GDP B 2 .   ? 6.25898   0.94412   13.58075  1.000 18.21000 ? 201 GDP A N1    1 
HETATM 1355 C  C2    . GDP B 2 .   ? 7.42977   0.46827   14.02444  1.000 27.68000 ? 201 GDP A C2    1 
HETATM 1356 N  N2    . GDP B 2 .   ? 7.95847   0.96689   15.15854  1.000 35.60000 ? 201 GDP A N2    1 
HETATM 1357 N  N3    . GDP B 2 .   ? 8.11800   -0.49747  13.38791  1.000 28.99000 ? 201 GDP A N3    1 
HETATM 1358 C  C4    . GDP B 2 .   ? 7.64118   -1.03567  12.25329  1.000 22.31000 ? 201 GDP A C4    1 
HETATM 1359 C  C22   . 6IC C 3 .   ? 3.58843   -2.99140  -10.45852 1.000 26.74000 ? 202 6IC A C22   1 
HETATM 1360 C  C21   . 6IC C 3 .   ? 4.08190   -3.83336  -11.46558 1.000 20.97000 ? 202 6IC A C21   1 
HETATM 1361 C  C23   . 6IC C 3 .   ? 4.36924   -2.78336  -9.31412  1.000 26.58000 ? 202 6IC A C23   1 
HETATM 1362 C  C20   . 6IC C 3 .   ? 6.15038   -4.29294  -10.26792 1.000 16.12000 ? 202 6IC A C20   1 
HETATM 1363 C  C24   . 6IC C 3 .   ? 5.61869   -3.43617  -9.25420  1.000 19.53000 ? 202 6IC A C24   1 
HETATM 1364 C  C19   . 6IC C 3 .   ? 5.34365   -4.46966  -11.35553 1.000 23.09000 ? 202 6IC A C19   1 
HETATM 1365 C  C17   . 6IC C 3 .   ? 7.01038   -5.94954  -12.29889 1.000 28.16000 ? 202 6IC A C17   1 
HETATM 1366 C  C14   . 6IC C 3 .   ? 12.15837  -4.18991  -2.67489  1.000 21.01000 ? 202 6IC A C14   1 
HETATM 1367 C  C13   . 6IC C 3 .   ? 12.85190  -5.86668  -4.55149  1.000 29.96000 ? 202 6IC A C13   1 
HETATM 1368 C  C18   . 6IC C 3 .   ? 5.77170   -5.31320  -12.39953 1.000 27.60000 ? 202 6IC A C18   1 
HETATM 1369 C  C01   . 6IC C 3 .   ? 10.42021  -4.96223  -7.12320  1.000 29.27000 ? 202 6IC A C01   1 
HETATM 1370 C  C02   . 6IC C 3 .   ? 10.23406  -3.85940  -7.87714  1.000 22.38000 ? 202 6IC A C02   1 
HETATM 1371 C  C03   . 6IC C 3 .   ? 11.95049  -2.80542  -6.60958  1.000 17.53000 ? 202 6IC A C03   1 
HETATM 1372 C  C04   . 6IC C 3 .   ? 11.39397  -4.95234  -6.10411  1.000 28.57000 ? 202 6IC A C04   1 
HETATM 1373 C  C05   . 6IC C 3 .   ? 9.62132   -6.10627  -7.39693  1.000 24.91000 ? 202 6IC A C05   1 
HETATM 1374 C  C06   . 6IC C 3 .   ? 8.51407   -5.00305  -9.12792  1.000 21.12000 ? 202 6IC A C06   1 
HETATM 1375 C  C07   . 6IC C 3 .   ? 9.26976   -3.90086  -8.88390  1.000 19.73000 ? 202 6IC A C07   1 
HETATM 1376 C  C08   . 6IC C 3 .   ? 7.41253   -4.95460  -10.21138 1.000 17.93000 ? 202 6IC A C08   1 
HETATM 1377 C  C09   . 6IC C 3 .   ? 13.00561  -0.82433  -5.96533  1.000 21.51000 ? 202 6IC A C09   1 
HETATM 1378 C  C10   . 6IC C 3 .   ? 10.21457  -6.25240  -4.26249  1.000 18.27000 ? 202 6IC A C10   1 
HETATM 1379 C  C11   . 6IC C 3 .   ? 10.60671  -5.91134  -2.84364  1.000 20.83000 ? 202 6IC A C11   1 
HETATM 1380 C  C12   . 6IC C 3 .   ? 12.72860  -5.63688  -3.03645  1.000 26.46000 ? 202 6IC A C12   1 
HETATM 1381 C  C15   . 6IC C 3 .   ? 10.76407  -4.37509  -2.76897  1.000 19.54000 ? 202 6IC A C15   1 
HETATM 1382 C  C16   . 6IC C 3 .   ? 7.83988   -5.79644  -11.20707 1.000 21.79000 ? 202 6IC A C16   1 
HETATM 1383 C  C25   . 6IC C 3 .   ? 14.27801  0.00833   -6.46932  1.000 34.57000 ? 202 6IC A C25   1 
HETATM 1384 C  C26   . 6IC C 3 .   ? 13.70373  1.42215   -6.95019  1.000 32.05000 ? 202 6IC A C26   1 
HETATM 1385 C  C27   . 6IC C 3 .   ? 14.07425  1.62707   -8.21679  1.000 28.33000 ? 202 6IC A C27   1 
HETATM 1386 C  C28   . 6IC C 3 .   ? 14.83465  0.20056   -8.81321  1.000 20.85000 ? 202 6IC A C28   1 
HETATM 1387 C  C29   . 6IC C 3 .   ? 16.60542  -0.40043  -7.42636  1.000 21.98000 ? 202 6IC A C29   1 
HETATM 1388 C  C30   . 6IC C 3 .   ? 16.64418  -0.45779  -6.07053  1.000 18.83000 ? 202 6IC A C30   1 
HETATM 1389 C  C31   . 6IC C 3 .   ? 15.18163  0.12187   -5.49863  1.000 21.91000 ? 202 6IC A C31   1 
HETATM 1390 C  C32   . 6IC C 3 .   ? 6.40656   -3.16516  -7.97933  1.000 18.06000 ? 202 6IC A C32   1 
HETATM 1391 C  C33   . 6IC C 3 .   ? 7.05881   -2.99599  -7.01026  1.000 22.18000 ? 202 6IC A C33   1 
HETATM 1392 F  F01   . 6IC C 3 .   ? 8.85105   -2.99199  -9.79529  1.000 21.32000 ? 202 6IC A F01   1 
HETATM 1393 F  F02   . 6IC C 3 .   ? 14.92303  2.69123   -8.16281  1.000 24.78000 ? 202 6IC A F02   1 
HETATM 1394 F  F23   . 6IC C 3 .   ? 3.86427   -1.95139  -8.35886  1.000 17.41000 ? 202 6IC A F23   1 
HETATM 1395 N  N01   . 6IC C 3 .   ? 11.01692  -2.77057  -7.61966  1.000 20.60000 ? 202 6IC A N01   1 
HETATM 1396 N  N02   . 6IC C 3 .   ? 12.12033  -3.89929  -5.88777  1.000 23.23000 ? 202 6IC A N02   1 
HETATM 1397 N  N03   . 6IC C 3 .   ? 8.69249   -6.09820  -8.37579  1.000 22.80000 ? 202 6IC A N03   1 
HETATM 1398 N  N04   . 6IC C 3 .   ? 11.46130  -6.22097  -5.36800  1.000 28.21000 ? 202 6IC A N04   1 
HETATM 1399 N  N05   . 6IC C 3 .   ? 11.81912  -6.38333  -2.51902  1.000 28.55000 ? 202 6IC A N05   1 
HETATM 1400 N  N06   . 6IC C 3 .   ? 15.12127  -0.58328  -7.76607  1.000 19.33000 ? 202 6IC A N06   1 
HETATM 1401 O  O01   . 6IC C 3 .   ? 12.24465  -1.48319  -6.98436  1.000 23.35000 ? 202 6IC A O01   1 
HETATM 1402 O  O02   . 6IC C 3 .   ? 7.42887   -6.76847  -13.34950 1.000 37.47000 ? 202 6IC A O02   1 
HETATM 1403 MG MG    . MG  D 4 .   ? 8.22766   -7.84656  4.41567   1.000 12.62000 ? 203 MG  A MG    1 
HETATM 1404 O  O     . HOH E 5 .   ? -14.71884 4.04943   7.69957   1.000 30.00000 ? 301 HOH A O     1 
HETATM 1405 O  O     . HOH E 5 .   ? -6.32547  -13.68358 -5.72946  1.000 30.00000 ? 302 HOH A O     1 
HETATM 1406 O  O     . HOH E 5 .   ? -5.96567  1.30290   -13.91211 1.000 30.00000 ? 303 HOH A O     1 
HETATM 1407 O  O     . HOH E 5 .   ? -3.72019  10.98329  -13.93389 1.000 30.00000 ? 304 HOH A O     1 
HETATM 1408 O  O     . HOH E 5 .   ? 3.16307   -9.53008  19.86207  1.000 30.00000 ? 305 HOH A O     1 
HETATM 1409 O  O     . HOH E 5 .   ? -10.66984 5.18314   -18.71445 1.000 30.00000 ? 306 HOH A O     1 
# 
